data_6LD8
#
_entry.id   6LD8
#
_cell.length_a   161.985
_cell.length_b   161.985
_cell.length_c   245.180
_cell.angle_alpha   90.000
_cell.angle_beta   90.000
_cell.angle_gamma   90.000
#
_symmetry.space_group_name_H-M   'I 41'
#
loop_
_entity.id
_entity.type
_entity.pdbx_description
1 polymer 'Cystathionine gamma-synthase'
2 non-polymer '2-{[(E)-{3-hydroxy-2-methyl-5-[(phosphonooxy)methyl]pyridin-4-yl}methylidene]amino}prop-2-enoic acid'
3 non-polymer CYSTEINE
4 water water
#
_entity_poly.entity_id   1
_entity_poly.type   'polypeptide(L)'
_entity_poly.pdbx_seq_one_letter_code
;GSHMSFRDPTHTPCTAATAAVRAGIDRDTAYGAVTPPIVLSSNFSFDGFGNKRQYDYTRSGNPTRDLLGEALAELEGGAG
GVITSTGMGAINLVLNAVLQPGDTLVVPHDAYGGSWRLFNALAKKGHFALITADLTVPRSLADALAQSPKLVLIETPSNP
LLRITDLRFVIEAAKKVGALTVVDNTFLSPALQKPLDFGADLVLHSTTKYINGHSDVVGGAVVARDAELHQQLVWWANAL
GLTGSPFDAFLTLRGLRTLDARLRVHQENADAIAELLDGHAMVNQVYFPGLATHPGHALAARQQKGFGAMMSFELEGGEA
AVRAFVDGLRYFTLAESLGGVESLIAHPASMTHAAMTAEARAAAGISDGLLRLSIGIESAEDLLIDLRAGLSRAEATLTT
TNRKKVDA
;
_entity_poly.pdbx_strand_id   A,B,C,D
#
loop_
_chem_comp.id
_chem_comp.type
_chem_comp.name
_chem_comp.formula
0JO non-polymer '2-{[(E)-{3-hydroxy-2-methyl-5-[(phosphonooxy)methyl]pyridin-4-yl}methylidene]amino}prop-2-enoic acid' 'C11 H13 N2 O7 P'
#
# COMPACT_ATOMS: atom_id res chain seq x y z
N THR A 12 26.51 -26.72 3.13
CA THR A 12 25.15 -26.43 3.73
C THR A 12 24.31 -25.69 2.66
N PRO A 13 23.06 -26.15 2.38
CA PRO A 13 21.94 -25.22 2.22
C PRO A 13 21.51 -24.71 3.62
N CYS A 14 20.78 -23.60 3.70
CA CYS A 14 20.33 -23.00 4.98
C CYS A 14 19.12 -23.75 5.55
N THR A 15 18.74 -23.47 6.81
CA THR A 15 17.49 -23.95 7.47
C THR A 15 16.23 -23.27 6.86
N ALA A 16 15.05 -23.81 7.17
CA ALA A 16 13.72 -23.20 6.92
C ALA A 16 13.63 -21.77 7.51
N ALA A 17 14.04 -21.58 8.74
CA ALA A 17 14.01 -20.25 9.39
C ALA A 17 14.83 -19.24 8.58
N THR A 18 16.07 -19.55 8.24
CA THR A 18 16.90 -18.63 7.44
C THR A 18 16.23 -18.32 6.09
N ALA A 19 15.67 -19.33 5.43
CA ALA A 19 15.09 -19.24 4.07
C ALA A 19 13.97 -18.22 4.11
N ALA A 20 13.04 -18.41 5.03
CA ALA A 20 11.86 -17.53 5.23
C ALA A 20 12.34 -16.09 5.55
N VAL A 21 13.30 -15.92 6.44
CA VAL A 21 13.76 -14.60 6.88
C VAL A 21 14.39 -13.88 5.69
N ARG A 22 15.13 -14.58 4.84
CA ARG A 22 16.01 -13.95 3.83
C ARG A 22 15.34 -13.98 2.44
N ALA A 23 14.04 -14.28 2.38
CA ALA A 23 13.28 -14.56 1.14
C ALA A 23 13.40 -13.39 0.12
N GLY A 24 13.11 -12.15 0.49
CA GLY A 24 13.26 -11.03 -0.48
C GLY A 24 14.66 -10.40 -0.58
N ILE A 25 15.58 -10.79 0.27
CA ILE A 25 16.62 -9.87 0.76
C ILE A 25 17.77 -9.78 -0.22
N ASP A 26 18.24 -8.57 -0.49
CA ASP A 26 19.36 -8.25 -1.41
C ASP A 26 19.10 -8.95 -2.75
N ARG A 27 17.91 -8.80 -3.33
CA ARG A 27 17.51 -9.44 -4.61
C ARG A 27 16.98 -8.41 -5.62
N ASP A 28 17.30 -7.14 -5.42
CA ASP A 28 16.90 -6.03 -6.30
C ASP A 28 18.11 -5.63 -7.13
N THR A 29 18.12 -5.91 -8.44
CA THR A 29 19.25 -5.54 -9.33
C THR A 29 19.27 -4.03 -9.61
N ALA A 30 18.15 -3.33 -9.47
CA ALA A 30 18.11 -1.90 -9.89
C ALA A 30 18.93 -1.02 -8.92
N TYR A 31 18.73 -1.17 -7.61
CA TYR A 31 19.26 -0.22 -6.61
C TYR A 31 20.00 -0.93 -5.45
N GLY A 32 20.00 -2.27 -5.41
CA GLY A 32 20.40 -3.06 -4.24
C GLY A 32 19.53 -2.85 -3.01
N ALA A 33 18.26 -2.48 -3.16
CA ALA A 33 17.34 -2.41 -2.03
C ALA A 33 17.40 -3.73 -1.23
N VAL A 34 17.53 -3.65 0.09
CA VAL A 34 17.56 -4.85 0.96
C VAL A 34 16.19 -5.54 0.89
N THR A 35 15.18 -4.77 1.15
CA THR A 35 13.75 -5.16 1.10
C THR A 35 13.31 -5.09 -0.36
N PRO A 36 12.57 -6.08 -0.88
CA PRO A 36 12.33 -6.14 -2.33
C PRO A 36 11.32 -5.08 -2.80
N PRO A 37 11.54 -4.36 -3.91
CA PRO A 37 10.52 -3.43 -4.42
C PRO A 37 9.19 -4.10 -4.77
N ILE A 38 8.07 -3.40 -4.53
CA ILE A 38 6.71 -3.83 -4.95
C ILE A 38 6.51 -3.52 -6.45
N VAL A 39 6.48 -4.55 -7.30
CA VAL A 39 6.13 -4.41 -8.74
C VAL A 39 4.63 -4.55 -8.92
N LEU A 40 3.91 -3.44 -8.77
CA LEU A 40 2.46 -3.38 -9.01
C LEU A 40 2.17 -3.48 -10.53
N SER A 41 3.11 -3.09 -11.40
CA SER A 41 2.87 -2.90 -12.86
C SER A 41 2.02 -4.04 -13.44
N SER A 42 0.96 -3.70 -14.16
CA SER A 42 0.14 -4.71 -14.91
C SER A 42 0.99 -5.31 -16.04
N ASN A 43 1.86 -4.50 -16.65
CA ASN A 43 2.54 -4.86 -17.93
C ASN A 43 4.04 -4.50 -17.85
N PHE A 44 4.81 -5.05 -18.79
CA PHE A 44 6.29 -4.93 -18.86
C PHE A 44 6.61 -4.66 -20.32
N SER A 45 7.56 -3.79 -20.62
CA SER A 45 7.93 -3.49 -22.01
C SER A 45 8.62 -4.71 -22.63
N PHE A 46 8.47 -4.88 -23.94
CA PHE A 46 9.32 -5.78 -24.77
C PHE A 46 10.68 -5.11 -24.96
N ASP A 47 11.74 -5.89 -25.18
CA ASP A 47 13.12 -5.35 -25.40
C ASP A 47 13.32 -5.07 -26.90
N GLY A 48 12.52 -4.18 -27.47
CA GLY A 48 12.35 -4.03 -28.93
C GLY A 48 11.49 -5.13 -29.55
N PHE A 49 11.12 -4.93 -30.81
CA PHE A 49 10.19 -5.80 -31.58
C PHE A 49 10.60 -7.29 -31.46
N GLY A 50 9.64 -8.14 -31.11
CA GLY A 50 9.77 -9.61 -31.07
C GLY A 50 10.44 -10.16 -29.80
N ASN A 51 10.92 -9.30 -28.88
CA ASN A 51 11.77 -9.70 -27.72
C ASN A 51 11.01 -9.52 -26.39
N LYS A 52 10.17 -10.50 -26.02
CA LYS A 52 9.57 -10.64 -24.66
C LYS A 52 10.71 -10.62 -23.64
N ARG A 53 10.56 -9.96 -22.51
CA ARG A 53 11.50 -10.06 -21.38
C ARG A 53 11.08 -11.29 -20.54
N GLN A 54 11.70 -11.50 -19.39
CA GLN A 54 11.25 -12.52 -18.41
C GLN A 54 9.76 -12.31 -18.12
N TYR A 55 9.30 -11.10 -17.84
CA TYR A 55 7.88 -10.83 -17.51
C TYR A 55 7.24 -10.05 -18.68
N ASP A 56 5.94 -10.25 -18.91
CA ASP A 56 5.17 -9.48 -19.93
C ASP A 56 3.88 -8.95 -19.30
N TYR A 57 3.26 -9.69 -18.40
CA TYR A 57 1.90 -9.35 -17.92
C TYR A 57 1.63 -10.01 -16.56
N THR A 58 1.21 -9.20 -15.59
CA THR A 58 1.20 -9.59 -14.18
C THR A 58 0.25 -10.77 -13.96
N ARG A 59 -0.84 -10.93 -14.71
CA ARG A 59 -1.75 -12.09 -14.52
C ARG A 59 -0.97 -13.40 -14.75
N SER A 60 -0.06 -13.43 -15.72
CA SER A 60 0.71 -14.62 -16.13
C SER A 60 1.89 -14.84 -15.16
N GLY A 61 2.54 -13.75 -14.79
CA GLY A 61 3.83 -13.75 -14.08
C GLY A 61 4.14 -12.37 -13.54
N ASN A 62 4.52 -12.30 -12.25
CA ASN A 62 4.94 -11.04 -11.58
C ASN A 62 6.08 -11.35 -10.62
N PRO A 63 7.17 -10.56 -10.66
CA PRO A 63 8.35 -10.82 -9.86
C PRO A 63 8.12 -10.76 -8.34
N THR A 64 7.25 -9.88 -7.85
CA THR A 64 6.96 -9.80 -6.41
C THR A 64 6.20 -11.08 -6.02
N ARG A 65 5.22 -11.46 -6.83
CA ARG A 65 4.44 -12.68 -6.56
C ARG A 65 5.39 -13.90 -6.59
N ASP A 66 6.25 -13.98 -7.60
CA ASP A 66 7.20 -15.10 -7.74
C ASP A 66 8.19 -15.13 -6.56
N LEU A 67 8.58 -14.04 -5.92
CA LEU A 67 9.45 -14.18 -4.70
C LEU A 67 8.67 -15.01 -3.68
N LEU A 68 7.38 -14.75 -3.49
CA LEU A 68 6.58 -15.53 -2.54
C LEU A 68 6.46 -16.97 -3.03
N GLY A 69 6.24 -17.21 -4.32
CA GLY A 69 6.13 -18.56 -4.88
C GLY A 69 7.40 -19.36 -4.66
N GLU A 70 8.52 -18.75 -4.97
CA GLU A 70 9.87 -19.33 -4.76
C GLU A 70 10.04 -19.67 -3.28
N ALA A 71 9.80 -18.73 -2.37
CA ALA A 71 10.12 -18.95 -0.95
C ALA A 71 9.30 -20.15 -0.44
N LEU A 72 8.05 -20.24 -0.84
CA LEU A 72 7.16 -21.32 -0.38
C LEU A 72 7.56 -22.64 -1.08
N ALA A 73 8.03 -22.58 -2.30
CA ALA A 73 8.56 -23.79 -2.97
C ALA A 73 9.81 -24.28 -2.22
N GLU A 74 10.75 -23.40 -1.90
CA GLU A 74 11.98 -23.76 -1.12
C GLU A 74 11.58 -24.35 0.22
N LEU A 75 10.60 -23.80 0.92
CA LEU A 75 10.24 -24.25 2.28
C LEU A 75 9.58 -25.64 2.19
N GLU A 76 8.81 -25.90 1.15
CA GLU A 76 8.01 -27.14 1.06
C GLU A 76 8.85 -28.25 0.41
N GLY A 77 9.96 -27.90 -0.24
CA GLY A 77 10.76 -28.83 -1.05
C GLY A 77 10.16 -29.06 -2.44
N GLY A 78 9.62 -28.04 -3.09
CA GLY A 78 8.91 -28.23 -4.36
C GLY A 78 9.70 -27.70 -5.53
N ALA A 79 9.18 -27.91 -6.72
CA ALA A 79 9.79 -27.40 -7.97
C ALA A 79 9.41 -25.93 -8.18
N GLY A 80 8.28 -25.49 -7.68
CA GLY A 80 7.85 -24.09 -7.87
C GLY A 80 6.57 -23.81 -7.13
N GLY A 81 6.19 -22.56 -7.01
CA GLY A 81 4.94 -22.19 -6.36
C GLY A 81 4.11 -21.26 -7.21
N VAL A 82 2.79 -21.40 -7.12
CA VAL A 82 1.79 -20.50 -7.77
C VAL A 82 1.00 -19.86 -6.63
N ILE A 83 0.83 -18.55 -6.70
CA ILE A 83 0.15 -17.71 -5.69
C ILE A 83 -1.20 -17.27 -6.23
N THR A 84 -2.25 -17.55 -5.49
CA THR A 84 -3.62 -17.30 -5.87
C THR A 84 -4.22 -16.22 -4.98
N SER A 85 -5.33 -15.69 -5.40
CA SER A 85 -6.04 -14.57 -4.76
C SER A 85 -6.60 -15.05 -3.43
N THR A 86 -6.99 -16.32 -3.33
CA THR A 86 -7.46 -16.91 -2.05
C THR A 86 -7.01 -18.37 -1.87
N GLY A 87 -7.17 -18.88 -0.65
CA GLY A 87 -6.92 -20.31 -0.37
C GLY A 87 -7.88 -21.19 -1.15
N MET A 88 -9.17 -20.86 -1.15
CA MET A 88 -10.15 -21.60 -1.96
C MET A 88 -9.71 -21.56 -3.42
N GLY A 89 -9.20 -20.43 -3.91
CA GLY A 89 -8.70 -20.34 -5.28
C GLY A 89 -7.56 -21.28 -5.54
N ALA A 90 -6.72 -21.57 -4.54
CA ALA A 90 -5.66 -22.57 -4.72
C ALA A 90 -6.28 -23.97 -4.91
N ILE A 91 -7.29 -24.28 -4.15
CA ILE A 91 -8.01 -25.57 -4.26
C ILE A 91 -8.66 -25.62 -5.65
N ASN A 92 -9.32 -24.53 -6.02
CA ASN A 92 -9.95 -24.40 -7.35
C ASN A 92 -8.90 -24.64 -8.42
N LEU A 93 -7.77 -23.99 -8.31
CA LEU A 93 -6.73 -24.18 -9.34
C LEU A 93 -6.43 -25.67 -9.51
N VAL A 94 -6.18 -26.41 -8.42
CA VAL A 94 -5.78 -27.84 -8.47
C VAL A 94 -6.93 -28.66 -9.14
N LEU A 95 -8.16 -28.45 -8.73
CA LEU A 95 -9.31 -29.19 -9.33
C LEU A 95 -9.34 -28.95 -10.85
N ASN A 96 -9.14 -27.73 -11.34
CA ASN A 96 -9.14 -27.41 -12.78
C ASN A 96 -7.89 -28.00 -13.47
N ALA A 97 -6.72 -28.02 -12.84
CA ALA A 97 -5.52 -28.45 -13.57
C ALA A 97 -5.49 -29.97 -13.70
N VAL A 98 -6.11 -30.71 -12.78
CA VAL A 98 -5.87 -32.17 -12.60
C VAL A 98 -7.10 -33.00 -13.02
N LEU A 99 -8.31 -32.58 -12.67
CA LEU A 99 -9.55 -33.35 -12.90
C LEU A 99 -10.22 -32.90 -14.22
N GLN A 100 -11.02 -33.79 -14.81
CA GLN A 100 -12.02 -33.52 -15.89
C GLN A 100 -13.22 -34.44 -15.66
N PRO A 101 -14.38 -34.21 -16.32
CA PRO A 101 -15.54 -35.08 -16.16
C PRO A 101 -15.19 -36.54 -16.43
N GLY A 102 -15.76 -37.41 -15.61
CA GLY A 102 -15.41 -38.84 -15.59
C GLY A 102 -14.34 -39.17 -14.57
N ASP A 103 -13.50 -38.22 -14.09
CA ASP A 103 -12.52 -38.45 -13.00
C ASP A 103 -13.23 -38.50 -11.64
N THR A 104 -12.69 -39.28 -10.69
CA THR A 104 -13.22 -39.19 -9.30
C THR A 104 -12.16 -38.61 -8.35
N LEU A 105 -12.65 -37.81 -7.45
CA LEU A 105 -11.84 -37.13 -6.44
C LEU A 105 -12.24 -37.74 -5.10
N VAL A 106 -11.24 -38.12 -4.30
CA VAL A 106 -11.48 -38.53 -2.89
C VAL A 106 -11.19 -37.34 -1.98
N VAL A 107 -12.10 -36.98 -1.09
CA VAL A 107 -11.84 -35.89 -0.10
C VAL A 107 -12.14 -36.40 1.30
N PRO A 108 -11.54 -35.74 2.32
CA PRO A 108 -11.81 -36.08 3.71
C PRO A 108 -13.24 -35.68 4.08
N HIS A 109 -13.87 -36.44 4.97
CA HIS A 109 -15.20 -36.14 5.55
C HIS A 109 -15.12 -34.88 6.41
N ASP A 110 -13.96 -34.59 6.98
CA ASP A 110 -13.88 -33.54 8.03
C ASP A 110 -13.07 -32.32 7.52
N ALA A 111 -12.99 -32.09 6.21
CA ALA A 111 -12.26 -30.93 5.62
C ALA A 111 -12.96 -29.62 5.99
N TYR A 112 -12.25 -28.49 5.82
CA TYR A 112 -12.82 -27.12 5.98
C TYR A 112 -14.17 -27.10 5.25
N GLY A 113 -15.21 -26.56 5.88
CA GLY A 113 -16.56 -26.36 5.28
C GLY A 113 -16.54 -25.70 3.89
N GLY A 114 -15.68 -24.72 3.70
CA GLY A 114 -15.52 -24.08 2.40
C GLY A 114 -15.02 -25.04 1.38
N SER A 115 -14.14 -25.95 1.76
CA SER A 115 -13.68 -27.02 0.86
C SER A 115 -14.86 -27.91 0.45
N TRP A 116 -15.60 -28.37 1.44
CA TRP A 116 -16.80 -29.23 1.28
C TRP A 116 -17.75 -28.52 0.32
N ARG A 117 -18.04 -27.23 0.56
CA ARG A 117 -18.97 -26.44 -0.32
C ARG A 117 -18.47 -26.47 -1.77
N LEU A 118 -17.19 -26.28 -2.04
CA LEU A 118 -16.72 -26.28 -3.43
C LEU A 118 -16.76 -27.70 -4.02
N PHE A 119 -16.31 -28.72 -3.27
CA PHE A 119 -16.29 -30.11 -3.79
C PHE A 119 -17.74 -30.50 -4.18
N ASN A 120 -18.70 -30.19 -3.32
CA ASN A 120 -20.12 -30.57 -3.55
C ASN A 120 -20.71 -29.77 -4.73
N ALA A 121 -20.45 -28.47 -4.82
CA ALA A 121 -21.05 -27.61 -5.87
C ALA A 121 -20.54 -28.08 -7.23
N LEU A 122 -19.26 -28.47 -7.34
CA LEU A 122 -18.67 -28.81 -8.64
C LEU A 122 -19.01 -30.27 -9.05
N ALA A 123 -19.18 -31.14 -8.07
CA ALA A 123 -19.62 -32.55 -8.28
C ALA A 123 -21.07 -32.56 -8.78
N LYS A 124 -21.94 -31.74 -8.18
CA LYS A 124 -23.36 -31.58 -8.59
C LYS A 124 -23.43 -31.18 -10.07
N LYS A 125 -22.51 -30.36 -10.56
CA LYS A 125 -22.49 -29.92 -11.98
C LYS A 125 -21.92 -31.03 -12.86
N GLY A 126 -21.24 -32.01 -12.29
CA GLY A 126 -20.63 -33.09 -13.10
C GLY A 126 -19.21 -32.78 -13.54
N HIS A 127 -18.45 -31.93 -12.82
CA HIS A 127 -17.04 -31.66 -13.21
C HIS A 127 -16.18 -32.89 -12.87
N PHE A 128 -16.62 -33.68 -11.89
CA PHE A 128 -15.92 -34.91 -11.44
C PHE A 128 -16.90 -35.66 -10.52
N ALA A 129 -16.59 -36.93 -10.21
CA ALA A 129 -17.34 -37.68 -9.17
C ALA A 129 -16.58 -37.51 -7.85
N LEU A 130 -17.34 -37.47 -6.78
CA LEU A 130 -16.85 -37.12 -5.43
C LEU A 130 -16.98 -38.36 -4.57
N ILE A 131 -15.90 -38.84 -3.94
CA ILE A 131 -16.01 -39.77 -2.76
C ILE A 131 -15.54 -39.07 -1.50
N THR A 132 -16.42 -38.98 -0.50
CA THR A 132 -16.16 -38.41 0.85
C THR A 132 -15.87 -39.59 1.80
N ALA A 133 -14.60 -39.80 2.16
CA ALA A 133 -14.03 -40.89 2.99
C ALA A 133 -13.43 -40.37 4.30
N ASP A 134 -13.27 -41.28 5.29
CA ASP A 134 -12.51 -41.00 6.54
C ASP A 134 -11.11 -41.52 6.29
N LEU A 135 -10.15 -40.66 5.96
CA LEU A 135 -8.80 -41.14 5.62
C LEU A 135 -8.03 -41.54 6.88
N THR A 136 -8.63 -41.49 8.08
CA THR A 136 -7.95 -42.04 9.31
C THR A 136 -8.33 -43.51 9.54
N VAL A 137 -9.32 -44.04 8.83
CA VAL A 137 -9.82 -45.44 8.96
C VAL A 137 -9.40 -46.22 7.72
N PRO A 138 -8.48 -47.19 7.86
CA PRO A 138 -7.92 -47.89 6.70
C PRO A 138 -8.96 -48.51 5.76
N ARG A 139 -10.06 -48.97 6.33
CA ARG A 139 -11.25 -49.56 5.66
C ARG A 139 -11.83 -48.53 4.67
N SER A 140 -12.23 -47.37 5.18
CA SER A 140 -12.80 -46.24 4.39
C SER A 140 -11.81 -45.80 3.31
N LEU A 141 -10.55 -45.67 3.65
CA LEU A 141 -9.56 -45.29 2.63
C LEU A 141 -9.59 -46.36 1.53
N ALA A 142 -9.56 -47.64 1.89
CA ALA A 142 -9.30 -48.73 0.90
C ALA A 142 -10.51 -48.85 -0.02
N ASP A 143 -11.73 -48.69 0.53
CA ASP A 143 -13.01 -48.66 -0.25
C ASP A 143 -12.95 -47.52 -1.30
N ALA A 144 -12.40 -46.37 -0.93
CA ALA A 144 -12.28 -45.19 -1.81
C ALA A 144 -11.22 -45.45 -2.88
N LEU A 145 -10.07 -45.99 -2.54
CA LEU A 145 -9.00 -46.21 -3.53
C LEU A 145 -9.31 -47.37 -4.49
N ALA A 146 -10.27 -48.23 -4.10
CA ALA A 146 -10.77 -49.39 -4.89
C ALA A 146 -11.35 -48.88 -6.22
N GLN A 147 -11.97 -47.69 -6.20
CA GLN A 147 -12.65 -47.01 -7.35
C GLN A 147 -11.69 -46.22 -8.23
N SER A 148 -10.39 -46.43 -8.11
CA SER A 148 -9.38 -45.85 -9.01
C SER A 148 -9.55 -44.34 -9.14
N PRO A 149 -9.42 -43.54 -8.05
CA PRO A 149 -9.63 -42.10 -8.13
C PRO A 149 -8.46 -41.42 -8.83
N LYS A 150 -8.71 -40.24 -9.40
CA LYS A 150 -7.63 -39.52 -10.12
C LYS A 150 -6.75 -38.78 -9.10
N LEU A 151 -7.38 -38.32 -8.03
CA LEU A 151 -6.77 -37.38 -7.07
C LEU A 151 -7.33 -37.66 -5.70
N VAL A 152 -6.46 -37.64 -4.71
CA VAL A 152 -6.89 -37.69 -3.28
C VAL A 152 -6.44 -36.38 -2.60
N LEU A 153 -7.36 -35.78 -1.86
CA LEU A 153 -7.05 -34.60 -1.04
C LEU A 153 -7.01 -35.05 0.41
N ILE A 154 -5.89 -34.74 1.05
CA ILE A 154 -5.70 -34.90 2.51
C ILE A 154 -5.69 -33.52 3.18
N GLU A 155 -6.39 -33.36 4.30
CA GLU A 155 -6.28 -32.15 5.12
C GLU A 155 -5.88 -32.59 6.54
N THR A 156 -4.60 -32.41 6.91
CA THR A 156 -4.06 -32.83 8.24
C THR A 156 -3.14 -31.76 8.82
N PRO A 157 -3.32 -31.41 10.10
CA PRO A 157 -4.48 -31.79 10.88
C PRO A 157 -5.74 -31.14 10.35
N SER A 158 -6.88 -31.70 10.75
CA SER A 158 -8.18 -31.42 10.12
C SER A 158 -8.84 -30.29 10.94
N ASN A 159 -9.62 -29.47 10.25
CA ASN A 159 -10.28 -28.28 10.78
C ASN A 159 -11.75 -28.63 10.94
N PRO A 160 -12.32 -28.65 12.16
CA PRO A 160 -11.67 -28.16 13.38
C PRO A 160 -11.46 -29.16 14.53
N LEU A 161 -11.38 -30.47 14.27
CA LEU A 161 -11.22 -31.52 15.31
C LEU A 161 -9.79 -32.06 15.39
N LEU A 162 -8.88 -31.58 14.57
CA LEU A 162 -7.42 -31.87 14.71
C LEU A 162 -7.17 -33.40 14.59
N ARG A 163 -7.94 -34.05 13.73
CA ARG A 163 -7.74 -35.48 13.35
C ARG A 163 -6.48 -35.50 12.49
N ILE A 164 -5.61 -36.46 12.70
CA ILE A 164 -4.28 -36.55 12.04
C ILE A 164 -4.39 -37.62 10.97
N THR A 165 -4.00 -37.37 9.72
CA THR A 165 -3.97 -38.50 8.76
C THR A 165 -2.52 -38.84 8.52
N ASP A 166 -2.29 -40.14 8.36
CA ASP A 166 -0.96 -40.77 8.18
C ASP A 166 -0.51 -40.51 6.74
N LEU A 167 0.36 -39.54 6.56
CA LEU A 167 0.81 -39.14 5.22
C LEU A 167 1.44 -40.33 4.50
N ARG A 168 2.42 -41.05 5.09
CA ARG A 168 3.13 -42.19 4.38
C ARG A 168 2.09 -43.22 3.99
N PHE A 169 1.22 -43.58 4.90
CA PHE A 169 0.20 -44.61 4.69
C PHE A 169 -0.70 -44.22 3.51
N VAL A 170 -1.34 -43.05 3.59
CA VAL A 170 -2.36 -42.66 2.58
C VAL A 170 -1.65 -42.39 1.26
N ILE A 171 -0.47 -41.79 1.29
CA ILE A 171 0.13 -41.39 0.00
C ILE A 171 0.62 -42.68 -0.68
N GLU A 172 1.21 -43.63 0.05
CA GLU A 172 1.70 -44.87 -0.63
C GLU A 172 0.51 -45.69 -1.13
N ALA A 173 -0.63 -45.74 -0.44
CA ALA A 173 -1.79 -46.50 -0.92
C ALA A 173 -2.37 -45.83 -2.17
N ALA A 174 -2.26 -44.51 -2.29
CA ALA A 174 -2.86 -43.75 -3.41
C ALA A 174 -1.95 -43.98 -4.62
N LYS A 175 -0.64 -43.92 -4.43
CA LYS A 175 0.32 -44.17 -5.51
C LYS A 175 0.11 -45.59 -6.06
N LYS A 176 -0.24 -46.57 -5.22
CA LYS A 176 -0.38 -47.99 -5.68
C LYS A 176 -1.48 -48.04 -6.75
N VAL A 177 -2.54 -47.26 -6.61
CA VAL A 177 -3.66 -47.17 -7.59
C VAL A 177 -3.50 -46.01 -8.60
N GLY A 178 -2.31 -45.42 -8.71
CA GLY A 178 -1.99 -44.29 -9.63
C GLY A 178 -2.80 -43.02 -9.41
N ALA A 179 -3.42 -42.81 -8.26
CA ALA A 179 -3.99 -41.50 -7.84
C ALA A 179 -2.87 -40.49 -7.55
N LEU A 180 -3.09 -39.23 -7.91
CA LEU A 180 -2.25 -38.10 -7.44
C LEU A 180 -2.71 -37.76 -6.02
N THR A 181 -1.84 -37.11 -5.25
CA THR A 181 -2.20 -36.62 -3.90
C THR A 181 -1.93 -35.14 -3.75
N VAL A 182 -2.85 -34.46 -3.08
CA VAL A 182 -2.67 -33.03 -2.73
C VAL A 182 -2.92 -32.92 -1.23
N VAL A 183 -2.02 -32.25 -0.50
CA VAL A 183 -2.26 -32.02 0.96
C VAL A 183 -2.50 -30.53 1.23
N ASP A 184 -3.59 -30.21 1.89
CA ASP A 184 -3.89 -28.90 2.48
C ASP A 184 -3.12 -28.80 3.81
N ASN A 185 -2.00 -28.11 3.78
CA ASN A 185 -1.04 -27.93 4.89
C ASN A 185 -1.26 -26.57 5.60
N THR A 186 -2.46 -26.01 5.57
CA THR A 186 -2.74 -24.66 6.12
C THR A 186 -2.48 -24.63 7.65
N PHE A 187 -3.00 -25.62 8.36
CA PHE A 187 -3.02 -25.65 9.83
C PHE A 187 -1.61 -25.69 10.45
N LEU A 188 -0.58 -26.22 9.79
CA LEU A 188 0.78 -26.26 10.40
C LEU A 188 1.78 -25.37 9.70
N SER A 189 1.54 -25.02 8.43
CA SER A 189 2.50 -24.28 7.58
C SER A 189 3.68 -25.16 7.23
N PRO A 190 4.49 -24.75 6.24
CA PRO A 190 5.67 -25.50 5.88
C PRO A 190 6.68 -25.61 7.02
N ALA A 191 6.61 -24.73 8.02
CA ALA A 191 7.63 -24.69 9.09
C ALA A 191 7.45 -25.94 9.97
N LEU A 192 6.28 -26.56 9.95
CA LEU A 192 5.93 -27.63 10.91
C LEU A 192 5.54 -28.96 10.26
N GLN A 193 5.35 -29.03 8.93
CA GLN A 193 4.97 -30.26 8.19
C GLN A 193 5.32 -30.04 6.73
N LYS A 194 6.06 -30.96 6.15
CA LYS A 194 6.44 -30.99 4.72
C LYS A 194 5.84 -32.20 4.05
N PRO A 195 4.57 -32.13 3.58
CA PRO A 195 3.95 -33.26 2.88
C PRO A 195 4.71 -33.78 1.66
N LEU A 196 5.42 -32.92 0.92
CA LEU A 196 6.20 -33.40 -0.25
C LEU A 196 7.31 -34.37 0.20
N ASP A 197 7.82 -34.26 1.43
CA ASP A 197 8.85 -35.19 1.95
C ASP A 197 8.22 -36.58 2.03
N PHE A 198 6.90 -36.74 2.17
CA PHE A 198 6.18 -38.02 2.28
C PHE A 198 5.72 -38.51 0.90
N GLY A 199 6.17 -37.88 -0.20
CA GLY A 199 5.75 -38.26 -1.55
C GLY A 199 4.51 -37.55 -2.14
N ALA A 200 3.85 -36.59 -1.51
CA ALA A 200 2.71 -35.87 -2.15
C ALA A 200 3.11 -35.22 -3.49
N ASP A 201 2.19 -35.14 -4.42
CA ASP A 201 2.40 -34.48 -5.75
C ASP A 201 2.37 -32.96 -5.52
N LEU A 202 1.47 -32.54 -4.65
CA LEU A 202 1.05 -31.14 -4.45
C LEU A 202 0.83 -30.89 -2.96
N VAL A 203 1.25 -29.70 -2.55
CA VAL A 203 0.90 -29.14 -1.23
C VAL A 203 0.26 -27.77 -1.47
N LEU A 204 -0.79 -27.46 -0.72
CA LEU A 204 -1.39 -26.13 -0.85
C LEU A 204 -1.69 -25.52 0.51
N HIS A 205 -1.90 -24.22 0.50
CA HIS A 205 -2.10 -23.40 1.70
C HIS A 205 -3.11 -22.29 1.42
N SER A 206 -3.92 -21.99 2.41
CA SER A 206 -4.37 -20.60 2.64
C SER A 206 -3.26 -19.78 3.27
N THR A 207 -2.59 -18.89 2.52
CA THR A 207 -1.57 -17.97 3.05
C THR A 207 -2.21 -16.95 4.00
N THR A 208 -3.52 -16.85 3.99
CA THR A 208 -4.30 -16.01 4.87
C THR A 208 -3.95 -16.28 6.35
N LYS A 209 -3.49 -17.48 6.66
CA LYS A 209 -3.42 -17.95 8.07
CA LYS A 209 -3.42 -17.94 8.07
C LYS A 209 -2.00 -17.68 8.58
N TYR A 210 -1.22 -18.73 8.91
CA TYR A 210 0.12 -18.60 9.51
C TYR A 210 1.13 -17.95 8.56
N ILE A 211 1.11 -18.29 7.27
CA ILE A 211 2.17 -17.80 6.37
C ILE A 211 2.16 -16.25 6.40
N ASN A 212 1.01 -15.62 6.23
CA ASN A 212 0.94 -14.13 6.36
C ASN A 212 0.98 -13.72 7.83
N GLY A 213 0.15 -14.31 8.67
CA GLY A 213 0.25 -14.20 10.13
C GLY A 213 -0.38 -12.92 10.69
N HIS A 214 -0.80 -11.95 9.87
CA HIS A 214 -1.26 -10.65 10.40
C HIS A 214 -2.70 -10.35 10.04
N SER A 215 -3.46 -11.33 9.56
CA SER A 215 -4.91 -11.19 9.31
C SER A 215 -5.22 -9.98 8.40
N ASP A 216 -4.41 -9.71 7.41
CA ASP A 216 -4.61 -8.49 6.57
C ASP A 216 -4.38 -8.81 5.09
N VAL A 217 -4.39 -10.08 4.76
CA VAL A 217 -4.27 -10.61 3.38
C VAL A 217 -5.14 -11.87 3.29
N VAL A 218 -5.92 -12.00 2.22
CA VAL A 218 -6.46 -13.30 1.82
C VAL A 218 -5.62 -13.73 0.62
N GLY A 219 -5.15 -14.98 0.62
CA GLY A 219 -4.25 -15.53 -0.41
C GLY A 219 -4.15 -17.05 -0.32
N GLY A 220 -3.63 -17.69 -1.38
CA GLY A 220 -3.39 -19.13 -1.45
C GLY A 220 -2.10 -19.38 -2.14
N ALA A 221 -1.60 -20.60 -2.04
CA ALA A 221 -0.37 -21.05 -2.74
C ALA A 221 -0.55 -22.54 -3.05
N VAL A 222 0.05 -22.98 -4.12
CA VAL A 222 0.14 -24.41 -4.46
C VAL A 222 1.59 -24.60 -4.88
N VAL A 223 2.23 -25.59 -4.30
CA VAL A 223 3.59 -26.04 -4.66
C VAL A 223 3.44 -27.48 -5.17
N ALA A 224 4.01 -27.74 -6.34
CA ALA A 224 4.09 -29.09 -6.94
C ALA A 224 5.51 -29.62 -6.73
N ARG A 225 5.61 -30.92 -6.43
CA ARG A 225 6.93 -31.59 -6.33
C ARG A 225 7.57 -31.50 -7.71
N ASP A 226 6.81 -31.72 -8.77
CA ASP A 226 7.39 -32.01 -10.10
C ASP A 226 7.28 -30.74 -10.99
N ALA A 227 8.31 -30.40 -11.75
CA ALA A 227 8.35 -29.20 -12.62
C ALA A 227 7.21 -29.17 -13.63
N GLU A 228 6.83 -30.32 -14.18
CA GLU A 228 5.84 -30.38 -15.28
C GLU A 228 4.49 -30.04 -14.67
N LEU A 229 4.18 -30.59 -13.51
CA LEU A 229 2.89 -30.25 -12.87
C LEU A 229 2.86 -28.75 -12.47
N HIS A 230 3.98 -28.22 -11.98
CA HIS A 230 4.13 -26.79 -11.62
C HIS A 230 3.78 -25.96 -12.89
N GLN A 231 4.33 -26.34 -14.04
CA GLN A 231 4.12 -25.64 -15.34
C GLN A 231 2.64 -25.69 -15.71
N GLN A 232 1.96 -26.82 -15.54
CA GLN A 232 0.50 -26.89 -15.77
C GLN A 232 -0.23 -25.96 -14.81
N LEU A 233 0.22 -25.80 -13.55
CA LEU A 233 -0.53 -24.94 -12.61
C LEU A 233 -0.37 -23.46 -13.02
N VAL A 234 0.83 -23.07 -13.46
CA VAL A 234 1.18 -21.72 -13.97
C VAL A 234 0.21 -21.42 -15.12
N TRP A 235 0.06 -22.38 -16.03
CA TRP A 235 -0.77 -22.25 -17.25
C TRP A 235 -2.23 -22.07 -16.84
N TRP A 236 -2.75 -22.94 -16.00
CA TRP A 236 -4.18 -22.87 -15.61
C TRP A 236 -4.43 -21.62 -14.77
N ALA A 237 -3.47 -21.20 -13.96
CA ALA A 237 -3.71 -20.04 -13.07
C ALA A 237 -3.85 -18.81 -13.95
N ASN A 238 -2.97 -18.68 -14.93
CA ASN A 238 -2.99 -17.63 -15.96
C ASN A 238 -4.31 -17.64 -16.74
N ALA A 239 -4.75 -18.81 -17.19
CA ALA A 239 -5.90 -18.97 -18.13
C ALA A 239 -7.22 -18.69 -17.42
N LEU A 240 -7.38 -19.16 -16.16
CA LEU A 240 -8.55 -18.98 -15.29
C LEU A 240 -8.53 -17.61 -14.59
N GLY A 241 -7.40 -16.92 -14.60
CA GLY A 241 -7.22 -15.64 -13.90
C GLY A 241 -7.34 -15.78 -12.38
N LEU A 242 -6.71 -16.79 -11.78
CA LEU A 242 -6.79 -17.07 -10.31
C LEU A 242 -5.58 -16.45 -9.58
N THR A 243 -4.65 -15.84 -10.29
CA THR A 243 -3.41 -15.30 -9.68
C THR A 243 -3.71 -14.12 -8.74
N GLY A 244 -2.83 -13.92 -7.78
CA GLY A 244 -2.93 -12.90 -6.73
C GLY A 244 -2.28 -11.57 -7.10
N SER A 245 -2.68 -10.59 -6.33
CA SER A 245 -2.20 -9.19 -6.33
C SER A 245 -0.75 -9.14 -5.83
N PRO A 246 0.14 -8.49 -6.61
CA PRO A 246 1.49 -8.20 -6.16
C PRO A 246 1.56 -7.53 -4.79
N PHE A 247 0.64 -6.63 -4.46
CA PHE A 247 0.71 -5.98 -3.13
C PHE A 247 0.48 -7.02 -2.02
N ASP A 248 -0.53 -7.87 -2.15
CA ASP A 248 -0.82 -8.96 -1.19
C ASP A 248 0.40 -9.89 -1.06
N ALA A 249 1.12 -10.12 -2.14
CA ALA A 249 2.29 -11.00 -2.07
C ALA A 249 3.43 -10.30 -1.30
N PHE A 250 3.57 -9.01 -1.47
CA PHE A 250 4.48 -8.17 -0.66
C PHE A 250 4.16 -8.38 0.82
N LEU A 251 2.91 -8.21 1.23
CA LEU A 251 2.56 -8.26 2.67
C LEU A 251 2.76 -9.68 3.20
N THR A 252 2.44 -10.68 2.38
CA THR A 252 2.56 -12.11 2.70
C THR A 252 4.05 -12.46 2.87
N LEU A 253 4.88 -12.03 1.95
CA LEU A 253 6.31 -12.25 2.11
C LEU A 253 6.83 -11.57 3.40
N ARG A 254 6.31 -10.40 3.75
CA ARG A 254 6.77 -9.68 4.95
C ARG A 254 6.37 -10.55 6.17
N GLY A 255 5.15 -11.04 6.21
CA GLY A 255 4.69 -11.89 7.31
C GLY A 255 5.50 -13.19 7.40
N LEU A 256 5.78 -13.81 6.26
CA LEU A 256 6.57 -15.07 6.15
C LEU A 256 7.86 -14.91 6.97
N ARG A 257 8.46 -13.72 6.94
CA ARG A 257 9.79 -13.51 7.55
C ARG A 257 9.76 -13.79 9.06
N THR A 258 8.62 -13.61 9.72
CA THR A 258 8.48 -13.89 11.16
C THR A 258 7.79 -15.23 11.43
N LEU A 259 7.59 -16.10 10.44
CA LEU A 259 6.86 -17.38 10.64
C LEU A 259 7.51 -18.19 11.78
N ASP A 260 8.82 -18.42 11.73
CA ASP A 260 9.55 -19.19 12.75
C ASP A 260 9.39 -18.54 14.14
N ALA A 261 9.65 -17.25 14.23
CA ALA A 261 9.65 -16.51 15.50
C ALA A 261 8.25 -16.48 16.07
N ARG A 262 7.26 -16.34 15.19
CA ARG A 262 5.85 -16.40 15.65
C ARG A 262 5.52 -17.82 16.17
N LEU A 263 5.85 -18.87 15.40
CA LEU A 263 5.42 -20.27 15.77
C LEU A 263 6.03 -20.71 17.12
N ARG A 264 7.22 -20.18 17.45
CA ARG A 264 7.81 -20.48 18.76
C ARG A 264 6.86 -20.01 19.86
N VAL A 265 6.33 -18.81 19.73
CA VAL A 265 5.45 -18.30 20.80
C VAL A 265 4.09 -18.99 20.69
N HIS A 266 3.55 -19.14 19.48
CA HIS A 266 2.23 -19.81 19.32
C HIS A 266 2.27 -21.17 20.05
N GLN A 267 3.30 -21.95 19.81
CA GLN A 267 3.37 -23.37 20.30
C GLN A 267 3.58 -23.41 21.83
N GLU A 268 4.41 -22.51 22.35
CA GLU A 268 4.57 -22.31 23.81
C GLU A 268 3.22 -22.00 24.42
N ASN A 269 2.48 -21.01 23.86
CA ASN A 269 1.16 -20.63 24.40
C ASN A 269 0.20 -21.81 24.27
N ALA A 270 0.21 -22.53 23.15
CA ALA A 270 -0.76 -23.63 22.97
C ALA A 270 -0.47 -24.77 23.97
N ASP A 271 0.81 -25.13 24.18
CA ASP A 271 1.20 -26.15 25.22
C ASP A 271 0.62 -25.75 26.60
N ALA A 272 0.74 -24.49 27.00
CA ALA A 272 0.23 -24.03 28.30
C ALA A 272 -1.29 -24.11 28.34
N ILE A 273 -1.99 -23.78 27.24
CA ILE A 273 -3.49 -23.69 27.28
C ILE A 273 -4.05 -25.12 27.27
N ALA A 274 -3.42 -26.03 26.54
CA ALA A 274 -3.80 -27.46 26.48
C ALA A 274 -3.75 -28.04 27.89
N GLU A 275 -2.64 -27.78 28.59
CA GLU A 275 -2.42 -28.14 30.02
C GLU A 275 -3.54 -27.58 30.92
N LEU A 276 -4.00 -26.33 30.74
CA LEU A 276 -5.14 -25.78 31.52
C LEU A 276 -6.44 -26.54 31.18
N LEU A 277 -6.77 -26.75 29.92
CA LEU A 277 -8.12 -27.27 29.56
C LEU A 277 -8.20 -28.79 29.77
N ASP A 278 -7.12 -29.55 29.57
CA ASP A 278 -7.12 -31.03 29.66
C ASP A 278 -7.34 -31.45 31.13
N GLY A 279 -8.47 -32.08 31.44
CA GLY A 279 -8.79 -32.46 32.81
C GLY A 279 -9.36 -31.32 33.66
N HIS A 280 -9.57 -30.09 33.16
CA HIS A 280 -10.38 -29.08 33.91
C HIS A 280 -11.82 -29.59 34.06
N ALA A 281 -12.43 -29.39 35.22
CA ALA A 281 -13.78 -29.92 35.56
C ALA A 281 -14.81 -29.38 34.56
N MET A 282 -14.58 -28.23 33.94
CA MET A 282 -15.63 -27.61 33.10
C MET A 282 -15.46 -28.10 31.66
N VAL A 283 -14.40 -28.86 31.39
CA VAL A 283 -14.06 -29.30 30.01
C VAL A 283 -14.24 -30.81 29.87
N ASN A 284 -15.17 -31.15 28.99
CA ASN A 284 -15.60 -32.51 28.64
C ASN A 284 -14.51 -33.13 27.76
N GLN A 285 -14.06 -32.45 26.71
CA GLN A 285 -13.02 -33.03 25.80
C GLN A 285 -12.15 -31.90 25.26
N VAL A 286 -10.86 -32.19 25.02
CA VAL A 286 -9.91 -31.26 24.32
C VAL A 286 -9.35 -31.98 23.11
N TYR A 287 -9.32 -31.32 21.97
CA TYR A 287 -8.72 -31.87 20.74
C TYR A 287 -7.48 -31.05 20.45
N PHE A 288 -6.33 -31.67 20.67
CA PHE A 288 -5.01 -31.05 20.48
C PHE A 288 -4.01 -32.16 20.33
N PRO A 289 -3.37 -32.25 19.17
CA PRO A 289 -2.43 -33.31 18.88
C PRO A 289 -1.27 -33.39 19.89
N GLY A 290 -0.97 -32.32 20.62
CA GLY A 290 0.14 -32.37 21.58
C GLY A 290 -0.19 -33.17 22.85
N LEU A 291 -1.44 -33.47 23.12
CA LEU A 291 -1.83 -34.26 24.30
C LEU A 291 -1.56 -35.74 24.01
N ALA A 292 -0.87 -36.42 24.93
CA ALA A 292 -0.52 -37.85 24.80
C ALA A 292 -1.80 -38.68 24.62
N THR A 293 -2.95 -38.26 25.16
CA THR A 293 -4.21 -39.02 25.04
C THR A 293 -4.96 -38.73 23.74
N HIS A 294 -4.39 -37.93 22.83
CA HIS A 294 -5.07 -37.57 21.56
C HIS A 294 -4.79 -38.68 20.56
N PRO A 295 -5.87 -39.23 19.97
CA PRO A 295 -5.71 -40.24 18.93
C PRO A 295 -4.85 -39.58 17.85
N GLY A 296 -3.76 -40.19 17.46
CA GLY A 296 -2.89 -39.59 16.42
C GLY A 296 -1.74 -38.82 17.03
N HIS A 297 -1.69 -38.74 18.37
CA HIS A 297 -0.56 -38.06 19.07
C HIS A 297 0.77 -38.60 18.51
N ALA A 298 0.94 -39.91 18.51
CA ALA A 298 2.27 -40.52 18.21
C ALA A 298 2.59 -40.26 16.75
N LEU A 299 1.56 -40.28 15.92
CA LEU A 299 1.64 -39.97 14.47
C LEU A 299 2.07 -38.49 14.29
N ALA A 300 1.40 -37.58 14.98
CA ALA A 300 1.68 -36.12 14.88
C ALA A 300 3.16 -35.91 15.25
N ALA A 301 3.66 -36.56 16.32
CA ALA A 301 5.04 -36.36 16.82
C ALA A 301 6.07 -36.82 15.80
N ARG A 302 5.74 -37.82 14.97
CA ARG A 302 6.64 -38.37 13.93
C ARG A 302 6.46 -37.60 12.60
N GLN A 303 5.27 -37.18 12.18
CA GLN A 303 5.17 -36.58 10.81
C GLN A 303 5.24 -35.04 10.85
N GLN A 304 5.04 -34.40 12.01
CA GLN A 304 5.09 -32.94 12.27
C GLN A 304 6.36 -32.55 13.07
N LYS A 305 6.83 -31.31 12.94
CA LYS A 305 7.97 -30.78 13.71
C LYS A 305 7.43 -30.09 14.95
N GLY A 306 6.11 -30.02 15.07
CA GLY A 306 5.50 -29.43 16.27
C GLY A 306 4.04 -29.71 16.23
N PHE A 307 3.36 -29.45 17.31
CA PHE A 307 1.91 -29.75 17.48
C PHE A 307 1.02 -28.54 17.11
N GLY A 308 1.62 -27.37 16.85
CA GLY A 308 0.86 -26.22 16.34
C GLY A 308 0.11 -25.53 17.44
N ALA A 309 -0.83 -24.68 17.08
CA ALA A 309 -1.52 -23.80 18.03
C ALA A 309 -2.98 -23.70 17.67
N MET A 310 -3.50 -24.64 16.89
CA MET A 310 -4.97 -24.81 16.75
C MET A 310 -5.42 -25.89 17.74
N MET A 311 -6.52 -25.65 18.41
CA MET A 311 -7.14 -26.70 19.23
C MET A 311 -8.65 -26.43 19.33
N SER A 312 -9.44 -27.46 19.67
CA SER A 312 -10.87 -27.23 20.03
C SER A 312 -11.19 -28.02 21.29
N PHE A 313 -12.31 -27.68 21.87
CA PHE A 313 -12.75 -28.25 23.16
C PHE A 313 -14.27 -28.06 23.28
N GLU A 314 -14.84 -28.91 24.14
CA GLU A 314 -16.30 -28.96 24.45
C GLU A 314 -16.39 -28.72 25.94
N LEU A 315 -17.09 -27.67 26.28
CA LEU A 315 -17.56 -27.28 27.62
C LEU A 315 -18.66 -28.22 28.11
N GLU A 316 -18.67 -28.43 29.42
CA GLU A 316 -19.82 -28.93 30.23
C GLU A 316 -20.86 -27.80 30.25
N GLY A 317 -22.15 -28.11 30.15
CA GLY A 317 -23.26 -27.18 30.49
C GLY A 317 -24.02 -26.68 29.29
N GLY A 318 -23.86 -27.32 28.13
CA GLY A 318 -24.60 -26.96 26.90
C GLY A 318 -24.42 -25.49 26.53
N GLU A 319 -25.44 -24.94 25.86
CA GLU A 319 -25.40 -23.65 25.13
C GLU A 319 -25.22 -22.49 26.13
N ALA A 320 -25.77 -22.62 27.32
CA ALA A 320 -25.75 -21.53 28.32
C ALA A 320 -24.28 -21.32 28.76
N ALA A 321 -23.52 -22.39 28.87
CA ALA A 321 -22.09 -22.39 29.29
C ALA A 321 -21.25 -21.79 28.17
N VAL A 322 -21.49 -22.23 26.92
CA VAL A 322 -20.81 -21.67 25.72
C VAL A 322 -21.02 -20.15 25.71
N ARG A 323 -22.26 -19.70 25.83
CA ARG A 323 -22.59 -18.26 25.72
C ARG A 323 -21.85 -17.53 26.84
N ALA A 324 -21.83 -18.05 28.07
CA ALA A 324 -21.22 -17.32 29.20
C ALA A 324 -19.68 -17.31 29.03
N PHE A 325 -19.07 -18.44 28.68
CA PHE A 325 -17.63 -18.54 28.36
C PHE A 325 -17.25 -17.42 27.38
N VAL A 326 -17.98 -17.30 26.26
CA VAL A 326 -17.54 -16.50 25.08
C VAL A 326 -17.75 -15.01 25.37
N ASP A 327 -18.89 -14.62 25.92
CA ASP A 327 -19.22 -13.19 26.16
C ASP A 327 -18.41 -12.83 27.41
N GLY A 328 -17.39 -11.99 27.26
CA GLY A 328 -16.45 -11.63 28.33
C GLY A 328 -14.99 -11.91 27.96
N LEU A 329 -14.69 -12.69 26.94
CA LEU A 329 -13.25 -12.92 26.58
C LEU A 329 -12.59 -11.60 26.19
N ARG A 330 -11.46 -11.25 26.79
CA ARG A 330 -10.76 -9.96 26.51
C ARG A 330 -9.75 -10.13 25.37
N TYR A 331 -9.12 -11.30 25.28
CA TYR A 331 -7.92 -11.52 24.44
C TYR A 331 -8.20 -12.54 23.33
N PHE A 332 -9.42 -13.08 23.25
CA PHE A 332 -9.89 -13.98 22.17
C PHE A 332 -11.04 -13.28 21.43
N THR A 333 -10.77 -12.76 20.24
CA THR A 333 -11.79 -12.11 19.38
C THR A 333 -12.63 -13.23 18.75
N LEU A 334 -13.94 -13.14 18.91
CA LEU A 334 -14.88 -14.07 18.23
C LEU A 334 -14.96 -13.66 16.76
N ALA A 335 -14.38 -14.49 15.92
CA ALA A 335 -14.21 -14.23 14.48
C ALA A 335 -13.77 -15.51 13.80
N GLU A 336 -13.91 -15.48 12.50
CA GLU A 336 -13.44 -16.54 11.59
C GLU A 336 -11.95 -16.34 11.39
N SER A 337 -11.35 -17.29 10.66
CA SER A 337 -9.91 -17.36 10.31
C SER A 337 -9.09 -17.86 11.52
N LEU A 338 -7.77 -17.82 11.39
CA LEU A 338 -6.84 -18.49 12.32
C LEU A 338 -5.45 -18.18 11.82
N GLY A 339 -4.45 -18.43 12.67
CA GLY A 339 -3.05 -18.30 12.28
C GLY A 339 -2.54 -16.90 12.41
N GLY A 340 -3.33 -16.01 12.99
CA GLY A 340 -2.89 -14.64 13.22
C GLY A 340 -2.11 -14.53 14.54
N VAL A 341 -1.33 -13.47 14.66
CA VAL A 341 -0.66 -13.08 15.91
C VAL A 341 -1.72 -12.84 16.99
N GLU A 342 -2.93 -12.45 16.61
CA GLU A 342 -4.00 -12.12 17.60
C GLU A 342 -4.80 -13.39 17.83
N SER A 343 -5.07 -13.74 19.09
CA SER A 343 -5.86 -14.94 19.45
C SER A 343 -7.32 -14.76 19.05
N LEU A 344 -7.91 -15.85 18.52
CA LEU A 344 -9.28 -15.89 17.97
C LEU A 344 -9.99 -17.08 18.59
N ILE A 345 -11.29 -16.95 18.73
CA ILE A 345 -12.20 -18.06 19.09
C ILE A 345 -13.31 -18.14 18.04
N ALA A 346 -13.66 -19.33 17.61
CA ALA A 346 -14.79 -19.59 16.69
C ALA A 346 -15.70 -20.71 17.26
N HIS A 347 -16.99 -20.66 16.90
CA HIS A 347 -18.03 -21.72 17.05
C HIS A 347 -18.37 -22.26 15.65
N PRO A 348 -17.70 -23.35 15.20
CA PRO A 348 -17.72 -23.78 13.79
C PRO A 348 -19.10 -24.10 13.16
N ALA A 349 -19.96 -24.69 14.00
CA ALA A 349 -21.38 -25.02 13.72
C ALA A 349 -22.01 -23.83 12.99
N SER A 350 -21.93 -22.66 13.66
CA SER A 350 -22.59 -21.39 13.29
C SER A 350 -21.65 -20.43 12.51
N MET A 351 -20.39 -20.79 12.22
CA MET A 351 -19.42 -19.83 11.60
C MET A 351 -18.64 -20.56 10.48
N THR A 352 -17.51 -21.17 10.79
CA THR A 352 -16.54 -21.69 9.77
C THR A 352 -17.13 -22.89 9.01
N HIS A 353 -18.10 -23.61 9.61
CA HIS A 353 -18.59 -24.88 9.06
C HIS A 353 -20.09 -24.71 8.81
N ALA A 354 -20.63 -23.47 8.85
CA ALA A 354 -22.07 -23.20 8.60
C ALA A 354 -22.46 -23.53 7.13
N ALA A 355 -21.50 -23.53 6.19
CA ALA A 355 -21.70 -23.88 4.76
C ALA A 355 -22.06 -25.37 4.63
N MET A 356 -21.62 -26.23 5.55
CA MET A 356 -21.97 -27.68 5.59
C MET A 356 -23.44 -27.84 6.01
N THR A 357 -24.10 -28.91 5.56
CA THR A 357 -25.44 -29.37 6.05
C THR A 357 -25.30 -29.91 7.49
N ALA A 358 -26.37 -29.86 8.30
CA ALA A 358 -26.40 -30.47 9.65
C ALA A 358 -25.88 -31.92 9.54
N GLU A 359 -26.15 -32.66 8.44
CA GLU A 359 -25.79 -34.11 8.36
C GLU A 359 -24.31 -34.28 7.98
N ALA A 360 -23.69 -33.42 7.16
CA ALA A 360 -22.25 -33.55 6.84
C ALA A 360 -21.42 -33.21 8.09
N ARG A 361 -21.92 -32.31 8.92
CA ARG A 361 -21.33 -31.91 10.22
C ARG A 361 -21.44 -33.09 11.23
N ALA A 362 -22.64 -33.66 11.41
CA ALA A 362 -22.86 -34.89 12.22
C ALA A 362 -21.85 -35.96 11.75
N ALA A 363 -21.70 -36.17 10.42
CA ALA A 363 -20.82 -37.23 9.84
C ALA A 363 -19.35 -36.96 10.17
N ALA A 364 -19.02 -35.69 10.34
CA ALA A 364 -17.65 -35.19 10.64
C ALA A 364 -17.41 -35.17 12.15
N GLY A 365 -18.45 -35.17 13.02
CA GLY A 365 -18.42 -35.18 14.52
C GLY A 365 -18.20 -33.76 15.08
N ILE A 366 -18.44 -32.75 14.24
CA ILE A 366 -18.48 -31.31 14.60
C ILE A 366 -19.79 -31.11 15.34
N SER A 367 -19.75 -31.07 16.64
CA SER A 367 -20.94 -30.92 17.51
C SER A 367 -21.32 -29.43 17.50
N ASP A 368 -22.53 -29.13 17.96
CA ASP A 368 -23.05 -27.75 18.18
C ASP A 368 -22.46 -27.12 19.47
N GLY A 369 -21.72 -27.84 20.34
CA GLY A 369 -21.06 -27.23 21.54
C GLY A 369 -19.54 -27.04 21.37
N LEU A 370 -19.04 -27.20 20.15
CA LEU A 370 -17.57 -27.16 19.90
C LEU A 370 -17.10 -25.69 19.73
N LEU A 371 -16.07 -25.34 20.49
CA LEU A 371 -15.28 -24.08 20.40
C LEU A 371 -13.87 -24.39 19.89
N ARG A 372 -13.40 -23.58 18.92
CA ARG A 372 -12.08 -23.68 18.31
C ARG A 372 -11.27 -22.43 18.73
N LEU A 373 -10.06 -22.63 19.23
CA LEU A 373 -9.11 -21.55 19.55
C LEU A 373 -8.04 -21.53 18.49
N SER A 374 -7.77 -20.34 17.99
CA SER A 374 -6.51 -20.06 17.30
C SER A 374 -5.67 -19.27 18.31
N ILE A 375 -4.62 -19.89 18.79
CA ILE A 375 -3.81 -19.30 19.90
C ILE A 375 -2.76 -18.43 19.29
N GLY A 376 -2.76 -17.18 19.75
CA GLY A 376 -1.88 -16.10 19.30
C GLY A 376 -0.55 -16.15 19.99
N ILE A 377 0.18 -15.03 19.89
CA ILE A 377 1.49 -14.78 20.50
C ILE A 377 1.45 -13.74 21.63
N GLU A 378 0.29 -13.46 22.19
CA GLU A 378 0.18 -12.69 23.45
C GLU A 378 0.89 -13.44 24.59
N SER A 379 1.03 -12.81 25.74
CA SER A 379 1.65 -13.41 26.93
C SER A 379 0.80 -14.61 27.34
N ALA A 380 1.43 -15.78 27.50
CA ALA A 380 0.77 -16.96 28.11
C ALA A 380 0.04 -16.53 29.37
N GLU A 381 0.64 -15.72 30.24
CA GLU A 381 -0.05 -15.43 31.53
C GLU A 381 -1.43 -14.81 31.26
N ASP A 382 -1.55 -13.94 30.27
CA ASP A 382 -2.80 -13.20 29.94
C ASP A 382 -3.84 -14.16 29.31
N LEU A 383 -3.43 -14.97 28.34
CA LEU A 383 -4.34 -15.92 27.70
C LEU A 383 -4.92 -16.84 28.77
N LEU A 384 -4.13 -17.26 29.76
CA LEU A 384 -4.60 -18.23 30.80
C LEU A 384 -5.56 -17.55 31.77
N ILE A 385 -5.27 -16.32 32.21
CA ILE A 385 -6.23 -15.52 33.02
C ILE A 385 -7.59 -15.42 32.29
N ASP A 386 -7.56 -15.04 31.00
CA ASP A 386 -8.80 -14.83 30.19
C ASP A 386 -9.58 -16.15 30.15
N LEU A 387 -8.92 -17.28 29.86
CA LEU A 387 -9.60 -18.59 29.74
C LEU A 387 -10.15 -19.04 31.10
N ARG A 388 -9.43 -18.87 32.19
CA ARG A 388 -9.91 -19.33 33.51
C ARG A 388 -11.17 -18.55 33.83
N ALA A 389 -11.22 -17.25 33.49
CA ALA A 389 -12.39 -16.42 33.87
C ALA A 389 -13.59 -16.89 33.02
N GLY A 390 -13.35 -17.32 31.79
CA GLY A 390 -14.40 -17.92 30.95
C GLY A 390 -14.94 -19.19 31.55
N LEU A 391 -14.04 -20.09 31.92
CA LEU A 391 -14.36 -21.34 32.63
C LEU A 391 -15.17 -21.03 33.90
N SER A 392 -14.88 -19.99 34.71
CA SER A 392 -15.76 -19.67 35.89
C SER A 392 -17.12 -19.21 35.40
N ARG A 393 -17.15 -18.41 34.32
CA ARG A 393 -18.44 -17.87 33.85
C ARG A 393 -19.31 -19.08 33.47
N ALA A 394 -18.74 -20.08 32.82
CA ALA A 394 -19.48 -21.28 32.37
C ALA A 394 -19.94 -22.07 33.62
N GLU A 395 -19.08 -22.20 34.62
CA GLU A 395 -19.41 -22.98 35.83
C GLU A 395 -20.64 -22.35 36.52
N ALA A 396 -20.69 -21.01 36.61
CA ALA A 396 -21.74 -20.25 37.31
C ALA A 396 -23.12 -20.58 36.72
N THR A 397 -23.16 -21.06 35.47
CA THR A 397 -24.42 -21.36 34.75
C THR A 397 -24.92 -22.78 35.03
N LEU A 398 -24.23 -23.61 35.81
CA LEU A 398 -24.77 -24.95 36.19
C LEU A 398 -25.89 -24.86 37.26
N THR A 399 -25.97 -23.71 37.96
CA THR A 399 -26.91 -23.39 39.09
C THR A 399 -27.79 -22.17 38.76
N THR B 12 13.68 17.37 -30.12
CA THR B 12 12.41 17.85 -29.46
C THR B 12 12.41 17.40 -27.99
N PRO B 13 12.17 18.32 -27.04
CA PRO B 13 11.61 17.92 -25.77
C PRO B 13 10.08 17.76 -25.97
N CYS B 14 9.47 16.98 -25.11
CA CYS B 14 8.02 16.79 -25.00
C CYS B 14 7.46 18.03 -24.26
N THR B 15 6.15 18.18 -24.21
CA THR B 15 5.41 19.13 -23.37
C THR B 15 5.41 18.63 -21.92
N ALA B 16 5.00 19.51 -21.04
CA ALA B 16 4.88 19.33 -19.59
C ALA B 16 3.82 18.28 -19.30
N ALA B 17 2.70 18.29 -20.03
CA ALA B 17 1.65 17.26 -19.88
C ALA B 17 2.23 15.87 -20.27
N THR B 18 2.97 15.76 -21.36
CA THR B 18 3.57 14.47 -21.76
C THR B 18 4.54 14.00 -20.66
N ALA B 19 5.32 14.91 -20.09
CA ALA B 19 6.37 14.56 -19.12
C ALA B 19 5.71 14.10 -17.81
N ALA B 20 4.64 14.74 -17.39
CA ALA B 20 3.89 14.34 -16.19
C ALA B 20 3.29 12.94 -16.43
N VAL B 21 2.68 12.72 -17.58
CA VAL B 21 1.98 11.44 -17.82
C VAL B 21 3.00 10.30 -17.79
N ARG B 22 4.22 10.56 -18.30
CA ARG B 22 5.25 9.52 -18.56
C ARG B 22 6.37 9.53 -17.52
N ALA B 23 6.24 10.22 -16.40
CA ALA B 23 7.29 10.27 -15.35
C ALA B 23 7.51 8.84 -14.83
N GLY B 24 8.71 8.28 -14.99
CA GLY B 24 9.01 6.91 -14.52
C GLY B 24 8.41 5.78 -15.35
N ILE B 25 7.77 6.08 -16.47
CA ILE B 25 7.20 5.05 -17.37
C ILE B 25 8.34 4.37 -18.12
N ASP B 26 8.42 3.06 -18.06
CA ASP B 26 9.48 2.24 -18.72
C ASP B 26 10.87 2.70 -18.26
N ARG B 27 11.09 2.86 -16.97
CA ARG B 27 12.41 3.26 -16.43
C ARG B 27 12.85 2.30 -15.32
N ASP B 28 12.54 1.01 -15.47
CA ASP B 28 12.82 -0.07 -14.49
C ASP B 28 13.83 -1.01 -15.16
N THR B 29 15.10 -0.88 -14.77
CA THR B 29 16.21 -1.74 -15.26
C THR B 29 15.95 -3.19 -14.85
N ALA B 30 15.22 -3.47 -13.78
CA ALA B 30 15.10 -4.86 -13.26
C ALA B 30 14.27 -5.73 -14.20
N TYR B 31 13.02 -5.35 -14.49
CA TYR B 31 12.04 -6.20 -15.17
C TYR B 31 11.50 -5.52 -16.43
N GLY B 32 11.77 -4.25 -16.69
CA GLY B 32 11.10 -3.50 -17.76
C GLY B 32 9.65 -3.22 -17.40
N ALA B 33 9.35 -3.09 -16.11
CA ALA B 33 7.99 -2.75 -15.67
C ALA B 33 7.62 -1.40 -16.28
N VAL B 34 6.39 -1.30 -16.79
CA VAL B 34 5.88 -0.02 -17.36
C VAL B 34 5.71 1.03 -16.25
N THR B 35 4.96 0.67 -15.23
CA THR B 35 4.71 1.45 -14.01
C THR B 35 5.90 1.26 -13.05
N PRO B 36 6.43 2.32 -12.40
CA PRO B 36 7.65 2.19 -11.60
C PRO B 36 7.40 1.40 -10.30
N PRO B 37 8.32 0.50 -9.88
CA PRO B 37 8.14 -0.27 -8.64
C PRO B 37 8.29 0.60 -7.40
N ILE B 38 7.51 0.33 -6.36
CA ILE B 38 7.59 1.09 -5.08
C ILE B 38 8.80 0.57 -4.29
N VAL B 39 9.78 1.42 -4.05
CA VAL B 39 10.99 1.04 -3.27
C VAL B 39 10.79 1.51 -1.83
N LEU B 40 10.11 0.69 -1.02
CA LEU B 40 9.85 1.00 0.40
C LEU B 40 11.12 0.91 1.26
N SER B 41 12.11 0.11 0.80
CA SER B 41 13.30 -0.27 1.57
C SER B 41 13.91 0.94 2.31
N SER B 42 14.17 0.77 3.59
CA SER B 42 14.88 1.82 4.38
C SER B 42 16.35 1.86 3.96
N ASN B 43 16.91 0.71 3.61
CA ASN B 43 18.37 0.58 3.34
C ASN B 43 18.64 -0.17 2.02
N PHE B 44 19.87 0.00 1.53
CA PHE B 44 20.41 -0.51 0.26
C PHE B 44 21.79 -1.12 0.55
N SER B 45 22.08 -2.30 0.01
CA SER B 45 23.39 -2.95 0.15
C SER B 45 24.47 -2.06 -0.45
N PHE B 46 25.68 -2.18 0.09
CA PHE B 46 26.91 -1.77 -0.59
C PHE B 46 27.26 -2.84 -1.61
N ASP B 47 28.00 -2.43 -2.65
CA ASP B 47 28.50 -3.31 -3.74
C ASP B 47 29.90 -3.80 -3.36
N GLY B 48 29.98 -4.64 -2.32
CA GLY B 48 31.24 -5.00 -1.62
C GLY B 48 31.82 -3.85 -0.82
N PHE B 49 32.81 -4.13 0.02
CA PHE B 49 33.44 -3.18 0.96
C PHE B 49 33.80 -1.86 0.26
N GLY B 50 33.44 -0.71 0.85
CA GLY B 50 33.78 0.64 0.37
C GLY B 50 32.98 1.14 -0.86
N ASN B 51 32.07 0.35 -1.42
CA ASN B 51 31.36 0.71 -2.68
C ASN B 51 29.88 1.05 -2.38
N LYS B 52 29.62 2.28 -1.92
CA LYS B 52 28.25 2.84 -1.76
C LYS B 52 27.61 2.79 -3.17
N ARG B 53 26.38 2.29 -3.28
CA ARG B 53 25.61 2.40 -4.55
C ARG B 53 25.07 3.84 -4.67
N GLN B 54 24.21 4.10 -5.63
CA GLN B 54 23.57 5.42 -5.81
C GLN B 54 22.82 5.73 -4.51
N TYR B 55 22.13 4.74 -3.96
CA TYR B 55 21.27 4.89 -2.75
C TYR B 55 21.93 4.11 -1.61
N ASP B 56 21.78 4.58 -0.38
CA ASP B 56 22.25 3.83 0.81
C ASP B 56 21.19 3.86 1.92
N TYR B 57 20.47 4.97 2.11
CA TYR B 57 19.47 5.07 3.19
C TYR B 57 18.34 6.01 2.76
N THR B 58 17.10 5.54 2.94
CA THR B 58 15.89 6.20 2.41
C THR B 58 15.74 7.62 2.99
N ARG B 59 16.11 7.90 4.24
CA ARG B 59 15.94 9.26 4.80
C ARG B 59 16.72 10.27 3.94
N SER B 60 17.86 9.84 3.38
CA SER B 60 18.79 10.65 2.55
C SER B 60 18.36 10.69 1.08
N GLY B 61 17.95 9.56 0.55
CA GLY B 61 17.68 9.40 -0.89
C GLY B 61 16.93 8.11 -1.10
N ASN B 62 15.93 8.12 -1.96
CA ASN B 62 15.13 6.94 -2.32
C ASN B 62 14.67 7.11 -3.75
N PRO B 63 14.80 6.09 -4.62
CA PRO B 63 14.55 6.29 -6.03
C PRO B 63 13.08 6.61 -6.31
N THR B 64 12.15 6.05 -5.56
CA THR B 64 10.73 6.31 -5.80
C THR B 64 10.48 7.79 -5.49
N ARG B 65 11.00 8.27 -4.38
CA ARG B 65 10.82 9.69 -4.00
C ARG B 65 11.50 10.56 -5.07
N ASP B 66 12.67 10.16 -5.56
CA ASP B 66 13.43 10.96 -6.55
C ASP B 66 12.67 11.03 -7.88
N LEU B 67 11.83 10.06 -8.25
CA LEU B 67 11.07 10.12 -9.53
C LEU B 67 10.12 11.30 -9.40
N LEU B 68 9.52 11.44 -8.24
CA LEU B 68 8.61 12.57 -8.02
C LEU B 68 9.40 13.87 -8.00
N GLY B 69 10.51 13.94 -7.27
CA GLY B 69 11.42 15.10 -7.24
C GLY B 69 11.76 15.59 -8.64
N GLU B 70 12.15 14.67 -9.48
CA GLU B 70 12.70 14.91 -10.82
C GLU B 70 11.51 15.32 -11.69
N ALA B 71 10.33 14.72 -11.52
CA ALA B 71 9.14 15.09 -12.32
C ALA B 71 8.76 16.55 -11.99
N LEU B 72 8.68 16.92 -10.73
CA LEU B 72 8.28 18.28 -10.31
C LEU B 72 9.38 19.25 -10.74
N ALA B 73 10.66 18.87 -10.71
CA ALA B 73 11.75 19.75 -11.16
C ALA B 73 11.59 20.00 -12.68
N GLU B 74 11.28 18.97 -13.44
CA GLU B 74 11.09 19.12 -14.89
C GLU B 74 9.85 20.03 -15.10
N LEU B 75 8.78 19.87 -14.38
CA LEU B 75 7.57 20.70 -14.64
C LEU B 75 7.81 22.17 -14.28
N GLU B 76 8.61 22.47 -13.25
CA GLU B 76 8.83 23.85 -12.75
C GLU B 76 10.02 24.51 -13.46
N GLY B 77 10.84 23.74 -14.18
CA GLY B 77 12.08 24.20 -14.84
C GLY B 77 13.21 24.43 -13.86
N GLY B 78 13.37 23.53 -12.88
CA GLY B 78 14.39 23.65 -11.83
C GLY B 78 15.53 22.66 -11.97
N ALA B 79 16.54 22.77 -11.12
CA ALA B 79 17.72 21.88 -11.23
C ALA B 79 17.45 20.57 -10.49
N GLY B 80 16.45 20.54 -9.61
CA GLY B 80 16.14 19.33 -8.85
C GLY B 80 15.02 19.59 -7.90
N GLY B 81 14.49 18.54 -7.27
CA GLY B 81 13.35 18.64 -6.35
C GLY B 81 13.57 17.79 -5.12
N VAL B 82 13.09 18.27 -3.97
CA VAL B 82 13.14 17.56 -2.66
C VAL B 82 11.69 17.36 -2.22
N ILE B 83 11.36 16.15 -1.80
CA ILE B 83 9.99 15.77 -1.41
C ILE B 83 9.97 15.63 0.09
N THR B 84 9.06 16.32 0.75
CA THR B 84 9.02 16.36 2.23
C THR B 84 7.76 15.63 2.67
N SER B 85 7.62 15.37 3.97
CA SER B 85 6.46 14.63 4.53
C SER B 85 5.18 15.47 4.44
N THR B 86 5.28 16.81 4.52
CA THR B 86 4.10 17.72 4.45
C THR B 86 4.50 18.96 3.65
N GLY B 87 3.52 19.72 3.20
CA GLY B 87 3.77 21.05 2.62
C GLY B 87 4.37 22.01 3.66
N MET B 88 3.87 21.98 4.88
CA MET B 88 4.47 22.80 5.98
C MET B 88 5.94 22.43 6.15
N GLY B 89 6.27 21.15 5.97
CA GLY B 89 7.66 20.69 6.01
C GLY B 89 8.51 21.27 4.93
N ALA B 90 7.95 21.51 3.74
CA ALA B 90 8.71 22.06 2.62
C ALA B 90 9.05 23.52 2.97
N ILE B 91 8.12 24.25 3.56
CA ILE B 91 8.38 25.65 4.01
C ILE B 91 9.44 25.60 5.13
N ASN B 92 9.26 24.71 6.10
CA ASN B 92 10.25 24.49 7.19
C ASN B 92 11.63 24.25 6.60
N LEU B 93 11.74 23.35 5.64
CA LEU B 93 13.03 23.04 5.02
C LEU B 93 13.66 24.33 4.48
N VAL B 94 12.88 25.18 3.82
CA VAL B 94 13.42 26.38 3.14
C VAL B 94 13.94 27.36 4.21
N LEU B 95 13.18 27.54 5.29
CA LEU B 95 13.54 28.45 6.41
C LEU B 95 14.88 27.99 7.01
N ASN B 96 15.10 26.68 7.17
CA ASN B 96 16.34 26.14 7.78
C ASN B 96 17.47 26.20 6.76
N ALA B 97 17.22 25.94 5.50
CA ALA B 97 18.34 25.93 4.56
C ALA B 97 18.85 27.36 4.29
N VAL B 98 18.01 28.38 4.50
CA VAL B 98 18.32 29.71 3.88
C VAL B 98 18.60 30.77 4.96
N LEU B 99 17.94 30.72 6.11
CA LEU B 99 17.95 31.77 7.16
C LEU B 99 18.75 31.33 8.39
N GLN B 100 19.41 32.28 9.06
CA GLN B 100 19.95 32.14 10.44
C GLN B 100 19.56 33.37 11.26
N PRO B 101 19.68 33.36 12.61
CA PRO B 101 19.38 34.57 13.39
C PRO B 101 20.14 35.79 12.85
N GLY B 102 19.45 36.94 12.84
CA GLY B 102 19.96 38.18 12.22
C GLY B 102 19.48 38.37 10.80
N ASP B 103 19.22 37.30 10.03
CA ASP B 103 18.57 37.38 8.69
C ASP B 103 17.12 37.84 8.86
N THR B 104 16.58 38.60 7.91
CA THR B 104 15.14 38.93 7.96
C THR B 104 14.43 38.29 6.77
N LEU B 105 13.20 37.86 7.04
CA LEU B 105 12.28 37.18 6.11
C LEU B 105 11.11 38.12 5.83
N VAL B 106 10.79 38.31 4.56
CA VAL B 106 9.55 39.04 4.16
C VAL B 106 8.50 38.02 3.70
N VAL B 107 7.32 38.12 4.29
CA VAL B 107 6.20 37.22 3.98
C VAL B 107 4.97 38.08 3.66
N PRO B 108 4.05 37.56 2.83
CA PRO B 108 2.77 38.23 2.59
C PRO B 108 1.89 38.27 3.84
N HIS B 109 1.09 39.32 3.96
CA HIS B 109 0.13 39.53 5.08
C HIS B 109 -1.03 38.54 4.99
N ASP B 110 -1.29 37.96 3.81
CA ASP B 110 -2.49 37.10 3.59
C ASP B 110 -2.06 35.66 3.19
N ALA B 111 -0.86 35.26 3.62
CA ALA B 111 -0.31 33.90 3.43
C ALA B 111 -1.18 32.87 4.16
N TYR B 112 -1.15 31.62 3.69
CA TYR B 112 -1.80 30.44 4.35
C TYR B 112 -1.60 30.54 5.88
N GLY B 113 -2.68 30.37 6.62
CA GLY B 113 -2.76 30.42 8.10
C GLY B 113 -1.65 29.61 8.79
N GLY B 114 -1.32 28.44 8.26
CA GLY B 114 -0.25 27.55 8.77
C GLY B 114 1.11 28.11 8.48
N SER B 115 1.27 28.75 7.34
CA SER B 115 2.50 29.52 7.08
C SER B 115 2.62 30.62 8.16
N TRP B 116 1.57 31.40 8.38
CA TRP B 116 1.55 32.50 9.38
C TRP B 116 1.97 31.88 10.71
N ARG B 117 1.36 30.75 11.08
CA ARG B 117 1.64 30.16 12.43
C ARG B 117 3.12 29.78 12.55
N LEU B 118 3.72 29.24 11.51
CA LEU B 118 5.09 28.74 11.60
C LEU B 118 6.02 29.96 11.63
N PHE B 119 5.79 30.97 10.75
CA PHE B 119 6.70 32.15 10.69
C PHE B 119 6.68 32.82 12.06
N ASN B 120 5.49 32.97 12.63
CA ASN B 120 5.30 33.78 13.85
C ASN B 120 5.86 33.00 15.06
N ALA B 121 5.95 31.67 15.04
CA ALA B 121 6.46 30.89 16.21
C ALA B 121 7.99 30.88 16.17
N LEU B 122 8.54 30.73 14.97
CA LEU B 122 10.01 30.67 14.81
C LEU B 122 10.58 32.09 15.01
N ALA B 123 9.86 33.14 14.60
CA ALA B 123 10.25 34.55 14.88
C ALA B 123 10.20 34.84 16.39
N LYS B 124 9.20 34.38 17.14
CA LYS B 124 9.17 34.59 18.61
C LYS B 124 10.40 33.94 19.27
N LYS B 125 10.97 32.90 18.70
CA LYS B 125 12.15 32.22 19.30
C LYS B 125 13.42 32.96 18.89
N GLY B 126 13.36 33.77 17.85
CA GLY B 126 14.53 34.52 17.36
C GLY B 126 15.31 33.75 16.31
N HIS B 127 14.69 32.85 15.55
CA HIS B 127 15.41 32.15 14.44
C HIS B 127 15.65 33.11 13.28
N PHE B 128 14.81 34.13 13.11
CA PHE B 128 15.02 35.20 12.10
C PHE B 128 14.11 36.37 12.46
N ALA B 129 14.32 37.53 11.84
CA ALA B 129 13.34 38.63 11.98
C ALA B 129 12.31 38.50 10.87
N LEU B 130 11.08 38.84 11.19
CA LEU B 130 9.91 38.70 10.32
C LEU B 130 9.45 40.09 9.91
N ILE B 131 9.35 40.38 8.62
CA ILE B 131 8.52 41.53 8.13
C ILE B 131 7.33 40.96 7.38
N THR B 132 6.14 41.33 7.82
CA THR B 132 4.85 40.96 7.21
C THR B 132 4.39 42.18 6.37
N ALA B 133 4.46 42.10 5.02
CA ALA B 133 4.09 43.17 4.05
C ALA B 133 2.93 42.77 3.11
N ASP B 134 2.29 43.74 2.46
CA ASP B 134 1.34 43.50 1.36
C ASP B 134 2.12 43.57 0.06
N LEU B 135 2.39 42.45 -0.60
CA LEU B 135 3.32 42.53 -1.77
C LEU B 135 2.59 43.12 -2.99
N THR B 136 1.28 43.35 -2.93
CA THR B 136 0.51 43.89 -4.08
C THR B 136 0.58 45.42 -4.08
N VAL B 137 1.09 46.04 -3.01
CA VAL B 137 1.19 47.52 -2.81
C VAL B 137 2.66 47.96 -2.89
N PRO B 138 3.08 48.71 -3.93
CA PRO B 138 4.47 49.16 -4.08
C PRO B 138 5.14 49.74 -2.82
N ARG B 139 4.43 50.57 -2.06
CA ARG B 139 5.01 51.22 -0.86
C ARG B 139 5.38 50.10 0.15
N SER B 140 4.41 49.26 0.55
CA SER B 140 4.60 48.13 1.50
C SER B 140 5.80 47.27 1.09
N LEU B 141 5.91 46.95 -0.18
CA LEU B 141 7.01 46.09 -0.67
C LEU B 141 8.34 46.82 -0.52
N ALA B 142 8.47 48.06 -1.06
CA ALA B 142 9.74 48.83 -1.08
C ALA B 142 10.22 49.10 0.36
N ASP B 143 9.32 49.34 1.30
CA ASP B 143 9.67 49.45 2.75
C ASP B 143 10.23 48.13 3.29
N ALA B 144 9.66 47.00 2.92
CA ALA B 144 10.17 45.68 3.32
C ALA B 144 11.54 45.45 2.68
N LEU B 145 11.70 45.78 1.40
CA LEU B 145 12.96 45.47 0.68
C LEU B 145 14.08 46.42 1.10
N ALA B 146 13.72 47.55 1.68
CA ALA B 146 14.71 48.56 2.12
C ALA B 146 15.45 48.03 3.36
N GLN B 147 14.92 47.00 4.03
CA GLN B 147 15.49 46.35 5.25
C GLN B 147 16.46 45.22 4.92
N SER B 148 16.92 45.12 3.68
CA SER B 148 17.92 44.13 3.19
C SER B 148 17.55 42.72 3.61
N PRO B 149 16.34 42.20 3.26
CA PRO B 149 15.92 40.87 3.70
C PRO B 149 16.70 39.79 2.95
N LYS B 150 16.88 38.64 3.57
CA LYS B 150 17.65 37.52 2.97
C LYS B 150 16.72 36.75 2.02
N LEU B 151 15.43 36.65 2.37
CA LEU B 151 14.40 35.82 1.70
C LEU B 151 13.09 36.60 1.66
N VAL B 152 12.48 36.57 0.49
CA VAL B 152 11.08 37.03 0.27
C VAL B 152 10.24 35.82 -0.15
N LEU B 153 9.14 35.61 0.54
CA LEU B 153 8.18 34.54 0.22
C LEU B 153 6.96 35.16 -0.45
N ILE B 154 6.60 34.63 -1.61
CA ILE B 154 5.38 35.03 -2.35
C ILE B 154 4.40 33.84 -2.38
N GLU B 155 3.13 34.12 -2.15
CA GLU B 155 2.03 33.15 -2.27
C GLU B 155 0.96 33.73 -3.19
N THR B 156 0.91 33.30 -4.43
CA THR B 156 -0.07 33.84 -5.41
C THR B 156 -0.61 32.67 -6.21
N PRO B 157 -1.93 32.58 -6.39
CA PRO B 157 -2.90 33.44 -5.72
C PRO B 157 -2.95 33.12 -4.24
N SER B 158 -3.43 34.08 -3.49
CA SER B 158 -3.51 33.98 -2.01
C SER B 158 -4.76 33.20 -1.58
N ASN B 159 -4.63 32.58 -0.42
CA ASN B 159 -5.67 31.72 0.17
C ASN B 159 -6.21 32.47 1.38
N PRO B 160 -7.50 32.82 1.44
CA PRO B 160 -8.50 32.45 0.44
C PRO B 160 -9.16 33.56 -0.40
N LEU B 161 -8.54 34.73 -0.55
CA LEU B 161 -9.20 35.87 -1.22
C LEU B 161 -8.65 36.04 -2.63
N LEU B 162 -7.66 35.24 -3.01
CA LEU B 162 -7.24 35.09 -4.42
C LEU B 162 -6.57 36.42 -4.87
N ARG B 163 -5.79 37.03 -3.99
CA ARG B 163 -5.02 38.25 -4.29
C ARG B 163 -3.86 37.77 -5.16
N ILE B 164 -3.52 38.53 -6.21
CA ILE B 164 -2.50 38.16 -7.21
C ILE B 164 -1.27 39.03 -6.98
N THR B 165 -0.09 38.43 -6.89
CA THR B 165 1.12 39.24 -6.74
C THR B 165 1.92 39.08 -8.01
N ASP B 166 2.59 40.18 -8.39
CA ASP B 166 3.27 40.34 -9.70
C ASP B 166 4.62 39.66 -9.59
N LEU B 167 4.73 38.45 -10.13
CA LEU B 167 5.94 37.64 -9.98
C LEU B 167 7.15 38.41 -10.52
N ARG B 168 7.16 38.80 -11.81
CA ARG B 168 8.26 39.58 -12.44
C ARG B 168 8.63 40.76 -11.53
N PHE B 169 7.66 41.59 -11.15
CA PHE B 169 7.94 42.83 -10.39
C PHE B 169 8.63 42.49 -9.05
N VAL B 170 8.01 41.64 -8.23
CA VAL B 170 8.55 41.34 -6.88
C VAL B 170 9.89 40.62 -7.00
N ILE B 171 10.03 39.70 -7.94
CA ILE B 171 11.29 38.94 -8.04
C ILE B 171 12.41 39.91 -8.42
N GLU B 172 12.24 40.71 -9.47
CA GLU B 172 13.25 41.71 -9.94
C GLU B 172 13.59 42.64 -8.75
N ALA B 173 12.60 43.15 -8.02
CA ALA B 173 12.85 44.10 -6.92
C ALA B 173 13.64 43.39 -5.82
N ALA B 174 13.35 42.12 -5.56
CA ALA B 174 14.07 41.34 -4.54
C ALA B 174 15.50 41.08 -5.01
N LYS B 175 15.75 40.81 -6.29
CA LYS B 175 17.15 40.67 -6.75
C LYS B 175 17.90 41.99 -6.55
N LYS B 176 17.33 43.15 -6.86
CA LYS B 176 18.10 44.43 -6.82
C LYS B 176 18.62 44.62 -5.37
N VAL B 177 17.97 44.12 -4.32
CA VAL B 177 18.49 44.24 -2.94
C VAL B 177 19.19 42.96 -2.46
N GLY B 178 19.50 42.00 -3.34
CA GLY B 178 20.23 40.77 -2.97
C GLY B 178 19.39 39.74 -2.21
N ALA B 179 18.06 39.81 -2.27
CA ALA B 179 17.21 38.84 -1.56
C ALA B 179 16.94 37.63 -2.47
N LEU B 180 16.87 36.43 -1.87
CA LEU B 180 16.33 35.22 -2.54
C LEU B 180 14.80 35.32 -2.54
N THR B 181 14.15 34.77 -3.57
CA THR B 181 12.68 34.64 -3.60
C THR B 181 12.28 33.16 -3.59
N VAL B 182 11.28 32.85 -2.77
CA VAL B 182 10.60 31.54 -2.80
C VAL B 182 9.12 31.78 -3.09
N VAL B 183 8.58 31.07 -4.07
CA VAL B 183 7.11 31.16 -4.32
C VAL B 183 6.39 29.85 -3.88
N ASP B 184 5.34 29.98 -3.11
CA ASP B 184 4.39 28.90 -2.80
C ASP B 184 3.35 28.85 -3.92
N ASN B 185 3.51 27.89 -4.80
CA ASN B 185 2.76 27.68 -6.04
C ASN B 185 1.73 26.54 -5.84
N THR B 186 1.24 26.33 -4.61
CA THR B 186 0.27 25.27 -4.30
C THR B 186 -1.06 25.43 -5.08
N PHE B 187 -1.66 26.61 -5.04
CA PHE B 187 -3.02 26.91 -5.53
C PHE B 187 -3.19 26.66 -7.02
N LEU B 188 -2.15 26.78 -7.82
CA LEU B 188 -2.27 26.66 -9.29
C LEU B 188 -1.52 25.46 -9.80
N SER B 189 -0.49 25.00 -9.06
CA SER B 189 0.33 23.84 -9.50
C SER B 189 1.23 24.29 -10.64
N PRO B 190 2.20 23.45 -11.00
CA PRO B 190 3.09 23.76 -12.11
C PRO B 190 2.38 23.82 -13.46
N ALA B 191 1.21 23.21 -13.58
CA ALA B 191 0.52 23.16 -14.90
C ALA B 191 -0.09 24.54 -15.21
N LEU B 192 -0.30 25.44 -14.23
CA LEU B 192 -0.97 26.73 -14.44
C LEU B 192 -0.07 27.94 -14.10
N GLN B 193 1.14 27.75 -13.55
CA GLN B 193 2.04 28.84 -13.17
C GLN B 193 3.43 28.26 -12.94
N LYS B 194 4.42 28.89 -13.56
CA LYS B 194 5.85 28.53 -13.42
C LYS B 194 6.67 29.70 -12.88
N PRO B 195 6.74 29.90 -11.56
CA PRO B 195 7.46 31.03 -10.99
C PRO B 195 8.93 31.11 -11.39
N LEU B 196 9.58 29.99 -11.59
CA LEU B 196 11.01 30.02 -11.98
C LEU B 196 11.18 30.64 -13.38
N ASP B 197 10.17 30.64 -14.23
CA ASP B 197 10.24 31.27 -15.59
C ASP B 197 10.51 32.78 -15.40
N PHE B 198 10.07 33.37 -14.30
CA PHE B 198 10.21 34.81 -13.97
C PHE B 198 11.43 35.10 -13.09
N GLY B 199 12.30 34.11 -12.90
CA GLY B 199 13.60 34.27 -12.21
C GLY B 199 13.56 33.91 -10.72
N ALA B 200 12.48 33.34 -10.15
CA ALA B 200 12.45 33.01 -8.68
C ALA B 200 13.56 31.99 -8.37
N ASP B 201 14.08 31.99 -7.15
CA ASP B 201 15.14 31.00 -6.73
C ASP B 201 14.53 29.62 -6.40
N LEU B 202 13.37 29.62 -5.78
CA LEU B 202 12.73 28.46 -5.16
C LEU B 202 11.25 28.50 -5.50
N VAL B 203 10.71 27.36 -5.85
CA VAL B 203 9.23 27.17 -5.85
C VAL B 203 8.92 25.98 -4.94
N LEU B 204 7.87 26.08 -4.15
CA LEU B 204 7.43 24.98 -3.29
C LEU B 204 5.92 24.78 -3.35
N HIS B 205 5.49 23.56 -3.00
CA HIS B 205 4.09 23.10 -3.05
C HIS B 205 3.74 22.31 -1.82
N SER B 206 2.47 22.35 -1.46
CA SER B 206 1.80 21.26 -0.75
C SER B 206 1.29 20.28 -1.81
N THR B 207 1.95 19.13 -1.95
CA THR B 207 1.56 18.12 -2.95
C THR B 207 0.25 17.52 -2.51
N THR B 208 -0.15 17.77 -1.27
CA THR B 208 -1.43 17.31 -0.73
C THR B 208 -2.60 17.76 -1.62
N LYS B 209 -2.43 18.86 -2.36
CA LYS B 209 -3.56 19.57 -3.04
C LYS B 209 -3.67 19.02 -4.47
N TYR B 210 -3.45 19.82 -5.50
CA TYR B 210 -3.68 19.46 -6.90
C TYR B 210 -2.67 18.42 -7.38
N ILE B 211 -1.41 18.47 -6.98
CA ILE B 211 -0.40 17.55 -7.57
C ILE B 211 -0.84 16.10 -7.27
N ASN B 212 -1.17 15.81 -6.03
CA ASN B 212 -1.71 14.48 -5.66
C ASN B 212 -3.12 14.31 -6.26
N GLY B 213 -4.05 15.18 -5.84
CA GLY B 213 -5.34 15.32 -6.49
C GLY B 213 -6.37 14.38 -5.94
N HIS B 214 -5.98 13.43 -5.07
CA HIS B 214 -6.94 12.41 -4.58
C HIS B 214 -7.10 12.40 -3.05
N SER B 215 -6.67 13.46 -2.40
CA SER B 215 -7.00 13.66 -0.97
C SER B 215 -6.60 12.41 -0.15
N ASP B 216 -5.47 11.78 -0.46
CA ASP B 216 -5.04 10.58 0.27
C ASP B 216 -3.51 10.58 0.46
N VAL B 217 -2.90 11.74 0.40
CA VAL B 217 -1.45 11.94 0.70
C VAL B 217 -1.33 13.35 1.26
N VAL B 218 -0.62 13.51 2.36
CA VAL B 218 -0.11 14.82 2.81
C VAL B 218 1.36 14.77 2.43
N GLY B 219 1.84 15.81 1.74
CA GLY B 219 3.23 15.89 1.24
C GLY B 219 3.63 17.30 0.76
N GLY B 220 4.92 17.52 0.62
CA GLY B 220 5.46 18.78 0.12
C GLY B 220 6.58 18.55 -0.88
N ALA B 221 6.92 19.60 -1.59
CA ALA B 221 8.00 19.61 -2.57
C ALA B 221 8.67 20.99 -2.61
N VAL B 222 9.96 21.02 -2.87
CA VAL B 222 10.71 22.26 -3.10
C VAL B 222 11.58 22.02 -4.31
N VAL B 223 11.49 22.90 -5.28
CA VAL B 223 12.32 22.86 -6.50
C VAL B 223 13.15 24.15 -6.49
N ALA B 224 14.46 24.01 -6.58
CA ALA B 224 15.39 25.14 -6.71
C ALA B 224 15.75 25.31 -8.17
N ARG B 225 15.84 26.54 -8.64
CA ARG B 225 16.39 26.86 -9.98
C ARG B 225 17.83 26.35 -10.04
N ASP B 226 18.66 26.65 -9.05
CA ASP B 226 20.14 26.46 -9.17
C ASP B 226 20.56 25.15 -8.46
N ALA B 227 21.41 24.37 -9.12
CA ALA B 227 22.01 23.10 -8.62
C ALA B 227 22.57 23.26 -7.20
N GLU B 228 23.34 24.31 -6.90
CA GLU B 228 23.95 24.45 -5.56
C GLU B 228 22.86 24.63 -4.51
N LEU B 229 21.79 25.38 -4.77
CA LEU B 229 20.75 25.55 -3.73
C LEU B 229 19.97 24.22 -3.55
N HIS B 230 19.78 23.45 -4.62
CA HIS B 230 19.13 22.12 -4.56
C HIS B 230 19.92 21.20 -3.60
N GLN B 231 21.24 21.11 -3.76
CA GLN B 231 22.17 20.28 -2.93
C GLN B 231 22.14 20.73 -1.46
N GLN B 232 21.98 22.01 -1.19
CA GLN B 232 21.78 22.49 0.20
C GLN B 232 20.43 21.98 0.72
N LEU B 233 19.38 21.98 -0.10
CA LEU B 233 18.03 21.53 0.38
C LEU B 233 18.08 20.00 0.67
N VAL B 234 18.77 19.26 -0.20
CA VAL B 234 18.99 17.79 -0.03
C VAL B 234 19.68 17.59 1.32
N TRP B 235 20.73 18.38 1.60
CA TRP B 235 21.53 18.20 2.83
C TRP B 235 20.62 18.50 4.05
N TRP B 236 19.88 19.60 4.03
CA TRP B 236 19.05 19.97 5.20
C TRP B 236 17.89 19.00 5.38
N ALA B 237 17.29 18.53 4.29
CA ALA B 237 16.13 17.60 4.37
C ALA B 237 16.56 16.30 5.07
N ASN B 238 17.75 15.80 4.74
CA ASN B 238 18.36 14.60 5.35
C ASN B 238 18.68 14.87 6.83
N ALA B 239 19.27 16.03 7.15
CA ALA B 239 19.80 16.30 8.50
C ALA B 239 18.66 16.54 9.47
N LEU B 240 17.60 17.20 9.03
CA LEU B 240 16.38 17.50 9.85
C LEU B 240 15.39 16.33 9.82
N GLY B 241 15.57 15.40 8.90
CA GLY B 241 14.65 14.25 8.79
C GLY B 241 13.26 14.65 8.29
N LEU B 242 13.20 15.55 7.31
CA LEU B 242 11.94 16.15 6.79
C LEU B 242 11.50 15.35 5.56
N THR B 243 12.30 14.38 5.10
CA THR B 243 11.98 13.66 3.84
C THR B 243 10.74 12.83 4.00
N GLY B 244 10.10 12.59 2.85
CA GLY B 244 8.80 11.91 2.73
C GLY B 244 8.91 10.39 2.61
N SER B 245 7.80 9.73 2.87
CA SER B 245 7.62 8.28 2.66
C SER B 245 7.57 7.94 1.16
N PRO B 246 8.27 6.87 0.72
CA PRO B 246 8.19 6.37 -0.64
C PRO B 246 6.78 5.95 -1.07
N PHE B 247 6.00 5.38 -0.17
CA PHE B 247 4.61 5.02 -0.52
C PHE B 247 3.87 6.29 -0.97
N ASP B 248 3.99 7.36 -0.21
CA ASP B 248 3.33 8.67 -0.50
C ASP B 248 3.85 9.25 -1.82
N ALA B 249 5.10 9.07 -2.12
CA ALA B 249 5.68 9.54 -3.39
C ALA B 249 5.05 8.76 -4.55
N PHE B 250 4.90 7.46 -4.35
CA PHE B 250 4.28 6.59 -5.35
C PHE B 250 2.85 7.09 -5.59
N LEU B 251 2.03 7.31 -4.60
CA LEU B 251 0.64 7.75 -4.87
C LEU B 251 0.66 9.15 -5.50
N THR B 252 1.55 10.02 -5.04
CA THR B 252 1.64 11.41 -5.56
C THR B 252 2.02 11.34 -7.05
N LEU B 253 3.03 10.56 -7.42
CA LEU B 253 3.41 10.44 -8.83
C LEU B 253 2.20 9.92 -9.64
N ARG B 254 1.46 8.95 -9.13
CA ARG B 254 0.29 8.40 -9.85
C ARG B 254 -0.74 9.52 -10.09
N GLY B 255 -1.03 10.29 -9.04
CA GLY B 255 -1.85 11.51 -9.08
C GLY B 255 -1.39 12.46 -10.17
N LEU B 256 -0.10 12.76 -10.22
CA LEU B 256 0.48 13.77 -11.12
C LEU B 256 0.09 13.40 -12.55
N ARG B 257 0.03 12.11 -12.86
CA ARG B 257 -0.18 11.69 -14.26
C ARG B 257 -1.51 12.24 -14.81
N THR B 258 -2.49 12.55 -13.98
CA THR B 258 -3.79 13.12 -14.41
C THR B 258 -3.93 14.63 -14.08
N LEU B 259 -2.89 15.31 -13.61
CA LEU B 259 -2.98 16.75 -13.23
C LEU B 259 -3.55 17.57 -14.42
N ASP B 260 -3.00 17.47 -15.64
CA ASP B 260 -3.46 18.19 -16.86
C ASP B 260 -4.93 17.85 -17.17
N ALA B 261 -5.28 16.57 -17.21
CA ALA B 261 -6.63 16.10 -17.54
C ALA B 261 -7.59 16.62 -16.48
N ARG B 262 -7.21 16.51 -15.21
CA ARG B 262 -8.06 16.98 -14.11
C ARG B 262 -8.30 18.50 -14.25
N LEU B 263 -7.26 19.30 -14.45
CA LEU B 263 -7.40 20.78 -14.42
C LEU B 263 -8.24 21.24 -15.63
N ARG B 264 -8.28 20.51 -16.72
CA ARG B 264 -9.23 20.92 -17.79
C ARG B 264 -10.64 20.90 -17.25
N VAL B 265 -11.00 19.90 -16.46
CA VAL B 265 -12.41 19.78 -16.02
C VAL B 265 -12.59 20.77 -14.89
N HIS B 266 -11.62 20.87 -13.98
CA HIS B 266 -11.74 21.81 -12.83
C HIS B 266 -12.09 23.21 -13.37
N GLN B 267 -11.34 23.65 -14.38
CA GLN B 267 -11.41 25.03 -14.94
C GLN B 267 -12.72 25.24 -15.72
N GLU B 268 -13.20 24.22 -16.44
CA GLU B 268 -14.53 24.28 -17.08
C GLU B 268 -15.55 24.52 -15.98
N ASN B 269 -15.52 23.72 -14.91
CA ASN B 269 -16.54 23.81 -13.84
C ASN B 269 -16.46 25.15 -13.12
N ALA B 270 -15.27 25.61 -12.80
CA ALA B 270 -15.06 26.86 -12.03
C ALA B 270 -15.60 28.03 -12.86
N ASP B 271 -15.45 27.99 -14.18
CA ASP B 271 -15.91 29.09 -15.06
C ASP B 271 -17.45 29.11 -15.00
N ALA B 272 -18.09 27.95 -15.07
CA ALA B 272 -19.57 27.88 -15.02
C ALA B 272 -20.04 28.34 -13.64
N ILE B 273 -19.30 28.09 -12.55
CA ILE B 273 -19.80 28.40 -11.19
C ILE B 273 -19.59 29.88 -10.90
N ALA B 274 -18.48 30.45 -11.35
CA ALA B 274 -18.21 31.90 -11.25
C ALA B 274 -19.33 32.66 -11.96
N GLU B 275 -19.70 32.24 -13.17
CA GLU B 275 -20.82 32.89 -13.88
C GLU B 275 -22.13 32.81 -13.06
N LEU B 276 -22.42 31.72 -12.33
CA LEU B 276 -23.68 31.59 -11.53
C LEU B 276 -23.55 32.55 -10.35
N LEU B 277 -22.40 32.60 -9.68
CA LEU B 277 -22.30 33.36 -8.42
C LEU B 277 -22.20 34.88 -8.65
N ASP B 278 -21.53 35.32 -9.71
CA ASP B 278 -21.17 36.75 -9.86
C ASP B 278 -22.44 37.57 -10.23
N GLY B 279 -22.85 38.51 -9.36
CA GLY B 279 -24.09 39.30 -9.49
C GLY B 279 -25.39 38.49 -9.34
N HIS B 280 -25.37 37.22 -8.91
CA HIS B 280 -26.55 36.54 -8.30
C HIS B 280 -27.01 37.37 -7.09
N ALA B 281 -28.32 37.49 -6.91
CA ALA B 281 -28.96 38.34 -5.88
C ALA B 281 -28.44 38.00 -4.49
N MET B 282 -28.11 36.74 -4.18
CA MET B 282 -27.73 36.33 -2.79
C MET B 282 -26.22 36.42 -2.56
N VAL B 283 -25.44 36.87 -3.54
CA VAL B 283 -23.95 36.90 -3.47
C VAL B 283 -23.49 38.37 -3.53
N ASN B 284 -22.82 38.84 -2.49
CA ASN B 284 -22.38 40.25 -2.36
C ASN B 284 -21.06 40.44 -3.11
N GLN B 285 -20.13 39.49 -3.06
CA GLN B 285 -18.81 39.56 -3.75
C GLN B 285 -18.36 38.14 -4.11
N VAL B 286 -17.77 37.95 -5.29
CA VAL B 286 -16.99 36.75 -5.67
C VAL B 286 -15.52 37.15 -5.77
N TYR B 287 -14.65 36.34 -5.20
CA TYR B 287 -13.18 36.43 -5.35
C TYR B 287 -12.75 35.29 -6.27
N PHE B 288 -12.54 35.61 -7.53
CA PHE B 288 -12.12 34.64 -8.56
C PHE B 288 -11.36 35.42 -9.63
N PRO B 289 -10.07 35.10 -9.85
CA PRO B 289 -9.24 35.86 -10.76
C PRO B 289 -9.71 35.83 -12.20
N GLY B 290 -10.62 34.93 -12.54
CA GLY B 290 -11.19 34.82 -13.88
C GLY B 290 -12.13 35.97 -14.21
N LEU B 291 -12.68 36.65 -13.21
CA LEU B 291 -13.64 37.75 -13.42
C LEU B 291 -12.85 39.03 -13.73
N ALA B 292 -13.21 39.73 -14.81
CA ALA B 292 -12.56 40.98 -15.24
C ALA B 292 -12.60 42.01 -14.12
N THR B 293 -13.58 41.94 -13.23
CA THR B 293 -13.75 42.93 -12.14
C THR B 293 -12.79 42.60 -11.01
N HIS B 294 -12.14 41.45 -11.00
CA HIS B 294 -11.28 41.06 -9.86
C HIS B 294 -9.94 41.82 -9.91
N PRO B 295 -9.57 42.55 -8.84
CA PRO B 295 -8.23 43.13 -8.76
C PRO B 295 -7.20 42.01 -8.93
N GLY B 296 -6.38 42.09 -9.96
CA GLY B 296 -5.37 41.06 -10.32
C GLY B 296 -5.76 40.23 -11.54
N HIS B 297 -6.97 40.41 -12.08
CA HIS B 297 -7.43 39.66 -13.26
C HIS B 297 -6.39 39.72 -14.37
N ALA B 298 -5.94 40.90 -14.74
CA ALA B 298 -5.05 41.02 -15.93
C ALA B 298 -3.68 40.43 -15.62
N LEU B 299 -3.18 40.64 -14.42
CA LEU B 299 -1.92 40.00 -13.96
C LEU B 299 -2.06 38.47 -14.06
N ALA B 300 -3.18 37.94 -13.57
CA ALA B 300 -3.43 36.49 -13.55
C ALA B 300 -3.50 35.99 -14.99
N ALA B 301 -4.13 36.75 -15.90
CA ALA B 301 -4.24 36.37 -17.33
C ALA B 301 -2.85 36.29 -17.93
N ARG B 302 -1.90 37.10 -17.45
CA ARG B 302 -0.53 37.18 -18.03
C ARG B 302 0.40 36.13 -17.39
N GLN B 303 0.43 35.98 -16.06
CA GLN B 303 1.49 35.15 -15.39
C GLN B 303 1.01 33.71 -15.13
N GLN B 304 -0.24 33.39 -15.46
CA GLN B 304 -0.92 32.08 -15.28
C GLN B 304 -1.38 31.60 -16.64
N LYS B 305 -1.29 30.30 -16.87
CA LYS B 305 -1.89 29.61 -18.02
C LYS B 305 -3.40 29.44 -17.80
N GLY B 306 -3.90 29.60 -16.59
CA GLY B 306 -5.35 29.56 -16.39
C GLY B 306 -5.70 30.14 -15.08
N PHE B 307 -7.00 30.31 -14.84
CA PHE B 307 -7.53 31.04 -13.67
C PHE B 307 -7.78 30.08 -12.49
N GLY B 308 -7.71 28.77 -12.73
CA GLY B 308 -7.81 27.76 -11.66
C GLY B 308 -9.24 27.49 -11.27
N ALA B 309 -9.42 26.93 -10.08
CA ALA B 309 -10.71 26.35 -9.65
C ALA B 309 -10.90 26.56 -8.15
N MET B 310 -10.09 27.42 -7.56
CA MET B 310 -10.34 27.99 -6.21
C MET B 310 -11.09 29.31 -6.40
N MET B 311 -12.13 29.54 -5.61
CA MET B 311 -12.85 30.81 -5.50
C MET B 311 -13.47 30.93 -4.11
N SER B 312 -13.62 32.15 -3.59
CA SER B 312 -14.43 32.38 -2.38
C SER B 312 -15.46 33.47 -2.68
N PHE B 313 -16.46 33.58 -1.81
CA PHE B 313 -17.63 34.42 -2.06
C PHE B 313 -18.30 34.76 -0.71
N GLU B 314 -18.97 35.92 -0.68
CA GLU B 314 -19.64 36.50 0.50
C GLU B 314 -21.14 36.33 0.22
N LEU B 315 -21.79 35.63 1.11
CA LEU B 315 -23.24 35.33 1.02
C LEU B 315 -23.95 36.48 1.73
N GLU B 316 -25.02 37.01 1.15
CA GLU B 316 -25.89 37.99 1.84
C GLU B 316 -26.56 37.25 3.00
N GLY B 317 -26.67 37.84 4.19
CA GLY B 317 -27.58 37.34 5.24
C GLY B 317 -26.90 36.78 6.48
N GLY B 318 -25.61 37.09 6.70
CA GLY B 318 -24.85 36.78 7.92
C GLY B 318 -24.76 35.29 8.20
N GLU B 319 -24.58 34.91 9.46
CA GLU B 319 -24.26 33.51 9.86
C GLU B 319 -25.45 32.59 9.54
N ALA B 320 -26.69 33.05 9.71
CA ALA B 320 -27.89 32.20 9.52
C ALA B 320 -27.97 31.76 8.06
N ALA B 321 -27.51 32.60 7.14
CA ALA B 321 -27.57 32.35 5.68
C ALA B 321 -26.52 31.30 5.29
N VAL B 322 -25.27 31.50 5.74
CA VAL B 322 -24.14 30.52 5.59
C VAL B 322 -24.59 29.12 6.04
N ARG B 323 -25.24 29.02 7.20
CA ARG B 323 -25.66 27.74 7.81
C ARG B 323 -26.70 27.08 6.89
N ALA B 324 -27.71 27.81 6.44
CA ALA B 324 -28.74 27.19 5.58
C ALA B 324 -28.11 26.80 4.25
N PHE B 325 -27.14 27.58 3.74
CA PHE B 325 -26.44 27.25 2.47
C PHE B 325 -25.71 25.92 2.63
N VAL B 326 -24.90 25.81 3.68
CA VAL B 326 -23.93 24.70 3.88
C VAL B 326 -24.66 23.39 4.19
N ASP B 327 -25.62 23.44 5.11
CA ASP B 327 -26.40 22.26 5.56
C ASP B 327 -27.43 21.97 4.47
N GLY B 328 -27.20 20.88 3.73
CA GLY B 328 -28.01 20.45 2.57
C GLY B 328 -27.16 20.17 1.32
N LEU B 329 -25.91 20.65 1.26
CA LEU B 329 -25.02 20.38 0.10
C LEU B 329 -24.81 18.87 -0.10
N ARG B 330 -25.15 18.35 -1.28
CA ARG B 330 -24.94 16.94 -1.66
C ARG B 330 -23.55 16.74 -2.25
N TYR B 331 -22.97 17.73 -2.97
CA TYR B 331 -21.76 17.49 -3.80
C TYR B 331 -20.56 18.33 -3.39
N PHE B 332 -20.70 19.19 -2.40
CA PHE B 332 -19.62 19.98 -1.79
C PHE B 332 -19.53 19.47 -0.35
N THR B 333 -18.45 18.78 -0.03
CA THR B 333 -18.17 18.27 1.33
C THR B 333 -17.58 19.39 2.17
N LEU B 334 -18.16 19.61 3.34
CA LEU B 334 -17.63 20.60 4.29
C LEU B 334 -16.37 20.03 4.94
N ALA B 335 -15.21 20.55 4.55
CA ALA B 335 -13.87 20.03 4.92
C ALA B 335 -12.75 21.03 4.56
N GLU B 336 -11.63 20.87 5.23
CA GLU B 336 -10.39 21.62 4.96
C GLU B 336 -9.71 20.93 3.78
N SER B 337 -8.66 21.56 3.27
CA SER B 337 -7.87 21.14 2.10
C SER B 337 -8.58 21.59 0.82
N LEU B 338 -7.97 21.27 -0.31
CA LEU B 338 -8.42 21.76 -1.61
C LEU B 338 -7.65 20.97 -2.66
N GLY B 339 -7.99 21.11 -3.93
CA GLY B 339 -7.19 20.51 -5.01
C GLY B 339 -7.57 19.07 -5.32
N GLY B 340 -8.56 18.49 -4.66
CA GLY B 340 -8.97 17.11 -4.95
C GLY B 340 -10.01 17.05 -6.06
N VAL B 341 -10.24 15.86 -6.58
CA VAL B 341 -11.23 15.56 -7.63
C VAL B 341 -12.61 15.83 -7.06
N GLU B 342 -12.76 15.74 -5.76
CA GLU B 342 -14.09 15.92 -5.12
C GLU B 342 -14.23 17.38 -4.68
N SER B 343 -15.38 17.97 -4.93
CA SER B 343 -15.68 19.38 -4.57
C SER B 343 -15.79 19.51 -3.05
N LEU B 344 -15.17 20.56 -2.50
CA LEU B 344 -15.12 20.88 -1.06
C LEU B 344 -15.62 22.31 -0.86
N ILE B 345 -16.21 22.56 0.30
CA ILE B 345 -16.49 23.93 0.80
C ILE B 345 -15.88 24.08 2.19
N ALA B 346 -15.37 25.28 2.51
CA ALA B 346 -14.89 25.66 3.84
C ALA B 346 -15.34 27.07 4.21
N HIS B 347 -15.47 27.31 5.51
CA HIS B 347 -15.72 28.61 6.21
C HIS B 347 -14.44 28.96 6.97
N PRO B 348 -13.47 29.71 6.36
CA PRO B 348 -12.08 29.83 6.85
C PRO B 348 -11.75 30.41 8.25
N ALA B 349 -12.63 31.28 8.76
CA ALA B 349 -12.46 32.00 10.04
C ALA B 349 -12.26 30.97 11.18
N SER B 350 -13.29 30.11 11.25
CA SER B 350 -13.51 28.90 12.10
C SER B 350 -12.61 27.73 11.64
N MET B 351 -12.50 27.45 10.32
CA MET B 351 -11.84 26.25 9.77
C MET B 351 -10.36 26.54 9.39
N THR B 352 -10.04 26.93 8.16
CA THR B 352 -8.65 26.91 7.62
C THR B 352 -7.76 28.03 8.22
N HIS B 353 -8.38 29.05 8.81
CA HIS B 353 -7.65 30.30 9.15
C HIS B 353 -7.77 30.54 10.66
N ALA B 354 -8.28 29.56 11.43
CA ALA B 354 -8.43 29.61 12.93
C ALA B 354 -7.05 29.71 13.64
N ALA B 355 -5.96 29.23 12.99
CA ALA B 355 -4.51 29.33 13.35
C ALA B 355 -4.06 30.80 13.59
N MET B 356 -4.61 31.78 12.83
CA MET B 356 -4.41 33.26 12.96
C MET B 356 -5.25 33.84 14.13
N THR B 357 -4.80 34.98 14.69
CA THR B 357 -5.54 35.89 15.64
C THR B 357 -6.73 36.56 14.89
N ALA B 358 -7.82 37.03 15.54
CA ALA B 358 -9.05 37.57 14.87
C ALA B 358 -8.77 38.88 14.05
N GLU B 359 -7.52 39.40 14.06
CA GLU B 359 -7.13 40.75 13.52
C GLU B 359 -5.75 40.74 12.79
N ALA B 360 -5.00 39.62 12.74
CA ALA B 360 -4.05 39.31 11.61
C ALA B 360 -4.88 38.89 10.39
N ARG B 361 -6.15 38.49 10.67
CA ARG B 361 -7.23 38.08 9.72
C ARG B 361 -7.96 39.33 9.17
N ALA B 362 -8.45 40.26 10.02
CA ALA B 362 -9.03 41.56 9.58
C ALA B 362 -8.01 42.36 8.73
N ALA B 363 -6.71 42.34 9.12
CA ALA B 363 -5.51 42.85 8.35
C ALA B 363 -5.35 42.14 6.99
N ALA B 364 -5.55 40.81 6.92
CA ALA B 364 -5.60 39.99 5.69
C ALA B 364 -6.94 40.17 4.93
N GLY B 365 -8.05 40.57 5.61
CA GLY B 365 -9.37 41.03 5.07
C GLY B 365 -10.36 39.86 4.95
N ILE B 366 -10.06 38.77 5.67
CA ILE B 366 -10.86 37.51 5.76
C ILE B 366 -12.02 37.77 6.72
N SER B 367 -13.25 37.83 6.20
CA SER B 367 -14.50 38.11 6.95
C SER B 367 -15.07 36.82 7.51
N ASP B 368 -16.34 36.89 7.99
CA ASP B 368 -17.13 35.82 8.66
C ASP B 368 -18.44 35.51 7.89
N GLY B 369 -18.67 36.02 6.66
CA GLY B 369 -19.80 35.61 5.77
C GLY B 369 -19.30 34.90 4.50
N LEU B 370 -17.97 34.62 4.56
CA LEU B 370 -17.08 34.14 3.48
C LEU B 370 -17.04 32.62 3.48
N LEU B 371 -17.45 32.05 2.35
CA LEU B 371 -17.23 30.64 1.93
C LEU B 371 -16.14 30.55 0.85
N ARG B 372 -15.25 29.57 0.98
CA ARG B 372 -14.27 29.13 -0.05
C ARG B 372 -14.73 27.82 -0.69
N LEU B 373 -14.73 27.74 -2.03
CA LEU B 373 -15.02 26.52 -2.82
C LEU B 373 -13.71 25.98 -3.38
N SER B 374 -13.48 24.67 -3.23
CA SER B 374 -12.51 23.91 -4.03
C SER B 374 -13.37 23.15 -5.02
N ILE B 375 -13.36 23.57 -6.27
CA ILE B 375 -14.27 23.04 -7.30
C ILE B 375 -13.60 21.81 -7.87
N GLY B 376 -14.31 20.69 -7.78
CA GLY B 376 -13.79 19.42 -8.31
C GLY B 376 -14.14 19.21 -9.76
N ILE B 377 -14.16 17.93 -10.17
CA ILE B 377 -14.32 17.49 -11.56
C ILE B 377 -15.61 16.69 -11.72
N GLU B 378 -16.57 16.82 -10.82
CA GLU B 378 -17.95 16.32 -11.06
C GLU B 378 -18.55 17.05 -12.28
N SER B 379 -19.72 16.63 -12.75
CA SER B 379 -20.46 17.32 -13.83
C SER B 379 -20.85 18.72 -13.36
N ALA B 380 -20.53 19.71 -14.16
CA ALA B 380 -20.94 21.13 -13.98
C ALA B 380 -22.40 21.14 -13.55
N GLU B 381 -23.28 20.44 -14.26
CA GLU B 381 -24.72 20.62 -14.00
C GLU B 381 -25.04 20.17 -12.58
N ASP B 382 -24.44 19.10 -12.06
CA ASP B 382 -24.73 18.60 -10.68
C ASP B 382 -24.26 19.65 -9.68
N LEU B 383 -23.08 20.25 -9.89
CA LEU B 383 -22.55 21.23 -8.93
C LEU B 383 -23.45 22.48 -8.97
N LEU B 384 -23.88 22.87 -10.16
CA LEU B 384 -24.71 24.09 -10.35
C LEU B 384 -26.05 23.87 -9.63
N ILE B 385 -26.70 22.73 -9.86
CA ILE B 385 -27.97 22.42 -9.15
C ILE B 385 -27.69 22.51 -7.65
N ASP B 386 -26.56 21.96 -7.21
CA ASP B 386 -26.25 21.91 -5.76
C ASP B 386 -26.11 23.36 -5.24
N LEU B 387 -25.38 24.21 -5.96
CA LEU B 387 -25.14 25.61 -5.48
C LEU B 387 -26.45 26.43 -5.53
N ARG B 388 -27.24 26.28 -6.58
CA ARG B 388 -28.56 26.96 -6.69
C ARG B 388 -29.42 26.63 -5.47
N ALA B 389 -29.52 25.36 -5.11
CA ALA B 389 -30.39 24.92 -3.99
C ALA B 389 -29.90 25.57 -2.70
N GLY B 390 -28.60 25.71 -2.56
CA GLY B 390 -28.02 26.35 -1.38
C GLY B 390 -28.34 27.84 -1.37
N LEU B 391 -28.34 28.48 -2.54
CA LEU B 391 -28.61 29.93 -2.60
C LEU B 391 -30.07 30.13 -2.15
N SER B 392 -31.01 29.29 -2.61
CA SER B 392 -32.46 29.33 -2.19
C SER B 392 -32.60 29.18 -0.68
N ARG B 393 -31.84 28.28 -0.06
CA ARG B 393 -31.98 28.01 1.39
C ARG B 393 -31.47 29.27 2.08
N ALA B 394 -30.42 29.90 1.55
CA ALA B 394 -29.87 31.13 2.16
C ALA B 394 -30.91 32.24 2.03
N GLU B 395 -31.57 32.37 0.86
CA GLU B 395 -32.65 33.36 0.56
C GLU B 395 -33.78 33.20 1.58
N ALA B 396 -34.21 31.96 1.84
CA ALA B 396 -35.35 31.62 2.72
C ALA B 396 -35.11 32.12 4.16
N THR B 397 -33.89 32.54 4.53
CA THR B 397 -33.56 33.06 5.90
C THR B 397 -33.69 34.59 6.02
N LEU B 398 -34.00 35.34 4.96
CA LEU B 398 -34.28 36.83 5.02
C LEU B 398 -35.78 37.13 5.22
N THR C 12 -7.08 -6.70 36.02
CA THR C 12 -5.69 -6.79 35.46
C THR C 12 -5.56 -5.80 34.29
N PRO C 13 -4.42 -5.09 34.17
CA PRO C 13 -3.92 -4.73 32.86
C PRO C 13 -3.25 -5.98 32.25
N CYS C 14 -3.07 -5.97 30.96
CA CYS C 14 -2.31 -6.99 30.21
C CYS C 14 -0.82 -6.61 30.30
N THR C 15 0.07 -7.53 29.94
CA THR C 15 1.51 -7.28 29.72
C THR C 15 1.68 -6.43 28.45
N ALA C 16 2.87 -5.87 28.35
CA ALA C 16 3.34 -5.04 27.25
C ALA C 16 3.38 -5.87 25.97
N ALA C 17 3.80 -7.12 26.02
CA ALA C 17 3.74 -8.00 24.83
C ALA C 17 2.27 -8.17 24.37
N THR C 18 1.32 -8.37 25.27
CA THR C 18 -0.10 -8.54 24.87
C THR C 18 -0.59 -7.24 24.21
N ALA C 19 -0.22 -6.08 24.76
CA ALA C 19 -0.72 -4.78 24.32
C ALA C 19 -0.17 -4.48 22.92
N ALA C 20 1.07 -4.84 22.65
CA ALA C 20 1.69 -4.65 21.33
C ALA C 20 0.98 -5.54 20.30
N VAL C 21 0.70 -6.79 20.65
CA VAL C 21 0.08 -7.74 19.69
C VAL C 21 -1.33 -7.24 19.35
N ARG C 22 -2.04 -6.67 20.32
CA ARG C 22 -3.49 -6.35 20.24
C ARG C 22 -3.74 -4.86 19.98
N ALA C 23 -2.73 -4.08 19.65
CA ALA C 23 -2.89 -2.62 19.42
C ALA C 23 -3.82 -2.45 18.20
N GLY C 24 -4.97 -1.81 18.37
CA GLY C 24 -5.93 -1.60 17.27
C GLY C 24 -6.68 -2.86 16.83
N ILE C 25 -6.51 -3.97 17.51
CA ILE C 25 -7.27 -5.19 17.20
C ILE C 25 -8.71 -4.99 17.71
N ASP C 26 -9.67 -5.27 16.86
CA ASP C 26 -11.13 -5.16 17.13
C ASP C 26 -11.46 -3.76 17.70
N ARG C 27 -10.97 -2.72 17.04
CA ARG C 27 -11.25 -1.30 17.43
C ARG C 27 -11.76 -0.49 16.22
N ASP C 28 -12.43 -1.15 15.27
CA ASP C 28 -13.04 -0.50 14.08
C ASP C 28 -14.55 -0.43 14.31
N THR C 29 -15.06 0.76 14.60
CA THR C 29 -16.51 1.01 14.81
C THR C 29 -17.26 0.78 13.48
N ALA C 30 -16.63 0.89 12.31
CA ALA C 30 -17.41 0.87 11.05
C ALA C 30 -17.92 -0.55 10.77
N TYR C 31 -17.01 -1.54 10.72
CA TYR C 31 -17.27 -2.88 10.20
C TYR C 31 -16.94 -3.94 11.25
N GLY C 32 -16.29 -3.58 12.35
CA GLY C 32 -15.77 -4.62 13.27
C GLY C 32 -14.59 -5.37 12.65
N ALA C 33 -13.84 -4.73 11.77
CA ALA C 33 -12.62 -5.33 11.21
C ALA C 33 -11.70 -5.68 12.38
N VAL C 34 -11.10 -6.87 12.31
CA VAL C 34 -10.10 -7.29 13.33
C VAL C 34 -8.82 -6.41 13.22
N THR C 35 -8.20 -6.38 12.04
CA THR C 35 -7.04 -5.54 11.64
C THR C 35 -7.52 -4.10 11.43
N PRO C 36 -6.82 -3.04 11.92
CA PRO C 36 -7.33 -1.67 11.84
C PRO C 36 -7.31 -1.16 10.39
N PRO C 37 -8.35 -0.49 9.89
CA PRO C 37 -8.29 0.04 8.52
C PRO C 37 -7.24 1.13 8.32
N ILE C 38 -6.64 1.20 7.14
CA ILE C 38 -5.65 2.25 6.82
C ILE C 38 -6.41 3.53 6.41
N VAL C 39 -6.34 4.57 7.21
CA VAL C 39 -6.97 5.89 6.89
C VAL C 39 -5.93 6.79 6.22
N LEU C 40 -5.78 6.69 4.91
CA LEU C 40 -4.88 7.57 4.13
C LEU C 40 -5.41 9.02 4.03
N SER C 41 -6.73 9.20 4.13
CA SER C 41 -7.41 10.48 3.85
C SER C 41 -6.63 11.66 4.45
N SER C 42 -6.35 12.65 3.61
CA SER C 42 -5.74 13.92 4.06
C SER C 42 -6.73 14.68 4.92
N ASN C 43 -8.02 14.57 4.63
CA ASN C 43 -9.07 15.41 5.24
C ASN C 43 -10.29 14.59 5.68
N PHE C 44 -11.04 15.18 6.61
CA PHE C 44 -12.19 14.61 7.33
C PHE C 44 -13.33 15.66 7.24
N SER C 45 -14.53 15.21 6.90
CA SER C 45 -15.74 16.04 6.88
C SER C 45 -16.02 16.60 8.27
N PHE C 46 -16.57 17.81 8.33
CA PHE C 46 -17.26 18.35 9.52
C PHE C 46 -18.64 17.69 9.62
N ASP C 47 -19.16 17.61 10.85
CA ASP C 47 -20.49 17.04 11.18
C ASP C 47 -21.52 18.18 11.12
N GLY C 48 -21.74 18.74 9.93
CA GLY C 48 -22.44 20.01 9.71
C GLY C 48 -21.64 21.23 10.15
N PHE C 49 -22.15 22.42 9.84
CA PHE C 49 -21.50 23.72 10.08
C PHE C 49 -21.02 23.82 11.54
N GLY C 50 -19.78 24.28 11.79
CA GLY C 50 -19.22 24.55 13.15
C GLY C 50 -18.89 23.30 13.98
N ASN C 51 -19.04 22.08 13.46
CA ASN C 51 -18.87 20.81 14.21
C ASN C 51 -17.69 20.00 13.64
N LYS C 52 -16.47 20.36 14.02
CA LYS C 52 -15.23 19.60 13.71
C LYS C 52 -15.38 18.21 14.34
N ARG C 53 -15.05 17.14 13.62
CA ARG C 53 -15.03 15.79 14.23
C ARG C 53 -13.76 15.69 15.08
N GLN C 54 -13.46 14.52 15.63
CA GLN C 54 -12.19 14.26 16.36
C GLN C 54 -11.03 14.61 15.42
N TYR C 55 -11.12 14.28 14.14
CA TYR C 55 -10.04 14.52 13.15
C TYR C 55 -10.53 15.55 12.13
N ASP C 56 -9.63 16.33 11.53
CA ASP C 56 -9.98 17.31 10.49
C ASP C 56 -8.89 17.30 9.40
N TYR C 57 -7.62 17.09 9.73
CA TYR C 57 -6.55 17.15 8.72
C TYR C 57 -5.38 16.29 9.19
N THR C 58 -4.86 15.47 8.29
CA THR C 58 -3.92 14.39 8.63
C THR C 58 -2.60 14.98 9.14
N ARG C 59 -2.16 16.16 8.72
CA ARG C 59 -0.87 16.72 9.19
C ARG C 59 -0.96 16.89 10.72
N SER C 60 -2.14 17.28 11.23
CA SER C 60 -2.46 17.59 12.64
C SER C 60 -2.75 16.31 13.43
N GLY C 61 -3.51 15.40 12.83
CA GLY C 61 -3.98 14.20 13.53
C GLY C 61 -4.52 13.22 12.53
N ASN C 62 -4.22 11.95 12.71
CA ASN C 62 -4.76 10.87 11.86
C ASN C 62 -4.95 9.63 12.72
N PRO C 63 -6.08 8.93 12.63
CA PRO C 63 -6.34 7.81 13.55
C PRO C 63 -5.37 6.62 13.39
N THR C 64 -4.91 6.35 12.19
CA THR C 64 -3.98 5.22 11.98
C THR C 64 -2.68 5.58 12.69
N ARG C 65 -2.23 6.80 12.48
CA ARG C 65 -0.97 7.27 13.09
C ARG C 65 -1.13 7.25 14.60
N ASP C 66 -2.28 7.68 15.11
CA ASP C 66 -2.53 7.75 16.57
C ASP C 66 -2.59 6.34 17.18
N LEU C 67 -2.90 5.28 16.46
CA LEU C 67 -2.86 3.91 17.05
C LEU C 67 -1.42 3.62 17.40
N LEU C 68 -0.52 3.94 16.51
CA LEU C 68 0.92 3.70 16.76
C LEU C 68 1.37 4.60 17.90
N GLY C 69 1.00 5.89 17.87
CA GLY C 69 1.26 6.83 18.97
C GLY C 69 0.87 6.24 20.32
N GLU C 70 -0.36 5.76 20.42
CA GLU C 70 -0.97 5.27 21.66
C GLU C 70 -0.26 3.98 22.06
N ALA C 71 0.11 3.14 21.09
CA ALA C 71 0.70 1.82 21.40
C ALA C 71 2.09 2.06 21.98
N LEU C 72 2.89 2.95 21.38
CA LEU C 72 4.25 3.23 21.88
C LEU C 72 4.15 3.93 23.24
N ALA C 73 3.14 4.80 23.45
CA ALA C 73 2.94 5.47 24.75
C ALA C 73 2.60 4.43 25.84
N GLU C 74 1.72 3.50 25.54
CA GLU C 74 1.37 2.44 26.49
C GLU C 74 2.64 1.63 26.78
N LEU C 75 3.43 1.29 25.78
CA LEU C 75 4.65 0.46 25.99
C LEU C 75 5.71 1.21 26.81
N GLU C 76 5.81 2.54 26.70
CA GLU C 76 6.90 3.33 27.35
C GLU C 76 6.41 3.88 28.71
N GLY C 77 5.12 3.77 29.00
CA GLY C 77 4.46 4.35 30.19
C GLY C 77 4.35 5.86 30.11
N GLY C 78 3.96 6.39 28.93
CA GLY C 78 3.87 7.83 28.70
C GLY C 78 2.45 8.32 28.61
N ALA C 79 2.28 9.63 28.55
CA ALA C 79 0.93 10.23 28.49
C ALA C 79 0.44 10.19 27.05
N GLY C 80 1.35 10.16 26.07
CA GLY C 80 0.94 10.04 24.67
C GLY C 80 2.15 9.97 23.78
N GLY C 81 1.95 9.75 22.48
CA GLY C 81 3.05 9.62 21.53
C GLY C 81 2.78 10.39 20.26
N VAL C 82 3.84 10.91 19.66
CA VAL C 82 3.80 11.65 18.38
C VAL C 82 4.66 10.87 17.41
N ILE C 83 4.17 10.63 16.20
CA ILE C 83 4.85 9.84 15.15
C ILE C 83 5.34 10.80 14.07
N THR C 84 6.61 10.74 13.74
CA THR C 84 7.23 11.69 12.80
C THR C 84 7.64 10.90 11.56
N SER C 85 8.01 11.60 10.49
CA SER C 85 8.41 11.00 9.20
C SER C 85 9.72 10.21 9.34
N THR C 86 10.62 10.64 10.22
CA THR C 86 11.94 9.96 10.42
C THR C 86 12.33 10.02 11.90
N GLY C 87 13.30 9.22 12.29
CA GLY C 87 13.84 9.30 13.66
C GLY C 87 14.56 10.64 13.87
N MET C 88 15.28 11.09 12.86
CA MET C 88 15.95 12.42 12.95
C MET C 88 14.88 13.49 13.18
N GLY C 89 13.72 13.32 12.55
CA GLY C 89 12.54 14.17 12.73
C GLY C 89 12.07 14.21 14.15
N ALA C 90 12.13 13.08 14.86
CA ALA C 90 11.63 13.03 16.25
C ALA C 90 12.59 13.86 17.13
N ILE C 91 13.88 13.74 16.86
CA ILE C 91 14.93 14.53 17.55
C ILE C 91 14.72 16.02 17.24
N ASN C 92 14.55 16.35 15.96
CA ASN C 92 14.25 17.73 15.48
C ASN C 92 13.04 18.28 16.26
N LEU C 93 12.00 17.51 16.35
CA LEU C 93 10.75 17.94 17.04
C LEU C 93 11.08 18.29 18.49
N VAL C 94 11.86 17.47 19.18
CA VAL C 94 12.16 17.69 20.62
C VAL C 94 12.98 18.99 20.76
N LEU C 95 13.99 19.20 19.93
CA LEU C 95 14.81 20.44 19.90
C LEU C 95 13.91 21.69 19.70
N ASN C 96 12.96 21.68 18.76
CA ASN C 96 12.06 22.84 18.54
C ASN C 96 11.05 22.92 19.68
N ALA C 97 10.56 21.83 20.24
CA ALA C 97 9.51 22.01 21.27
C ALA C 97 10.11 22.57 22.57
N VAL C 98 11.39 22.32 22.81
CA VAL C 98 11.94 22.50 24.19
C VAL C 98 12.94 23.66 24.25
N LEU C 99 13.78 23.85 23.24
CA LEU C 99 14.92 24.79 23.25
C LEU C 99 14.60 26.08 22.47
N GLN C 100 15.13 27.21 22.96
CA GLN C 100 15.20 28.51 22.22
C GLN C 100 16.63 29.03 22.34
N PRO C 101 17.07 30.00 21.51
CA PRO C 101 18.41 30.57 21.65
C PRO C 101 18.66 31.08 23.08
N GLY C 102 19.88 30.86 23.58
CA GLY C 102 20.24 31.11 24.98
C GLY C 102 20.07 29.90 25.90
N ASP C 103 19.20 28.94 25.58
CA ASP C 103 19.15 27.63 26.29
C ASP C 103 20.37 26.77 25.93
N THR C 104 20.77 25.91 26.86
CA THR C 104 21.91 24.98 26.62
C THR C 104 21.40 23.54 26.57
N LEU C 105 21.99 22.77 25.67
CA LEU C 105 21.70 21.33 25.42
C LEU C 105 22.97 20.55 25.73
N VAL C 106 22.82 19.51 26.55
CA VAL C 106 23.88 18.50 26.79
C VAL C 106 23.55 17.23 26.01
N VAL C 107 24.53 16.76 25.26
CA VAL C 107 24.41 15.55 24.41
C VAL C 107 25.60 14.65 24.72
N PRO C 108 25.46 13.33 24.55
CA PRO C 108 26.58 12.41 24.69
C PRO C 108 27.61 12.64 23.59
N HIS C 109 28.88 12.40 23.91
CA HIS C 109 30.03 12.55 22.99
C HIS C 109 30.02 11.47 21.91
N ASP C 110 29.29 10.38 22.13
CA ASP C 110 29.31 9.18 21.27
C ASP C 110 27.89 8.88 20.72
N ALA C 111 27.05 9.91 20.67
CA ALA C 111 25.68 9.83 20.14
C ALA C 111 25.74 9.45 18.64
N TYR C 112 24.63 8.90 18.11
CA TYR C 112 24.45 8.60 16.65
C TYR C 112 24.97 9.78 15.80
N GLY C 113 25.80 9.49 14.80
CA GLY C 113 26.42 10.45 13.86
C GLY C 113 25.41 11.47 13.31
N GLY C 114 24.19 11.04 13.02
CA GLY C 114 23.12 11.91 12.50
C GLY C 114 22.64 12.86 13.57
N SER C 115 22.58 12.40 14.80
CA SER C 115 22.29 13.29 15.94
C SER C 115 23.41 14.35 16.02
N TRP C 116 24.66 13.89 15.95
CA TRP C 116 25.85 14.78 16.02
C TRP C 116 25.68 15.82 14.92
N ARG C 117 25.44 15.41 13.67
CA ARG C 117 25.38 16.35 12.51
C ARG C 117 24.32 17.43 12.76
N LEU C 118 23.16 17.03 13.30
CA LEU C 118 22.01 17.95 13.51
C LEU C 118 22.33 18.88 14.69
N PHE C 119 22.81 18.36 15.83
CA PHE C 119 23.15 19.24 16.97
C PHE C 119 24.16 20.30 16.52
N ASN C 120 25.19 19.90 15.80
CA ASN C 120 26.29 20.80 15.39
C ASN C 120 25.76 21.84 14.41
N ALA C 121 24.96 21.48 13.41
CA ALA C 121 24.51 22.45 12.38
C ALA C 121 23.56 23.48 13.02
N LEU C 122 22.69 23.04 13.94
CA LEU C 122 21.75 23.96 14.61
C LEU C 122 22.49 24.83 15.66
N ALA C 123 23.50 24.31 16.37
CA ALA C 123 24.37 25.11 17.28
C ALA C 123 25.15 26.17 16.50
N LYS C 124 25.70 25.85 15.33
CA LYS C 124 26.45 26.82 14.49
C LYS C 124 25.55 28.01 14.14
N LYS C 125 24.26 27.81 13.98
CA LYS C 125 23.33 28.91 13.62
C LYS C 125 22.92 29.68 14.86
N GLY C 126 23.14 29.16 16.06
CA GLY C 126 22.72 29.85 17.29
C GLY C 126 21.31 29.48 17.75
N HIS C 127 20.74 28.33 17.37
CA HIS C 127 19.40 27.92 17.88
C HIS C 127 19.50 27.57 19.35
N PHE C 128 20.67 27.13 19.80
CA PHE C 128 20.94 26.85 21.24
C PHE C 128 22.45 26.67 21.42
N ALA C 129 22.91 26.63 22.67
CA ALA C 129 24.33 26.31 22.93
C ALA C 129 24.43 24.81 23.24
N LEU C 130 25.53 24.23 22.82
CA LEU C 130 25.75 22.78 22.81
C LEU C 130 26.87 22.49 23.79
N ILE C 131 26.65 21.60 24.76
CA ILE C 131 27.78 20.97 25.51
C ILE C 131 27.78 19.49 25.15
N THR C 132 28.88 18.97 24.63
CA THR C 132 29.03 17.50 24.43
C THR C 132 29.87 16.98 25.60
N ALA C 133 29.33 16.06 26.41
CA ALA C 133 29.95 15.46 27.61
C ALA C 133 30.01 13.94 27.47
N ASP C 134 30.86 13.28 28.25
CA ASP C 134 30.85 11.80 28.42
C ASP C 134 29.95 11.51 29.62
N LEU C 135 28.72 11.07 29.38
CA LEU C 135 27.77 10.99 30.52
C LEU C 135 28.12 9.79 31.40
N THR C 136 29.10 8.96 31.02
CA THR C 136 29.47 7.78 31.85
C THR C 136 30.47 8.20 32.93
N VAL C 137 31.07 9.39 32.81
CA VAL C 137 32.14 9.92 33.72
C VAL C 137 31.55 11.00 34.61
N PRO C 138 31.43 10.78 35.95
CA PRO C 138 30.72 11.73 36.83
C PRO C 138 31.20 13.19 36.72
N ARG C 139 32.50 13.34 36.50
CA ARG C 139 33.18 14.65 36.41
C ARG C 139 32.63 15.39 35.17
N SER C 140 32.63 14.75 33.99
CA SER C 140 32.15 15.33 32.70
C SER C 140 30.67 15.71 32.86
N LEU C 141 29.89 14.87 33.48
CA LEU C 141 28.46 15.12 33.69
C LEU C 141 28.29 16.35 34.60
N ALA C 142 28.87 16.35 35.82
CA ALA C 142 28.66 17.46 36.79
C ALA C 142 29.17 18.79 36.21
N ASP C 143 30.23 18.78 35.41
CA ASP C 143 30.71 20.00 34.69
C ASP C 143 29.66 20.50 33.70
N ALA C 144 29.00 19.61 32.97
CA ALA C 144 27.92 19.97 32.03
C ALA C 144 26.68 20.44 32.79
N LEU C 145 26.29 19.77 33.87
CA LEU C 145 25.06 20.15 34.62
C LEU C 145 25.25 21.47 35.41
N ALA C 146 26.49 21.83 35.70
CA ALA C 146 26.81 23.04 36.48
C ALA C 146 26.42 24.27 35.65
N GLN C 147 26.46 24.13 34.30
CA GLN C 147 26.13 25.16 33.30
C GLN C 147 24.62 25.29 33.06
N SER C 148 23.77 24.78 33.95
CA SER C 148 22.29 25.00 33.94
C SER C 148 21.65 24.69 32.58
N PRO C 149 21.80 23.48 31.99
CA PRO C 149 21.23 23.18 30.68
C PRO C 149 19.70 23.04 30.76
N LYS C 150 18.97 23.35 29.70
CA LYS C 150 17.49 23.20 29.65
C LYS C 150 17.17 21.72 29.42
N LEU C 151 18.05 21.02 28.68
CA LEU C 151 17.79 19.65 28.15
C LEU C 151 19.06 18.84 28.15
N VAL C 152 18.93 17.60 28.61
CA VAL C 152 20.02 16.57 28.52
C VAL C 152 19.53 15.40 27.67
N LEU C 153 20.28 15.07 26.64
CA LEU C 153 19.99 13.91 25.79
C LEU C 153 20.87 12.75 26.25
N ILE C 154 20.23 11.62 26.50
CA ILE C 154 20.94 10.35 26.74
C ILE C 154 20.67 9.39 25.58
N GLU C 155 21.67 8.67 25.13
CA GLU C 155 21.54 7.58 24.16
C GLU C 155 22.22 6.36 24.77
N THR C 156 21.46 5.37 25.26
CA THR C 156 22.07 4.15 25.83
C THR C 156 21.29 2.92 25.38
N PRO C 157 21.97 1.87 24.95
CA PRO C 157 23.41 1.86 24.69
C PRO C 157 23.78 2.70 23.50
N SER C 158 25.04 3.05 23.45
CA SER C 158 25.55 3.98 22.42
C SER C 158 25.88 3.18 21.15
N ASN C 159 25.81 3.89 20.03
CA ASN C 159 26.05 3.35 18.67
C ASN C 159 27.34 3.98 18.15
N PRO C 160 28.40 3.20 17.87
CA PRO C 160 28.36 1.74 17.89
C PRO C 160 29.20 0.96 18.92
N LEU C 161 29.61 1.57 20.05
CA LEU C 161 30.52 0.88 21.01
C LEU C 161 29.75 0.38 22.23
N LEU C 162 28.46 0.63 22.30
CA LEU C 162 27.53 -0.01 23.26
C LEU C 162 27.95 0.47 24.67
N ARG C 163 28.28 1.74 24.81
CA ARG C 163 28.58 2.36 26.13
C ARG C 163 27.24 2.48 26.85
N ILE C 164 27.20 2.22 28.15
CA ILE C 164 25.95 2.23 28.96
C ILE C 164 25.93 3.46 29.84
N THR C 165 24.84 4.22 29.82
CA THR C 165 24.66 5.43 30.63
C THR C 165 23.70 5.04 31.74
N ASP C 166 23.96 5.47 32.97
CA ASP C 166 23.18 5.12 34.17
C ASP C 166 21.94 6.01 34.14
N LEU C 167 20.82 5.46 33.71
CA LEU C 167 19.60 6.28 33.57
C LEU C 167 19.24 6.95 34.91
N ARG C 168 19.00 6.17 35.99
CA ARG C 168 18.60 6.71 37.32
C ARG C 168 19.54 7.85 37.69
N PHE C 169 20.84 7.63 37.58
CA PHE C 169 21.86 8.61 38.03
C PHE C 169 21.75 9.89 37.20
N VAL C 170 21.81 9.77 35.87
CA VAL C 170 21.84 10.99 35.04
C VAL C 170 20.51 11.71 35.17
N ILE C 171 19.42 10.99 35.20
CA ILE C 171 18.09 11.67 35.24
C ILE C 171 17.98 12.48 36.54
N GLU C 172 18.24 11.87 37.71
CA GLU C 172 18.22 12.55 39.05
C GLU C 172 19.19 13.76 39.04
N ALA C 173 20.42 13.61 38.54
CA ALA C 173 21.38 14.71 38.52
C ALA C 173 20.80 15.86 37.67
N ALA C 174 20.10 15.53 36.59
CA ALA C 174 19.48 16.53 35.69
C ALA C 174 18.27 17.15 36.38
N LYS C 175 17.42 16.40 37.05
CA LYS C 175 16.28 17.00 37.80
C LYS C 175 16.84 18.02 38.81
N LYS C 176 17.92 17.70 39.52
CA LYS C 176 18.46 18.56 40.62
C LYS C 176 18.75 19.95 40.05
N VAL C 177 19.29 20.09 38.83
CA VAL C 177 19.59 21.42 38.26
C VAL C 177 18.43 21.94 37.42
N GLY C 178 17.24 21.32 37.45
CA GLY C 178 16.05 21.76 36.68
C GLY C 178 16.09 21.44 35.18
N ALA C 179 16.95 20.54 34.71
CA ALA C 179 17.00 20.16 33.28
C ALA C 179 15.96 19.08 32.98
N LEU C 180 15.35 19.17 31.79
CA LEU C 180 14.55 18.06 31.19
C LEU C 180 15.54 17.01 30.68
N THR C 181 15.13 15.76 30.70
CA THR C 181 15.90 14.63 30.09
C THR C 181 15.11 14.03 28.94
N VAL C 182 15.81 13.77 27.84
CA VAL C 182 15.26 12.96 26.74
C VAL C 182 16.20 11.78 26.49
N VAL C 183 15.63 10.59 26.42
CA VAL C 183 16.41 9.37 26.09
C VAL C 183 16.07 8.87 24.68
N ASP C 184 17.09 8.68 23.88
CA ASP C 184 16.97 7.96 22.60
C ASP C 184 17.14 6.46 22.87
N ASN C 185 16.03 5.75 22.84
CA ASN C 185 15.82 4.33 23.20
C ASN C 185 15.72 3.47 21.93
N THR C 186 16.31 3.88 20.81
CA THR C 186 16.24 3.15 19.53
C THR C 186 16.85 1.74 19.64
N PHE C 187 18.07 1.63 20.16
CA PHE C 187 18.88 0.39 20.19
C PHE C 187 18.19 -0.76 20.90
N LEU C 188 17.36 -0.53 21.89
CA LEU C 188 16.82 -1.64 22.70
C LEU C 188 15.32 -1.74 22.53
N SER C 189 14.65 -0.64 22.16
CA SER C 189 13.18 -0.60 21.99
C SER C 189 12.53 -0.64 23.36
N PRO C 190 11.24 -0.33 23.44
CA PRO C 190 10.51 -0.38 24.70
C PRO C 190 10.46 -1.77 25.34
N ALA C 191 10.62 -2.82 24.55
CA ALA C 191 10.49 -4.20 25.05
C ALA C 191 11.71 -4.51 25.94
N LEU C 192 12.87 -3.83 25.76
CA LEU C 192 14.09 -4.12 26.55
C LEU C 192 14.51 -2.97 27.50
N GLN C 193 13.87 -1.79 27.49
CA GLN C 193 14.31 -0.64 28.32
C GLN C 193 13.19 0.37 28.33
N LYS C 194 12.80 0.82 29.52
CA LYS C 194 11.76 1.84 29.75
C LYS C 194 12.32 3.05 30.49
N PRO C 195 12.97 3.99 29.80
CA PRO C 195 13.55 5.14 30.45
C PRO C 195 12.58 5.94 31.31
N LEU C 196 11.30 5.98 30.95
CA LEU C 196 10.36 6.79 31.79
C LEU C 196 10.14 6.12 33.16
N ASP C 197 10.42 4.83 33.33
CA ASP C 197 10.29 4.17 34.66
C ASP C 197 11.25 4.87 35.66
N PHE C 198 12.38 5.40 35.18
CA PHE C 198 13.49 6.02 35.96
C PHE C 198 13.31 7.54 36.03
N GLY C 199 12.17 8.06 35.58
CA GLY C 199 11.79 9.48 35.72
C GLY C 199 12.14 10.37 34.54
N ALA C 200 12.59 9.87 33.38
CA ALA C 200 12.88 10.71 32.17
C ALA C 200 11.63 11.46 31.73
N ASP C 201 11.78 12.63 31.12
CA ASP C 201 10.61 13.44 30.64
C ASP C 201 10.11 12.90 29.29
N LEU C 202 11.02 12.43 28.46
CA LEU C 202 10.81 12.20 27.03
C LEU C 202 11.56 10.93 26.67
N VAL C 203 10.94 10.04 25.91
CA VAL C 203 11.73 8.98 25.24
C VAL C 203 11.43 9.07 23.74
N LEU C 204 12.45 8.87 22.91
CA LEU C 204 12.24 8.88 21.44
C LEU C 204 12.92 7.68 20.78
N HIS C 205 12.42 7.34 19.60
CA HIS C 205 12.86 6.21 18.77
C HIS C 205 12.98 6.63 17.31
N SER C 206 13.92 6.00 16.64
CA SER C 206 13.80 5.73 15.19
C SER C 206 13.03 4.41 15.04
N THR C 207 11.76 4.49 14.65
CA THR C 207 10.90 3.31 14.47
C THR C 207 11.41 2.52 13.28
N THR C 208 12.27 3.12 12.47
CA THR C 208 12.92 2.46 11.31
C THR C 208 13.58 1.14 11.75
N LYS C 209 14.00 1.07 13.02
CA LYS C 209 14.88 -0.03 13.52
C LYS C 209 13.99 -1.16 14.03
N TYR C 210 14.07 -1.53 15.29
CA TYR C 210 13.41 -2.72 15.84
C TYR C 210 11.90 -2.55 15.86
N ILE C 211 11.38 -1.36 16.14
CA ILE C 211 9.91 -1.25 16.30
C ILE C 211 9.23 -1.73 14.99
N ASN C 212 9.68 -1.23 13.85
CA ASN C 212 9.14 -1.65 12.55
C ASN C 212 9.62 -3.07 12.25
N GLY C 213 10.93 -3.24 12.20
CA GLY C 213 11.55 -4.58 12.23
C GLY C 213 11.73 -5.15 10.85
N HIS C 214 11.16 -4.53 9.79
CA HIS C 214 11.16 -5.12 8.43
C HIS C 214 11.86 -4.23 7.39
N SER C 215 12.59 -3.22 7.83
CA SER C 215 13.48 -2.47 6.92
C SER C 215 12.68 -1.91 5.74
N ASP C 216 11.42 -1.53 5.94
CA ASP C 216 10.59 -1.01 4.82
C ASP C 216 9.79 0.23 5.27
N VAL C 217 10.23 0.89 6.33
CA VAL C 217 9.64 2.16 6.83
C VAL C 217 10.79 2.97 7.45
N VAL C 218 10.92 4.23 7.09
CA VAL C 218 11.71 5.20 7.87
C VAL C 218 10.68 5.98 8.67
N GLY C 219 10.86 6.11 10.00
CA GLY C 219 9.91 6.75 10.93
C GLY C 219 10.51 7.07 12.30
N GLY C 220 9.84 7.94 13.05
CA GLY C 220 10.24 8.32 14.39
C GLY C 220 9.04 8.41 15.32
N ALA C 221 9.30 8.34 16.61
CA ALA C 221 8.30 8.50 17.67
C ALA C 221 8.90 9.27 18.85
N VAL C 222 8.06 10.05 19.52
CA VAL C 222 8.42 10.73 20.77
C VAL C 222 7.26 10.47 21.70
N VAL C 223 7.57 9.98 22.90
CA VAL C 223 6.59 9.75 23.99
C VAL C 223 7.01 10.65 25.15
N ALA C 224 6.12 11.48 25.64
CA ALA C 224 6.32 12.32 26.83
C ALA C 224 5.66 11.65 28.04
N ARG C 225 6.32 11.65 29.19
CA ARG C 225 5.71 11.21 30.47
C ARG C 225 4.46 12.03 30.73
N ASP C 226 4.55 13.36 30.58
CA ASP C 226 3.52 14.33 31.04
C ASP C 226 2.60 14.76 29.89
N ALA C 227 1.29 14.79 30.14
CA ALA C 227 0.23 15.28 29.21
C ALA C 227 0.57 16.65 28.60
N GLU C 228 0.98 17.64 29.40
CA GLU C 228 1.25 19.04 28.94
C GLU C 228 2.43 19.01 27.95
N LEU C 229 3.46 18.21 28.18
CA LEU C 229 4.60 18.22 27.24
C LEU C 229 4.20 17.46 25.95
N HIS C 230 3.39 16.41 26.08
CA HIS C 230 2.81 15.70 24.91
C HIS C 230 2.05 16.69 24.02
N GLN C 231 1.18 17.53 24.60
CA GLN C 231 0.34 18.54 23.89
C GLN C 231 1.23 19.55 23.15
N GLN C 232 2.36 19.95 23.76
CA GLN C 232 3.35 20.83 23.10
C GLN C 232 3.96 20.09 21.91
N LEU C 233 4.24 18.79 22.03
CA LEU C 233 4.91 18.06 20.91
C LEU C 233 3.92 17.94 19.72
N VAL C 234 2.65 17.66 20.03
CA VAL C 234 1.55 17.58 19.03
C VAL C 234 1.49 18.93 18.30
N TRP C 235 1.52 20.05 19.04
CA TRP C 235 1.45 21.41 18.46
C TRP C 235 2.66 21.65 17.53
N TRP C 236 3.87 21.36 17.99
CA TRP C 236 5.07 21.63 17.17
C TRP C 236 5.13 20.69 15.98
N ALA C 237 4.70 19.43 16.12
CA ALA C 237 4.80 18.44 15.02
C ALA C 237 3.89 18.89 13.84
N ASN C 238 2.70 19.37 14.16
CA ASN C 238 1.73 19.98 13.22
C ASN C 238 2.29 21.28 12.61
N ALA C 239 2.87 22.18 13.41
CA ALA C 239 3.29 23.52 12.94
C ALA C 239 4.51 23.41 12.05
N LEU C 240 5.44 22.50 12.36
CA LEU C 240 6.67 22.26 11.55
C LEU C 240 6.42 21.28 10.40
N GLY C 241 5.29 20.57 10.44
CA GLY C 241 4.99 19.60 9.37
C GLY C 241 5.87 18.35 9.43
N LEU C 242 6.17 17.86 10.63
CA LEU C 242 7.13 16.75 10.85
C LEU C 242 6.36 15.42 10.94
N THR C 243 5.03 15.45 10.89
CA THR C 243 4.21 14.24 11.11
C THR C 243 4.37 13.25 9.97
N GLY C 244 4.14 11.98 10.30
CA GLY C 244 4.38 10.83 9.39
C GLY C 244 3.19 10.45 8.53
N SER C 245 3.46 9.65 7.54
CA SER C 245 2.43 9.04 6.65
C SER C 245 1.63 7.97 7.38
N PRO C 246 0.29 7.97 7.27
CA PRO C 246 -0.53 6.89 7.79
C PRO C 246 -0.13 5.53 7.23
N PHE C 247 0.30 5.45 5.98
CA PHE C 247 0.67 4.12 5.43
C PHE C 247 1.85 3.57 6.24
N ASP C 248 2.83 4.41 6.52
CA ASP C 248 4.05 4.06 7.29
C ASP C 248 3.66 3.67 8.71
N ALA C 249 2.69 4.34 9.30
CA ALA C 249 2.20 3.99 10.65
C ALA C 249 1.54 2.60 10.61
N PHE C 250 0.81 2.32 9.55
CA PHE C 250 0.15 1.01 9.35
C PHE C 250 1.24 -0.08 9.31
N LEU C 251 2.27 0.03 8.51
CA LEU C 251 3.32 -1.01 8.48
C LEU C 251 4.06 -1.11 9.83
N THR C 252 4.34 0.02 10.45
CA THR C 252 5.08 0.10 11.73
C THR C 252 4.24 -0.58 12.80
N LEU C 253 2.94 -0.29 12.88
CA LEU C 253 2.08 -1.00 13.85
C LEU C 253 2.10 -2.52 13.57
N ARG C 254 2.06 -2.93 12.32
CA ARG C 254 2.05 -4.37 11.96
C ARG C 254 3.37 -5.00 12.45
N GLY C 255 4.49 -4.33 12.16
CA GLY C 255 5.83 -4.67 12.66
C GLY C 255 5.83 -4.85 14.17
N LEU C 256 5.21 -3.93 14.90
CA LEU C 256 5.28 -3.84 16.36
C LEU C 256 4.72 -5.16 16.90
N ARG C 257 3.74 -5.73 16.21
CA ARG C 257 3.02 -6.90 16.75
C ARG C 257 3.98 -8.09 16.99
N THR C 258 5.07 -8.20 16.24
CA THR C 258 6.08 -9.24 16.43
C THR C 258 7.34 -8.73 17.17
N LEU C 259 7.37 -7.52 17.76
CA LEU C 259 8.62 -7.04 18.43
C LEU C 259 9.08 -8.05 19.51
N ASP C 260 8.23 -8.50 20.45
CA ASP C 260 8.54 -9.48 21.53
C ASP C 260 9.04 -10.79 20.92
N ALA C 261 8.31 -11.37 19.98
CA ALA C 261 8.64 -12.63 19.30
C ALA C 261 9.98 -12.49 18.60
N ARG C 262 10.18 -11.39 17.86
CA ARG C 262 11.46 -11.17 17.16
C ARG C 262 12.62 -11.10 18.18
N LEU C 263 12.48 -10.29 19.23
CA LEU C 263 13.63 -10.02 20.15
C LEU C 263 14.03 -11.32 20.89
N ARG C 264 13.11 -12.24 21.15
CA ARG C 264 13.53 -13.55 21.71
C ARG C 264 14.55 -14.22 20.80
N VAL C 265 14.29 -14.20 19.49
CA VAL C 265 15.23 -14.90 18.60
C VAL C 265 16.46 -14.02 18.46
N HIS C 266 16.33 -12.69 18.27
CA HIS C 266 17.53 -11.82 18.14
C HIS C 266 18.52 -12.09 19.28
N GLN C 267 18.01 -12.12 20.52
CA GLN C 267 18.84 -12.24 21.74
C GLN C 267 19.48 -13.64 21.85
N GLU C 268 18.76 -14.70 21.47
CA GLU C 268 19.30 -16.09 21.38
C GLU C 268 20.47 -16.05 20.40
N ASN C 269 20.30 -15.48 19.20
CA ASN C 269 21.38 -15.45 18.20
C ASN C 269 22.59 -14.65 18.73
N ALA C 270 22.33 -13.49 19.32
CA ALA C 270 23.40 -12.55 19.74
C ALA C 270 24.23 -13.23 20.84
N ASP C 271 23.61 -13.94 21.79
CA ASP C 271 24.30 -14.67 22.88
C ASP C 271 25.21 -15.73 22.24
N ALA C 272 24.74 -16.45 21.22
CA ALA C 272 25.58 -17.48 20.58
C ALA C 272 26.74 -16.82 19.84
N ILE C 273 26.56 -15.62 19.27
CA ILE C 273 27.59 -15.00 18.39
C ILE C 273 28.63 -14.30 19.28
N ALA C 274 28.20 -13.70 20.37
CA ALA C 274 29.14 -13.06 21.34
C ALA C 274 30.04 -14.17 21.90
N GLU C 275 29.50 -15.34 22.23
CA GLU C 275 30.32 -16.48 22.72
C GLU C 275 31.36 -16.90 21.66
N LEU C 276 31.04 -16.93 20.36
CA LEU C 276 32.01 -17.25 19.26
C LEU C 276 33.06 -16.15 19.17
N LEU C 277 32.68 -14.86 19.18
CA LEU C 277 33.64 -13.78 18.91
C LEU C 277 34.60 -13.52 20.10
N ASP C 278 34.12 -13.62 21.34
CA ASP C 278 34.89 -13.23 22.56
C ASP C 278 36.02 -14.26 22.82
N GLY C 279 37.28 -13.81 22.82
CA GLY C 279 38.47 -14.69 22.99
C GLY C 279 38.80 -15.56 21.76
N HIS C 280 38.05 -15.47 20.64
CA HIS C 280 38.47 -16.02 19.33
C HIS C 280 39.79 -15.34 18.91
N ALA C 281 40.72 -16.16 18.43
CA ALA C 281 42.11 -15.77 18.05
C ALA C 281 42.11 -14.54 17.13
N MET C 282 41.14 -14.39 16.21
CA MET C 282 41.15 -13.29 15.20
C MET C 282 40.44 -12.04 15.70
N VAL C 283 39.93 -12.02 16.94
CA VAL C 283 39.10 -10.90 17.49
C VAL C 283 39.80 -10.31 18.71
N ASN C 284 40.13 -9.02 18.64
CA ASN C 284 40.94 -8.30 19.65
C ASN C 284 40.00 -7.76 20.73
N GLN C 285 38.73 -7.49 20.42
CA GLN C 285 37.81 -6.82 21.37
C GLN C 285 36.38 -6.99 20.84
N VAL C 286 35.45 -7.42 21.68
CA VAL C 286 33.98 -7.44 21.42
C VAL C 286 33.36 -6.37 22.31
N TYR C 287 32.52 -5.51 21.72
CA TYR C 287 31.65 -4.56 22.43
C TYR C 287 30.24 -5.16 22.43
N PHE C 288 29.87 -5.72 23.56
CA PHE C 288 28.56 -6.33 23.79
C PHE C 288 28.26 -6.35 25.26
N PRO C 289 27.18 -5.66 25.68
CA PRO C 289 26.87 -5.47 27.09
C PRO C 289 26.59 -6.75 27.86
N GLY C 290 26.29 -7.83 27.14
CA GLY C 290 26.05 -9.17 27.71
C GLY C 290 27.31 -9.83 28.27
N LEU C 291 28.50 -9.42 27.86
CA LEU C 291 29.77 -9.97 28.35
C LEU C 291 30.15 -9.31 29.69
N ALA C 292 30.41 -10.10 30.73
CA ALA C 292 30.73 -9.61 32.10
C ALA C 292 31.92 -8.68 32.03
N THR C 293 32.81 -8.81 31.04
CA THR C 293 34.00 -7.97 30.88
C THR C 293 33.63 -6.60 30.30
N HIS C 294 32.43 -6.39 29.78
CA HIS C 294 32.09 -5.11 29.12
C HIS C 294 31.86 -4.04 30.18
N PRO C 295 32.56 -2.88 30.13
CA PRO C 295 32.23 -1.76 31.01
C PRO C 295 30.77 -1.40 30.78
N GLY C 296 29.94 -1.49 31.80
CA GLY C 296 28.49 -1.26 31.70
C GLY C 296 27.66 -2.53 31.83
N HIS C 297 28.30 -3.70 31.84
CA HIS C 297 27.54 -4.97 31.94
C HIS C 297 26.56 -4.91 33.09
N ALA C 298 27.03 -4.62 34.30
CA ALA C 298 26.13 -4.78 35.48
C ALA C 298 25.01 -3.74 35.38
N LEU C 299 25.33 -2.55 34.91
CA LEU C 299 24.34 -1.47 34.72
C LEU C 299 23.27 -1.94 33.73
N ALA C 300 23.71 -2.45 32.59
CA ALA C 300 22.85 -2.98 31.53
C ALA C 300 21.98 -4.11 32.11
N ALA C 301 22.54 -4.98 32.98
CA ALA C 301 21.80 -6.12 33.53
C ALA C 301 20.69 -5.58 34.41
N ARG C 302 20.90 -4.41 35.00
CA ARG C 302 19.95 -3.79 35.96
C ARG C 302 18.89 -2.93 35.23
N GLN C 303 19.26 -2.08 34.27
CA GLN C 303 18.30 -1.07 33.70
C GLN C 303 17.65 -1.56 32.40
N GLN C 304 18.02 -2.76 31.91
CA GLN C 304 17.54 -3.41 30.66
C GLN C 304 16.95 -4.77 31.04
N LYS C 305 15.89 -5.15 30.37
CA LYS C 305 15.28 -6.49 30.45
C LYS C 305 16.13 -7.48 29.63
N GLY C 306 17.00 -7.02 28.74
CA GLY C 306 17.92 -7.92 28.05
C GLY C 306 19.06 -7.16 27.43
N PHE C 307 20.03 -7.87 26.92
CA PHE C 307 21.29 -7.25 26.44
C PHE C 307 21.19 -6.88 24.96
N GLY C 308 20.14 -7.32 24.25
CA GLY C 308 19.89 -6.91 22.86
C GLY C 308 20.70 -7.70 21.86
N ALA C 309 20.82 -7.19 20.63
CA ALA C 309 21.38 -7.95 19.50
C ALA C 309 22.24 -7.06 18.61
N MET C 310 22.63 -5.90 19.11
CA MET C 310 23.67 -5.05 18.49
C MET C 310 25.00 -5.38 19.19
N MET C 311 26.06 -5.54 18.41
CA MET C 311 27.44 -5.67 18.92
C MET C 311 28.45 -5.21 17.87
N SER C 312 29.59 -4.70 18.33
CA SER C 312 30.73 -4.43 17.44
C SER C 312 31.96 -5.18 17.95
N PHE C 313 32.96 -5.31 17.09
CA PHE C 313 34.16 -6.12 17.35
C PHE C 313 35.30 -5.61 16.44
N GLU C 314 36.53 -5.70 16.96
CA GLU C 314 37.78 -5.26 16.29
C GLU C 314 38.42 -6.54 15.78
N LEU C 315 38.63 -6.61 14.48
CA LEU C 315 39.23 -7.78 13.81
C LEU C 315 40.74 -7.56 13.84
N GLU C 316 41.53 -8.56 14.22
CA GLU C 316 43.01 -8.53 14.04
C GLU C 316 43.29 -8.38 12.53
N GLY C 317 44.25 -7.55 12.11
CA GLY C 317 44.83 -7.59 10.74
C GLY C 317 44.50 -6.37 9.88
N GLY C 318 44.00 -5.29 10.49
CA GLY C 318 43.68 -4.01 9.82
C GLY C 318 42.78 -4.18 8.60
N GLU C 319 42.90 -3.28 7.64
CA GLU C 319 41.90 -3.11 6.57
C GLU C 319 41.84 -4.37 5.70
N ALA C 320 42.96 -5.02 5.43
CA ALA C 320 43.00 -6.19 4.52
C ALA C 320 42.19 -7.33 5.14
N ALA C 321 42.11 -7.35 6.47
CA ALA C 321 41.42 -8.44 7.21
C ALA C 321 39.90 -8.19 7.13
N VAL C 322 39.47 -6.96 7.43
CA VAL C 322 38.06 -6.50 7.26
C VAL C 322 37.56 -6.86 5.85
N ARG C 323 38.29 -6.44 4.82
CA ARG C 323 37.90 -6.65 3.41
C ARG C 323 37.68 -8.15 3.17
N ALA C 324 38.58 -9.03 3.61
CA ALA C 324 38.38 -10.47 3.32
C ALA C 324 37.21 -10.99 4.18
N PHE C 325 37.05 -10.50 5.40
CA PHE C 325 35.92 -10.92 6.27
C PHE C 325 34.59 -10.59 5.57
N VAL C 326 34.45 -9.33 5.15
CA VAL C 326 33.18 -8.77 4.62
C VAL C 326 32.83 -9.39 3.28
N ASP C 327 33.81 -9.48 2.38
CA ASP C 327 33.62 -10.02 1.01
C ASP C 327 33.54 -11.55 1.11
N GLY C 328 32.33 -12.10 1.04
CA GLY C 328 32.03 -13.55 1.12
C GLY C 328 30.86 -13.85 2.05
N LEU C 329 30.42 -12.89 2.88
CA LEU C 329 29.27 -13.10 3.81
C LEU C 329 28.00 -13.44 2.98
N ARG C 330 27.33 -14.55 3.30
CA ARG C 330 26.07 -14.97 2.64
C ARG C 330 24.88 -14.39 3.41
N TYR C 331 24.99 -14.20 4.73
CA TYR C 331 23.82 -13.97 5.62
C TYR C 331 23.91 -12.65 6.38
N PHE C 332 24.99 -11.90 6.27
CA PHE C 332 25.12 -10.53 6.79
C PHE C 332 25.25 -9.64 5.55
N THR C 333 24.23 -8.81 5.30
CA THR C 333 24.23 -7.84 4.19
C THR C 333 25.00 -6.60 4.64
N LEU C 334 25.94 -6.20 3.82
CA LEU C 334 26.75 -4.99 4.08
C LEU C 334 25.86 -3.79 3.76
N ALA C 335 25.33 -3.19 4.81
CA ALA C 335 24.37 -2.07 4.73
C ALA C 335 24.29 -1.30 6.05
N GLU C 336 23.70 -0.12 5.95
CA GLU C 336 23.39 0.76 7.09
C GLU C 336 22.03 0.35 7.64
N SER C 337 21.69 0.96 8.76
CA SER C 337 20.49 0.63 9.57
C SER C 337 20.74 -0.63 10.41
N LEU C 338 19.74 -1.03 11.18
CA LEU C 338 19.83 -2.10 12.19
C LEU C 338 18.42 -2.41 12.63
N GLY C 339 18.25 -3.47 13.38
CA GLY C 339 16.96 -3.77 14.02
C GLY C 339 16.03 -4.54 13.11
N GLY C 340 16.46 -4.94 11.92
CA GLY C 340 15.58 -5.74 11.05
C GLY C 340 15.72 -7.24 11.31
N VAL C 341 14.78 -8.01 10.79
CA VAL C 341 14.73 -9.49 10.84
C VAL C 341 15.95 -10.04 10.13
N GLU C 342 16.49 -9.32 9.18
CA GLU C 342 17.65 -9.80 8.40
C GLU C 342 18.96 -9.28 9.03
N SER C 343 19.97 -10.14 9.14
CA SER C 343 21.29 -9.78 9.71
C SER C 343 22.01 -8.80 8.77
N LEU C 344 22.63 -7.77 9.34
CA LEU C 344 23.36 -6.68 8.67
C LEU C 344 24.75 -6.59 9.28
N ILE C 345 25.73 -6.20 8.47
CA ILE C 345 27.07 -5.77 8.95
C ILE C 345 27.34 -4.35 8.40
N ALA C 346 28.06 -3.55 9.19
CA ALA C 346 28.53 -2.22 8.77
C ALA C 346 29.96 -1.96 9.28
N HIS C 347 30.67 -1.08 8.59
CA HIS C 347 32.00 -0.51 8.91
C HIS C 347 31.78 0.99 9.12
N PRO C 348 31.57 1.45 10.39
CA PRO C 348 31.03 2.79 10.69
C PRO C 348 31.76 4.09 10.30
N ALA C 349 33.09 4.00 10.16
CA ALA C 349 34.00 5.14 9.89
C ALA C 349 33.59 5.81 8.56
N SER C 350 33.62 4.94 7.54
CA SER C 350 33.13 5.09 6.13
C SER C 350 31.59 5.16 6.10
N MET C 351 30.85 4.28 6.80
CA MET C 351 29.39 4.11 6.63
C MET C 351 28.61 4.98 7.65
N THR C 352 28.23 4.45 8.82
CA THR C 352 27.19 5.07 9.68
C THR C 352 27.67 6.37 10.34
N HIS C 353 29.01 6.56 10.42
CA HIS C 353 29.60 7.59 11.30
C HIS C 353 30.42 8.56 10.45
N ALA C 354 30.26 8.52 9.11
CA ALA C 354 30.99 9.36 8.12
C ALA C 354 30.61 10.86 8.23
N ALA C 355 29.42 11.19 8.79
CA ALA C 355 28.88 12.55 9.08
C ALA C 355 29.75 13.32 10.10
N MET C 356 30.35 12.62 11.08
CA MET C 356 31.34 13.14 12.08
C MET C 356 32.70 13.47 11.42
N THR C 357 33.44 14.45 11.99
CA THR C 357 34.89 14.79 11.70
C THR C 357 35.79 13.62 12.16
N ALA C 358 37.03 13.40 11.64
CA ALA C 358 37.87 12.18 11.89
C ALA C 358 38.33 12.07 13.37
N GLU C 359 38.01 13.06 14.23
CA GLU C 359 38.46 13.13 15.66
C GLU C 359 37.34 13.64 16.62
N ALA C 360 36.09 13.85 16.16
CA ALA C 360 34.87 13.64 16.99
C ALA C 360 34.59 12.13 17.03
N ARG C 361 35.05 11.40 15.98
CA ARG C 361 35.15 9.92 15.82
C ARG C 361 36.23 9.38 16.81
N ALA C 362 37.50 9.87 16.80
CA ALA C 362 38.58 9.44 17.76
C ALA C 362 38.24 9.82 19.23
N ALA C 363 37.68 11.03 19.48
CA ALA C 363 37.09 11.53 20.76
C ALA C 363 35.95 10.65 21.28
N ALA C 364 35.15 10.04 20.39
CA ALA C 364 34.08 9.06 20.70
C ALA C 364 34.66 7.63 20.76
N GLY C 365 35.86 7.40 20.19
CA GLY C 365 36.78 6.22 20.32
C GLY C 365 36.46 5.17 19.25
N ILE C 366 35.71 5.58 18.22
CA ILE C 366 35.33 4.77 17.03
C ILE C 366 36.57 4.58 16.13
N SER C 367 37.21 3.41 16.23
CA SER C 367 38.36 2.93 15.42
C SER C 367 38.01 2.99 13.95
N ASP C 368 38.94 2.48 13.12
CA ASP C 368 38.81 2.22 11.66
C ASP C 368 38.97 0.70 11.34
N GLY C 369 39.13 -0.23 12.31
CA GLY C 369 39.19 -1.71 12.08
C GLY C 369 37.96 -2.44 12.70
N LEU C 370 36.98 -1.60 13.04
CA LEU C 370 35.73 -1.92 13.76
C LEU C 370 34.64 -2.31 12.75
N LEU C 371 34.03 -3.47 12.99
CA LEU C 371 32.74 -3.91 12.39
C LEU C 371 31.61 -3.91 13.43
N ARG C 372 30.44 -3.45 13.02
CA ARG C 372 29.16 -3.52 13.77
C ARG C 372 28.22 -4.58 13.16
N LEU C 373 27.67 -5.48 13.99
CA LEU C 373 26.67 -6.49 13.58
C LEU C 373 25.31 -6.07 14.10
N SER C 374 24.32 -6.07 13.20
CA SER C 374 22.89 -6.12 13.57
C SER C 374 22.46 -7.56 13.38
N ILE C 375 22.29 -8.29 14.47
CA ILE C 375 22.03 -9.75 14.43
C ILE C 375 20.54 -9.92 14.21
N GLY C 376 20.20 -10.61 13.11
CA GLY C 376 18.79 -10.89 12.79
C GLY C 376 18.28 -12.14 13.48
N ILE C 377 17.22 -12.71 12.90
CA ILE C 377 16.43 -13.83 13.44
C ILE C 377 16.57 -15.05 12.54
N GLU C 378 17.60 -15.13 11.71
CA GLU C 378 17.95 -16.37 10.97
C GLU C 378 18.35 -17.47 11.98
N SER C 379 18.59 -18.69 11.53
CA SER C 379 19.11 -19.77 12.40
C SER C 379 20.51 -19.39 12.88
N ALA C 380 20.70 -19.50 14.19
CA ALA C 380 22.01 -19.34 14.86
C ALA C 380 23.07 -20.10 14.05
N GLU C 381 22.83 -21.35 13.72
CA GLU C 381 23.89 -22.18 13.11
C GLU C 381 24.30 -21.57 11.76
N ASP C 382 23.35 -21.06 10.96
CA ASP C 382 23.71 -20.47 9.64
C ASP C 382 24.56 -19.22 9.89
N LEU C 383 24.21 -18.39 10.87
CA LEU C 383 24.96 -17.13 11.11
C LEU C 383 26.36 -17.50 11.62
N LEU C 384 26.44 -18.50 12.48
CA LEU C 384 27.75 -18.92 13.07
C LEU C 384 28.63 -19.49 11.95
N ILE C 385 28.09 -20.34 11.07
CA ILE C 385 28.88 -20.82 9.89
C ILE C 385 29.36 -19.58 9.12
N ASP C 386 28.50 -18.61 8.93
CA ASP C 386 28.84 -17.43 8.10
C ASP C 386 29.97 -16.67 8.79
N LEU C 387 29.92 -16.47 10.11
CA LEU C 387 30.98 -15.71 10.81
C LEU C 387 32.29 -16.50 10.85
N ARG C 388 32.26 -17.79 11.11
CA ARG C 388 33.47 -18.63 11.09
C ARG C 388 34.16 -18.52 9.74
N ALA C 389 33.44 -18.67 8.63
CA ALA C 389 34.07 -18.58 7.27
C ALA C 389 34.76 -17.23 7.12
N GLY C 390 34.13 -16.15 7.60
CA GLY C 390 34.74 -14.82 7.52
C GLY C 390 35.97 -14.68 8.41
N LEU C 391 35.90 -15.17 9.64
CA LEU C 391 37.07 -15.06 10.54
C LEU C 391 38.26 -15.74 9.84
N SER C 392 37.96 -16.87 9.20
CA SER C 392 38.95 -17.76 8.54
C SER C 392 39.51 -17.09 7.29
N ARG C 393 38.73 -16.28 6.56
CA ARG C 393 39.23 -15.49 5.41
C ARG C 393 40.12 -14.38 5.97
N ALA C 394 39.77 -13.80 7.11
CA ALA C 394 40.60 -12.74 7.72
C ALA C 394 41.96 -13.32 8.14
N GLU C 395 41.98 -14.54 8.68
CA GLU C 395 43.21 -15.24 9.14
C GLU C 395 44.14 -15.48 7.95
N ALA C 396 43.59 -15.96 6.84
CA ALA C 396 44.33 -16.26 5.59
C ALA C 396 45.09 -15.02 5.08
N THR C 397 44.77 -13.79 5.53
CA THR C 397 45.44 -12.54 5.10
C THR C 397 46.63 -12.14 6.00
N LEU C 398 46.92 -12.83 7.11
CA LEU C 398 48.23 -12.71 7.83
C LEU C 398 49.22 -13.71 7.19
N THR D 12 -33.22 15.19 -9.39
CA THR D 12 -32.12 14.53 -10.17
C THR D 12 -31.54 13.37 -9.32
N PRO D 13 -31.21 12.20 -9.94
CA PRO D 13 -29.98 11.50 -9.61
C PRO D 13 -28.84 12.17 -10.41
N CYS D 14 -27.58 11.82 -10.13
CA CYS D 14 -26.37 12.48 -10.71
C CYS D 14 -25.93 11.81 -12.03
N THR D 15 -25.01 12.43 -12.79
CA THR D 15 -24.41 11.85 -14.03
C THR D 15 -23.39 10.74 -13.69
N ALA D 16 -22.95 10.01 -14.71
CA ALA D 16 -21.84 9.03 -14.64
C ALA D 16 -20.55 9.69 -14.08
N ALA D 17 -20.24 10.89 -14.55
CA ALA D 17 -19.00 11.56 -14.13
C ALA D 17 -19.08 11.86 -12.62
N THR D 18 -20.15 12.46 -12.14
CA THR D 18 -20.33 12.73 -10.71
C THR D 18 -20.26 11.43 -9.88
N ALA D 19 -20.79 10.34 -10.41
CA ALA D 19 -20.92 9.08 -9.64
C ALA D 19 -19.53 8.50 -9.46
N ALA D 20 -18.77 8.39 -10.56
CA ALA D 20 -17.37 7.89 -10.53
C ALA D 20 -16.53 8.77 -9.58
N VAL D 21 -16.60 10.09 -9.70
CA VAL D 21 -15.76 11.03 -8.92
C VAL D 21 -16.09 10.84 -7.45
N ARG D 22 -17.34 10.62 -7.12
CA ARG D 22 -17.78 10.73 -5.70
C ARG D 22 -17.95 9.34 -5.09
N ALA D 23 -17.46 8.28 -5.73
CA ALA D 23 -17.63 6.90 -5.23
C ALA D 23 -16.83 6.71 -3.92
N GLY D 24 -17.48 6.41 -2.81
CA GLY D 24 -16.73 6.29 -1.52
C GLY D 24 -16.39 7.60 -0.82
N ILE D 25 -16.73 8.76 -1.38
CA ILE D 25 -16.43 10.06 -0.73
C ILE D 25 -17.42 10.29 0.40
N ASP D 26 -16.94 10.74 1.55
CA ASP D 26 -17.73 10.98 2.78
C ASP D 26 -18.57 9.73 3.09
N ARG D 27 -17.98 8.54 3.09
CA ARG D 27 -18.75 7.28 3.35
C ARG D 27 -18.14 6.47 4.50
N ASP D 28 -17.35 7.12 5.36
CA ASP D 28 -16.63 6.50 6.49
C ASP D 28 -17.37 6.91 7.75
N THR D 29 -18.08 5.99 8.41
CA THR D 29 -18.84 6.31 9.66
C THR D 29 -17.86 6.45 10.84
N ALA D 30 -16.65 5.91 10.76
CA ALA D 30 -15.75 5.93 11.94
C ALA D 30 -15.25 7.36 12.20
N TYR D 31 -14.67 8.03 11.21
CA TYR D 31 -13.99 9.33 11.45
C TYR D 31 -14.50 10.44 10.51
N GLY D 32 -15.40 10.13 9.56
CA GLY D 32 -15.77 10.99 8.44
C GLY D 32 -14.62 11.27 7.47
N ALA D 33 -13.64 10.38 7.34
CA ALA D 33 -12.61 10.51 6.30
C ALA D 33 -13.31 10.76 4.96
N VAL D 34 -12.76 11.67 4.17
CA VAL D 34 -13.32 12.03 2.85
C VAL D 34 -13.04 10.86 1.90
N THR D 35 -11.80 10.49 1.85
CA THR D 35 -11.27 9.35 1.07
C THR D 35 -11.55 8.09 1.87
N PRO D 36 -12.02 6.99 1.27
CA PRO D 36 -12.48 5.84 2.09
C PRO D 36 -11.32 5.03 2.67
N PRO D 37 -11.36 4.60 3.94
CA PRO D 37 -10.32 3.75 4.52
C PRO D 37 -10.11 2.42 3.79
N ILE D 38 -8.86 1.95 3.71
CA ILE D 38 -8.52 0.61 3.14
C ILE D 38 -8.75 -0.44 4.24
N VAL D 39 -9.79 -1.23 4.09
CA VAL D 39 -10.04 -2.37 5.01
C VAL D 39 -9.31 -3.60 4.45
N LEU D 40 -8.05 -3.78 4.83
CA LEU D 40 -7.26 -4.96 4.44
C LEU D 40 -7.74 -6.21 5.24
N SER D 41 -8.37 -6.02 6.43
CA SER D 41 -8.68 -7.13 7.38
C SER D 41 -9.27 -8.37 6.66
N SER D 42 -8.69 -9.52 6.92
CA SER D 42 -9.19 -10.83 6.43
C SER D 42 -10.53 -11.14 7.11
N ASN D 43 -10.69 -10.72 8.37
CA ASN D 43 -11.82 -11.16 9.23
C ASN D 43 -12.41 -9.95 9.97
N PHE D 44 -13.62 -10.16 10.50
CA PHE D 44 -14.42 -9.15 11.20
C PHE D 44 -14.99 -9.83 12.45
N SER D 45 -14.96 -9.18 13.59
CA SER D 45 -15.51 -9.75 14.84
C SER D 45 -17.02 -9.94 14.68
N PHE D 46 -17.57 -10.93 15.36
CA PHE D 46 -19.02 -11.06 15.64
C PHE D 46 -19.42 -10.06 16.73
N ASP D 47 -20.69 -9.68 16.74
CA ASP D 47 -21.22 -8.71 17.73
C ASP D 47 -21.72 -9.49 18.96
N GLY D 48 -20.85 -10.29 19.57
CA GLY D 48 -21.21 -11.30 20.58
C GLY D 48 -21.73 -12.58 19.94
N PHE D 49 -21.87 -13.60 20.77
CA PHE D 49 -22.27 -14.98 20.34
C PHE D 49 -23.52 -14.93 19.43
N GLY D 50 -23.45 -15.59 18.27
CA GLY D 50 -24.57 -15.80 17.35
C GLY D 50 -24.86 -14.59 16.44
N ASN D 51 -24.09 -13.49 16.51
CA ASN D 51 -24.44 -12.19 15.86
C ASN D 51 -23.36 -11.82 14.84
N LYS D 52 -23.46 -12.35 13.62
CA LYS D 52 -22.69 -11.92 12.43
C LYS D 52 -22.93 -10.42 12.21
N ARG D 53 -21.92 -9.65 11.86
CA ARG D 53 -22.10 -8.23 11.44
C ARG D 53 -22.37 -8.27 9.92
N GLN D 54 -22.46 -7.10 9.28
CA GLN D 54 -22.56 -7.04 7.79
C GLN D 54 -21.44 -7.89 7.18
N TYR D 55 -20.20 -7.73 7.63
CA TYR D 55 -19.05 -8.48 7.06
C TYR D 55 -18.58 -9.54 8.07
N ASP D 56 -18.07 -10.66 7.60
CA ASP D 56 -17.46 -11.72 8.45
C ASP D 56 -16.07 -12.08 7.89
N TYR D 57 -15.91 -12.11 6.58
CA TYR D 57 -14.67 -12.65 6.00
C TYR D 57 -14.47 -12.13 4.57
N THR D 58 -13.26 -11.62 4.29
CA THR D 58 -12.97 -10.74 3.14
C THR D 58 -13.19 -11.52 1.84
N ARG D 59 -12.95 -12.83 1.80
CA ARG D 59 -13.17 -13.66 0.58
C ARG D 59 -14.63 -13.56 0.15
N SER D 60 -15.55 -13.54 1.09
CA SER D 60 -17.02 -13.50 0.86
C SER D 60 -17.49 -12.07 0.55
N GLY D 61 -16.91 -11.10 1.25
CA GLY D 61 -17.43 -9.73 1.36
C GLY D 61 -16.42 -8.86 2.06
N ASN D 62 -16.08 -7.71 1.44
CA ASN D 62 -15.19 -6.67 1.98
C ASN D 62 -15.74 -5.30 1.59
N PRO D 63 -15.83 -4.36 2.55
CA PRO D 63 -16.41 -3.05 2.30
C PRO D 63 -15.65 -2.21 1.27
N THR D 64 -14.32 -2.30 1.24
CA THR D 64 -13.53 -1.54 0.25
C THR D 64 -13.83 -2.10 -1.14
N ARG D 65 -13.82 -3.42 -1.26
CA ARG D 65 -14.14 -4.08 -2.54
C ARG D 65 -15.58 -3.67 -2.96
N ASP D 66 -16.51 -3.70 -2.02
CA ASP D 66 -17.93 -3.43 -2.32
C ASP D 66 -18.12 -1.95 -2.75
N LEU D 67 -17.33 -0.97 -2.26
CA LEU D 67 -17.42 0.40 -2.82
C LEU D 67 -17.18 0.35 -4.32
N LEU D 68 -16.20 -0.39 -4.77
CA LEU D 68 -15.89 -0.49 -6.21
C LEU D 68 -17.05 -1.22 -6.91
N GLY D 69 -17.54 -2.33 -6.35
CA GLY D 69 -18.70 -3.07 -6.87
C GLY D 69 -19.92 -2.20 -7.03
N GLU D 70 -20.27 -1.48 -5.99
CA GLU D 70 -21.40 -0.54 -5.97
C GLU D 70 -21.19 0.49 -7.09
N ALA D 71 -19.99 1.04 -7.24
CA ALA D 71 -19.76 2.17 -8.15
C ALA D 71 -19.92 1.64 -9.58
N LEU D 72 -19.39 0.47 -9.86
CA LEU D 72 -19.50 -0.10 -11.22
C LEU D 72 -20.97 -0.51 -11.50
N ALA D 73 -21.72 -0.92 -10.49
CA ALA D 73 -23.13 -1.26 -10.68
C ALA D 73 -23.94 0.01 -10.98
N GLU D 74 -23.74 1.11 -10.26
CA GLU D 74 -24.41 2.40 -10.50
C GLU D 74 -24.06 2.85 -11.92
N LEU D 75 -22.82 2.69 -12.35
CA LEU D 75 -22.36 3.24 -13.63
C LEU D 75 -22.97 2.40 -14.76
N GLU D 76 -23.07 1.08 -14.58
CA GLU D 76 -23.57 0.18 -15.65
C GLU D 76 -25.12 0.13 -15.61
N GLY D 77 -25.77 0.60 -14.56
CA GLY D 77 -27.21 0.42 -14.35
C GLY D 77 -27.58 -0.97 -13.83
N GLY D 78 -26.84 -1.57 -12.92
CA GLY D 78 -27.07 -2.98 -12.57
C GLY D 78 -27.54 -3.10 -11.16
N ALA D 79 -27.83 -4.32 -10.76
CA ALA D 79 -28.32 -4.57 -9.38
C ALA D 79 -27.13 -4.64 -8.40
N GLY D 80 -25.93 -4.97 -8.86
CA GLY D 80 -24.78 -5.14 -7.96
C GLY D 80 -23.55 -5.52 -8.77
N GLY D 81 -22.40 -5.48 -8.14
CA GLY D 81 -21.15 -5.82 -8.78
C GLY D 81 -20.31 -6.69 -7.92
N VAL D 82 -19.55 -7.57 -8.57
CA VAL D 82 -18.61 -8.51 -7.94
C VAL D 82 -17.26 -8.19 -8.57
N ILE D 83 -16.25 -7.99 -7.73
CA ILE D 83 -14.85 -7.67 -8.12
C ILE D 83 -14.00 -8.94 -8.00
N THR D 84 -13.30 -9.28 -9.06
CA THR D 84 -12.44 -10.45 -9.16
C THR D 84 -10.98 -10.03 -9.19
N SER D 85 -10.11 -11.01 -8.99
CA SER D 85 -8.64 -10.89 -8.97
C SER D 85 -8.16 -10.41 -10.35
N THR D 86 -8.77 -10.91 -11.42
CA THR D 86 -8.42 -10.53 -12.80
C THR D 86 -9.65 -10.45 -13.69
N GLY D 87 -9.49 -9.86 -14.87
CA GLY D 87 -10.53 -9.87 -15.93
C GLY D 87 -10.90 -11.28 -16.39
N MET D 88 -9.91 -12.11 -16.69
CA MET D 88 -10.17 -13.51 -17.02
C MET D 88 -10.96 -14.15 -15.88
N GLY D 89 -10.71 -13.79 -14.61
CA GLY D 89 -11.45 -14.33 -13.47
C GLY D 89 -12.89 -13.89 -13.49
N ALA D 90 -13.20 -12.73 -14.05
CA ALA D 90 -14.62 -12.34 -14.20
C ALA D 90 -15.28 -13.25 -15.25
N ILE D 91 -14.60 -13.49 -16.34
CA ILE D 91 -15.13 -14.41 -17.38
C ILE D 91 -15.31 -15.78 -16.75
N ASN D 92 -14.30 -16.25 -16.04
CA ASN D 92 -14.36 -17.56 -15.37
C ASN D 92 -15.54 -17.59 -14.41
N LEU D 93 -15.67 -16.56 -13.59
CA LEU D 93 -16.83 -16.52 -12.68
C LEU D 93 -18.14 -16.73 -13.48
N VAL D 94 -18.33 -16.03 -14.60
CA VAL D 94 -19.63 -16.10 -15.31
C VAL D 94 -19.83 -17.54 -15.85
N LEU D 95 -18.83 -18.10 -16.48
CA LEU D 95 -18.88 -19.48 -17.02
C LEU D 95 -19.28 -20.45 -15.89
N ASN D 96 -18.71 -20.31 -14.70
CA ASN D 96 -19.04 -21.22 -13.57
C ASN D 96 -20.43 -20.92 -13.03
N ALA D 97 -20.87 -19.68 -12.96
CA ALA D 97 -22.17 -19.39 -12.34
C ALA D 97 -23.32 -19.87 -13.24
N VAL D 98 -23.14 -19.85 -14.56
CA VAL D 98 -24.27 -19.84 -15.53
C VAL D 98 -24.34 -21.19 -16.27
N LEU D 99 -23.21 -21.76 -16.69
CA LEU D 99 -23.13 -22.98 -17.52
C LEU D 99 -22.91 -24.22 -16.65
N GLN D 100 -23.27 -25.39 -17.19
CA GLN D 100 -22.89 -26.76 -16.73
C GLN D 100 -22.76 -27.66 -17.95
N PRO D 101 -22.19 -28.87 -17.82
CA PRO D 101 -22.05 -29.79 -18.96
C PRO D 101 -23.40 -30.09 -19.60
N GLY D 102 -23.35 -30.13 -20.93
CA GLY D 102 -24.56 -30.21 -21.77
C GLY D 102 -25.08 -28.85 -22.19
N ASP D 103 -24.63 -27.74 -21.57
CA ASP D 103 -24.98 -26.36 -22.02
C ASP D 103 -24.07 -25.95 -23.19
N THR D 104 -24.64 -25.12 -24.09
CA THR D 104 -23.87 -24.52 -25.20
C THR D 104 -23.59 -23.05 -24.91
N LEU D 105 -22.36 -22.64 -25.16
CA LEU D 105 -21.96 -21.22 -25.09
C LEU D 105 -21.68 -20.74 -26.51
N VAL D 106 -22.21 -19.57 -26.85
CA VAL D 106 -21.81 -18.90 -28.12
C VAL D 106 -20.78 -17.80 -27.81
N VAL D 107 -19.64 -17.83 -28.48
CA VAL D 107 -18.63 -16.75 -28.34
C VAL D 107 -18.33 -16.13 -29.69
N PRO D 108 -17.79 -14.89 -29.68
CA PRO D 108 -17.33 -14.24 -30.90
C PRO D 108 -16.05 -14.88 -31.44
N HIS D 109 -15.89 -14.92 -32.75
CA HIS D 109 -14.69 -15.43 -33.47
C HIS D 109 -13.47 -14.55 -33.18
N ASP D 110 -13.69 -13.29 -32.84
CA ASP D 110 -12.60 -12.26 -32.79
C ASP D 110 -12.42 -11.73 -31.35
N ALA D 111 -12.87 -12.47 -30.35
CA ALA D 111 -12.67 -12.11 -28.91
C ALA D 111 -11.16 -12.06 -28.55
N TYR D 112 -10.83 -11.39 -27.45
CA TYR D 112 -9.48 -11.38 -26.81
C TYR D 112 -8.92 -12.81 -26.84
N GLY D 113 -7.67 -12.98 -27.27
CA GLY D 113 -7.01 -14.31 -27.33
C GLY D 113 -7.08 -15.07 -26.00
N GLY D 114 -7.07 -14.34 -24.88
CA GLY D 114 -7.14 -14.96 -23.56
C GLY D 114 -8.50 -15.54 -23.34
N SER D 115 -9.54 -14.87 -23.82
CA SER D 115 -10.90 -15.42 -23.73
C SER D 115 -10.98 -16.71 -24.55
N TRP D 116 -10.50 -16.65 -25.78
CA TRP D 116 -10.41 -17.79 -26.72
C TRP D 116 -9.70 -18.92 -25.96
N ARG D 117 -8.52 -18.68 -25.38
CA ARG D 117 -7.76 -19.73 -24.64
C ARG D 117 -8.65 -20.38 -23.57
N LEU D 118 -9.33 -19.62 -22.75
CA LEU D 118 -10.15 -20.22 -21.68
C LEU D 118 -11.37 -20.95 -22.29
N PHE D 119 -12.07 -20.37 -23.25
CA PHE D 119 -13.28 -21.01 -23.87
C PHE D 119 -12.87 -22.39 -24.42
N ASN D 120 -11.77 -22.44 -25.17
CA ASN D 120 -11.29 -23.67 -25.84
C ASN D 120 -10.80 -24.68 -24.79
N ALA D 121 -10.11 -24.25 -23.72
CA ALA D 121 -9.54 -25.19 -22.73
C ALA D 121 -10.69 -25.86 -21.97
N LEU D 122 -11.72 -25.11 -21.59
CA LEU D 122 -12.85 -25.66 -20.79
C LEU D 122 -13.85 -26.48 -21.63
N ALA D 123 -13.98 -26.15 -22.92
CA ALA D 123 -14.82 -26.93 -23.87
C ALA D 123 -14.14 -28.28 -24.12
N LYS D 124 -12.82 -28.30 -24.23
CA LYS D 124 -12.02 -29.54 -24.44
C LYS D 124 -12.23 -30.49 -23.26
N LYS D 125 -12.37 -29.98 -22.04
CA LYS D 125 -12.62 -30.81 -20.83
C LYS D 125 -14.08 -31.25 -20.79
N GLY D 126 -14.98 -30.53 -21.44
CA GLY D 126 -16.39 -30.92 -21.44
C GLY D 126 -17.22 -30.17 -20.44
N HIS D 127 -16.82 -28.94 -20.04
CA HIS D 127 -17.65 -28.14 -19.10
C HIS D 127 -18.88 -27.63 -19.85
N PHE D 128 -18.78 -27.46 -21.16
CA PHE D 128 -19.91 -26.95 -21.98
C PHE D 128 -19.50 -27.18 -23.43
N ALA D 129 -20.46 -27.09 -24.37
CA ALA D 129 -20.11 -27.09 -25.81
C ALA D 129 -20.00 -25.63 -26.23
N LEU D 130 -19.10 -25.43 -27.16
CA LEU D 130 -18.64 -24.11 -27.65
C LEU D 130 -19.06 -23.98 -29.11
N ILE D 131 -19.75 -22.89 -29.45
CA ILE D 131 -19.94 -22.42 -30.86
C ILE D 131 -19.25 -21.06 -31.01
N THR D 132 -18.24 -20.93 -31.88
CA THR D 132 -17.60 -19.63 -32.21
C THR D 132 -18.22 -19.13 -33.54
N ALA D 133 -18.94 -18.01 -33.46
CA ALA D 133 -19.76 -17.35 -34.50
C ALA D 133 -19.28 -15.92 -34.75
N ASP D 134 -19.56 -15.40 -35.96
CA ASP D 134 -19.35 -13.97 -36.30
C ASP D 134 -20.65 -13.28 -35.91
N LEU D 135 -20.70 -12.64 -34.76
CA LEU D 135 -21.95 -11.98 -34.29
C LEU D 135 -22.22 -10.71 -35.11
N THR D 136 -21.38 -10.33 -36.07
CA THR D 136 -21.68 -9.16 -36.95
C THR D 136 -22.44 -9.58 -38.21
N VAL D 137 -22.51 -10.87 -38.49
CA VAL D 137 -23.17 -11.44 -39.68
C VAL D 137 -24.44 -12.15 -39.25
N PRO D 138 -25.62 -11.62 -39.60
CA PRO D 138 -26.90 -12.15 -39.09
C PRO D 138 -27.10 -13.65 -39.30
N ARG D 139 -26.54 -14.13 -40.41
CA ARG D 139 -26.50 -15.54 -40.88
C ARG D 139 -25.79 -16.39 -39.81
N SER D 140 -24.51 -16.09 -39.54
CA SER D 140 -23.67 -16.79 -38.54
C SER D 140 -24.34 -16.73 -37.16
N LEU D 141 -24.92 -15.59 -36.80
CA LEU D 141 -25.59 -15.46 -35.49
C LEU D 141 -26.76 -16.43 -35.44
N ALA D 142 -27.58 -16.48 -36.51
CA ALA D 142 -28.87 -17.21 -36.51
C ALA D 142 -28.61 -18.71 -36.52
N ASP D 143 -27.54 -19.16 -37.18
CA ASP D 143 -27.09 -20.58 -37.15
C ASP D 143 -26.69 -20.97 -35.72
N ALA D 144 -26.05 -20.08 -34.95
CA ALA D 144 -25.60 -20.32 -33.57
C ALA D 144 -26.81 -20.35 -32.63
N LEU D 145 -27.76 -19.44 -32.76
CA LEU D 145 -28.95 -19.36 -31.88
C LEU D 145 -29.98 -20.47 -32.19
N ALA D 146 -29.93 -21.06 -33.37
CA ALA D 146 -30.77 -22.21 -33.80
C ALA D 146 -30.50 -23.40 -32.86
N GLN D 147 -29.30 -23.46 -32.29
CA GLN D 147 -28.83 -24.55 -31.40
C GLN D 147 -29.11 -24.29 -29.91
N SER D 148 -30.01 -23.36 -29.59
CA SER D 148 -30.54 -23.15 -28.22
C SER D 148 -29.41 -23.05 -27.18
N PRO D 149 -28.52 -22.05 -27.28
CA PRO D 149 -27.40 -21.94 -26.35
C PRO D 149 -27.89 -21.39 -25.02
N LYS D 150 -27.16 -21.66 -23.95
CA LYS D 150 -27.58 -21.16 -22.61
C LYS D 150 -27.12 -19.72 -22.51
N LEU D 151 -26.00 -19.40 -23.17
CA LEU D 151 -25.34 -18.10 -22.94
C LEU D 151 -24.68 -17.63 -24.21
N VAL D 152 -24.85 -16.35 -24.52
CA VAL D 152 -24.07 -15.70 -25.62
C VAL D 152 -23.15 -14.65 -25.00
N LEU D 153 -21.90 -14.67 -25.40
CA LEU D 153 -20.94 -13.61 -25.02
C LEU D 153 -20.70 -12.72 -26.25
N ILE D 154 -20.86 -11.43 -26.01
CA ILE D 154 -20.53 -10.35 -26.97
C ILE D 154 -19.31 -9.58 -26.47
N GLU D 155 -18.36 -9.31 -27.34
CA GLU D 155 -17.22 -8.41 -27.05
C GLU D 155 -17.23 -7.29 -28.10
N THR D 156 -17.75 -6.11 -27.76
CA THR D 156 -17.83 -4.97 -28.72
C THR D 156 -17.35 -3.68 -28.04
N PRO D 157 -16.49 -2.89 -28.71
CA PRO D 157 -15.81 -3.27 -29.93
C PRO D 157 -14.81 -4.38 -29.66
N SER D 158 -14.38 -5.04 -30.71
CA SER D 158 -13.61 -6.30 -30.59
C SER D 158 -12.11 -5.96 -30.59
N ASN D 159 -11.31 -6.80 -29.94
CA ASN D 159 -9.87 -6.65 -29.74
C ASN D 159 -9.19 -7.66 -30.66
N PRO D 160 -8.41 -7.27 -31.68
CA PRO D 160 -7.94 -5.89 -31.87
C PRO D 160 -8.42 -5.16 -33.14
N LEU D 161 -9.51 -5.60 -33.78
CA LEU D 161 -9.96 -5.06 -35.10
C LEU D 161 -11.17 -4.09 -34.98
N LEU D 162 -11.66 -3.85 -33.78
CA LEU D 162 -12.68 -2.81 -33.49
C LEU D 162 -13.97 -3.07 -34.32
N ARG D 163 -14.37 -4.34 -34.47
CA ARG D 163 -15.66 -4.72 -35.10
C ARG D 163 -16.73 -4.41 -34.09
N ILE D 164 -17.83 -3.86 -34.55
CA ILE D 164 -18.94 -3.41 -33.67
C ILE D 164 -20.01 -4.49 -33.77
N THR D 165 -20.53 -4.97 -32.66
CA THR D 165 -21.71 -5.85 -32.76
C THR D 165 -22.89 -5.04 -32.28
N ASP D 166 -24.01 -5.25 -32.97
CA ASP D 166 -25.31 -4.60 -32.74
C ASP D 166 -25.91 -5.18 -31.47
N LEU D 167 -25.77 -4.46 -30.37
CA LEU D 167 -26.23 -4.96 -29.08
C LEU D 167 -27.73 -5.26 -29.16
N ARG D 168 -28.52 -4.31 -29.68
CA ARG D 168 -30.01 -4.45 -29.67
C ARG D 168 -30.41 -5.68 -30.51
N PHE D 169 -29.82 -5.85 -31.68
CA PHE D 169 -30.07 -6.99 -32.59
C PHE D 169 -29.69 -8.31 -31.91
N VAL D 170 -28.44 -8.46 -31.47
CA VAL D 170 -27.93 -9.75 -30.94
C VAL D 170 -28.67 -10.07 -29.65
N ILE D 171 -28.99 -9.08 -28.83
CA ILE D 171 -29.57 -9.40 -27.51
C ILE D 171 -31.05 -9.79 -27.72
N GLU D 172 -31.83 -9.11 -28.56
CA GLU D 172 -33.25 -9.53 -28.70
C GLU D 172 -33.29 -10.91 -29.39
N ALA D 173 -32.42 -11.21 -30.34
CA ALA D 173 -32.39 -12.53 -30.99
C ALA D 173 -32.07 -13.59 -29.94
N ALA D 174 -31.17 -13.32 -29.00
CA ALA D 174 -30.72 -14.32 -28.00
C ALA D 174 -31.88 -14.58 -27.04
N LYS D 175 -32.56 -13.54 -26.61
CA LYS D 175 -33.71 -13.65 -25.71
C LYS D 175 -34.84 -14.46 -26.36
N LYS D 176 -35.07 -14.32 -27.67
CA LYS D 176 -36.15 -15.04 -28.38
C LYS D 176 -35.94 -16.55 -28.16
N VAL D 177 -34.69 -17.05 -28.20
CA VAL D 177 -34.33 -18.47 -27.95
C VAL D 177 -33.98 -18.78 -26.47
N GLY D 178 -34.26 -17.89 -25.52
CA GLY D 178 -34.08 -18.08 -24.05
C GLY D 178 -32.62 -18.13 -23.60
N ALA D 179 -31.68 -17.64 -24.39
CA ALA D 179 -30.26 -17.48 -24.01
C ALA D 179 -30.05 -16.21 -23.15
N LEU D 180 -29.26 -16.34 -22.11
CA LEU D 180 -28.67 -15.19 -21.37
C LEU D 180 -27.58 -14.59 -22.26
N THR D 181 -27.33 -13.31 -22.06
CA THR D 181 -26.24 -12.59 -22.76
C THR D 181 -25.32 -11.93 -21.74
N VAL D 182 -24.03 -11.98 -22.05
CA VAL D 182 -22.98 -11.29 -21.25
C VAL D 182 -22.17 -10.46 -22.23
N VAL D 183 -21.93 -9.21 -21.89
CA VAL D 183 -21.09 -8.32 -22.76
C VAL D 183 -19.79 -7.96 -22.03
N ASP D 184 -18.68 -8.25 -22.67
CA ASP D 184 -17.35 -7.76 -22.28
C ASP D 184 -17.22 -6.32 -22.77
N ASN D 185 -17.32 -5.36 -21.86
CA ASN D 185 -17.36 -3.90 -22.10
C ASN D 185 -16.02 -3.23 -21.74
N THR D 186 -14.93 -3.96 -21.81
CA THR D 186 -13.58 -3.51 -21.38
C THR D 186 -13.13 -2.32 -22.23
N PHE D 187 -13.26 -2.43 -23.57
CA PHE D 187 -12.70 -1.49 -24.55
C PHE D 187 -13.32 -0.08 -24.43
N LEU D 188 -14.54 0.09 -23.92
CA LEU D 188 -15.12 1.46 -23.83
C LEU D 188 -15.35 1.91 -22.39
N SER D 189 -15.43 0.98 -21.43
CA SER D 189 -15.78 1.27 -20.02
C SER D 189 -17.24 1.63 -19.92
N PRO D 190 -17.81 1.68 -18.69
CA PRO D 190 -19.21 2.09 -18.54
C PRO D 190 -19.45 3.53 -18.98
N ALA D 191 -18.41 4.34 -19.09
CA ALA D 191 -18.57 5.79 -19.35
C ALA D 191 -18.99 5.96 -20.81
N LEU D 192 -18.72 4.97 -21.67
CA LEU D 192 -18.92 5.16 -23.12
C LEU D 192 -19.88 4.12 -23.73
N GLN D 193 -20.31 3.08 -23.01
CA GLN D 193 -21.27 2.04 -23.50
C GLN D 193 -21.86 1.34 -22.30
N LYS D 194 -23.17 1.24 -22.26
CA LYS D 194 -23.95 0.64 -21.17
C LYS D 194 -24.73 -0.54 -21.72
N PRO D 195 -24.12 -1.73 -21.89
CA PRO D 195 -24.85 -2.87 -22.45
C PRO D 195 -26.14 -3.27 -21.75
N LEU D 196 -26.27 -3.05 -20.44
CA LEU D 196 -27.52 -3.41 -19.71
C LEU D 196 -28.68 -2.51 -20.17
N ASP D 197 -28.43 -1.31 -20.70
CA ASP D 197 -29.50 -0.43 -21.24
C ASP D 197 -30.12 -1.15 -22.46
N PHE D 198 -29.40 -2.03 -23.15
CA PHE D 198 -29.89 -2.81 -24.31
C PHE D 198 -30.49 -4.15 -23.86
N GLY D 199 -30.70 -4.36 -22.57
CA GLY D 199 -31.25 -5.62 -22.04
C GLY D 199 -30.25 -6.77 -21.82
N ALA D 200 -28.92 -6.62 -21.85
CA ALA D 200 -28.01 -7.74 -21.47
C ALA D 200 -28.25 -8.17 -20.01
N ASP D 201 -27.99 -9.43 -19.70
CA ASP D 201 -28.18 -9.97 -18.34
C ASP D 201 -27.00 -9.51 -17.48
N LEU D 202 -25.82 -9.49 -18.10
CA LEU D 202 -24.51 -9.37 -17.45
C LEU D 202 -23.63 -8.45 -18.28
N VAL D 203 -22.86 -7.62 -17.59
CA VAL D 203 -21.73 -6.91 -18.22
C VAL D 203 -20.48 -7.15 -17.40
N LEU D 204 -19.34 -7.32 -18.07
CA LEU D 204 -18.10 -7.55 -17.35
C LEU D 204 -16.98 -6.71 -17.94
N HIS D 205 -15.94 -6.57 -17.15
CA HIS D 205 -14.79 -5.72 -17.47
C HIS D 205 -13.52 -6.41 -17.01
N SER D 206 -12.42 -6.22 -17.73
CA SER D 206 -11.08 -6.12 -17.12
C SER D 206 -10.90 -4.72 -16.55
N THR D 207 -10.94 -4.54 -15.22
CA THR D 207 -10.70 -3.21 -14.59
C THR D 207 -9.24 -2.80 -14.77
N THR D 208 -8.41 -3.73 -15.21
CA THR D 208 -7.00 -3.51 -15.49
C THR D 208 -6.82 -2.34 -16.47
N LYS D 209 -7.82 -2.10 -17.31
CA LYS D 209 -7.66 -1.22 -18.48
CA LYS D 209 -7.66 -1.23 -18.48
C LYS D 209 -8.14 0.18 -18.08
N TYR D 210 -9.24 0.72 -18.67
CA TYR D 210 -9.64 2.13 -18.47
C TYR D 210 -10.15 2.40 -17.05
N ILE D 211 -10.86 1.48 -16.44
CA ILE D 211 -11.44 1.72 -15.10
C ILE D 211 -10.32 2.07 -14.09
N ASN D 212 -9.29 1.24 -13.98
CA ASN D 212 -8.14 1.61 -13.13
C ASN D 212 -7.32 2.72 -13.82
N GLY D 213 -6.89 2.53 -15.05
CA GLY D 213 -6.33 3.60 -15.88
C GLY D 213 -4.86 3.86 -15.61
N HIS D 214 -4.23 3.23 -14.60
CA HIS D 214 -2.84 3.55 -14.24
C HIS D 214 -1.91 2.34 -14.37
N SER D 215 -2.35 1.28 -15.05
CA SER D 215 -1.48 0.12 -15.33
C SER D 215 -0.82 -0.47 -14.07
N ASP D 216 -1.45 -0.45 -12.93
CA ASP D 216 -0.80 -0.88 -11.68
C ASP D 216 -1.76 -1.71 -10.83
N VAL D 217 -2.77 -2.29 -11.46
CA VAL D 217 -3.75 -3.24 -10.87
C VAL D 217 -4.19 -4.18 -11.98
N VAL D 218 -4.22 -5.47 -11.72
CA VAL D 218 -4.98 -6.43 -12.52
C VAL D 218 -6.23 -6.74 -11.70
N GLY D 219 -7.39 -6.66 -12.35
CA GLY D 219 -8.72 -6.83 -11.74
C GLY D 219 -9.82 -7.06 -12.78
N GLY D 220 -10.96 -7.58 -12.34
CA GLY D 220 -12.17 -7.76 -13.15
C GLY D 220 -13.38 -7.38 -12.36
N ALA D 221 -14.52 -7.24 -13.04
CA ALA D 221 -15.82 -6.94 -12.41
C ALA D 221 -16.91 -7.55 -13.26
N VAL D 222 -17.99 -7.95 -12.63
CA VAL D 222 -19.19 -8.46 -13.30
C VAL D 222 -20.34 -7.76 -12.62
N VAL D 223 -21.17 -7.12 -13.43
CA VAL D 223 -22.42 -6.49 -12.97
C VAL D 223 -23.55 -7.27 -13.66
N ALA D 224 -24.50 -7.70 -12.85
CA ALA D 224 -25.75 -8.32 -13.32
C ALA D 224 -26.88 -7.29 -13.26
N ARG D 225 -27.76 -7.33 -14.26
CA ARG D 225 -28.98 -6.48 -14.24
C ARG D 225 -29.83 -6.96 -13.07
N ASP D 226 -29.92 -8.25 -12.86
CA ASP D 226 -30.97 -8.83 -11.98
C ASP D 226 -30.34 -9.15 -10.62
N ALA D 227 -31.02 -8.81 -9.52
CA ALA D 227 -30.54 -9.02 -8.13
C ALA D 227 -30.22 -10.49 -7.86
N GLU D 228 -30.99 -11.41 -8.41
CA GLU D 228 -30.89 -12.86 -8.14
C GLU D 228 -29.65 -13.37 -8.85
N LEU D 229 -29.44 -12.97 -10.10
CA LEU D 229 -28.20 -13.39 -10.77
C LEU D 229 -26.95 -12.80 -10.04
N HIS D 230 -27.06 -11.59 -9.50
CA HIS D 230 -25.98 -10.96 -8.72
C HIS D 230 -25.67 -11.84 -7.49
N GLN D 231 -26.70 -12.19 -6.71
CA GLN D 231 -26.56 -13.08 -5.51
C GLN D 231 -25.87 -14.37 -5.95
N GLN D 232 -26.18 -14.94 -7.11
CA GLN D 232 -25.51 -16.19 -7.55
C GLN D 232 -24.04 -15.88 -7.84
N LEU D 233 -23.70 -14.73 -8.42
CA LEU D 233 -22.27 -14.47 -8.73
C LEU D 233 -21.51 -14.26 -7.42
N VAL D 234 -22.11 -13.61 -6.43
CA VAL D 234 -21.53 -13.41 -5.08
C VAL D 234 -21.16 -14.80 -4.51
N TRP D 235 -22.08 -15.74 -4.60
CA TRP D 235 -21.97 -17.10 -4.02
C TRP D 235 -20.84 -17.82 -4.71
N TRP D 236 -20.81 -17.78 -6.02
CA TRP D 236 -19.80 -18.55 -6.78
C TRP D 236 -18.43 -17.91 -6.60
N ALA D 237 -18.37 -16.59 -6.48
CA ALA D 237 -17.07 -15.90 -6.39
C ALA D 237 -16.47 -16.29 -5.03
N ASN D 238 -17.27 -16.25 -3.99
CA ASN D 238 -16.89 -16.72 -2.63
C ASN D 238 -16.43 -18.18 -2.66
N ALA D 239 -17.15 -19.04 -3.36
CA ALA D 239 -16.97 -20.51 -3.25
C ALA D 239 -15.75 -20.95 -4.06
N LEU D 240 -15.47 -20.34 -5.23
CA LEU D 240 -14.30 -20.61 -6.10
C LEU D 240 -13.05 -19.81 -5.66
N GLY D 241 -13.23 -18.86 -4.76
CA GLY D 241 -12.19 -17.92 -4.32
C GLY D 241 -11.64 -17.02 -5.42
N LEU D 242 -12.49 -16.39 -6.21
CA LEU D 242 -12.08 -15.53 -7.37
C LEU D 242 -12.14 -14.05 -6.96
N THR D 243 -12.53 -13.72 -5.75
CA THR D 243 -12.63 -12.30 -5.29
C THR D 243 -11.23 -11.67 -5.23
N GLY D 244 -11.21 -10.35 -5.38
CA GLY D 244 -10.00 -9.51 -5.42
C GLY D 244 -9.58 -8.97 -4.07
N SER D 245 -8.38 -8.46 -4.07
CA SER D 245 -7.69 -7.83 -2.95
C SER D 245 -8.31 -6.46 -2.64
N PRO D 246 -8.62 -6.19 -1.37
CA PRO D 246 -9.05 -4.87 -0.96
C PRO D 246 -8.09 -3.75 -1.38
N PHE D 247 -6.79 -3.98 -1.37
CA PHE D 247 -5.86 -2.91 -1.75
C PHE D 247 -6.01 -2.55 -3.23
N ASP D 248 -6.06 -3.56 -4.09
CA ASP D 248 -6.32 -3.41 -5.53
C ASP D 248 -7.66 -2.68 -5.75
N ALA D 249 -8.67 -2.99 -4.96
CA ALA D 249 -9.96 -2.32 -5.14
C ALA D 249 -9.82 -0.83 -4.78
N PHE D 250 -8.98 -0.50 -3.83
CA PHE D 250 -8.72 0.87 -3.40
C PHE D 250 -8.06 1.63 -4.57
N LEU D 251 -7.03 1.08 -5.19
CA LEU D 251 -6.30 1.74 -6.28
C LEU D 251 -7.24 1.92 -7.49
N THR D 252 -8.05 0.91 -7.75
CA THR D 252 -9.05 0.87 -8.85
C THR D 252 -10.11 1.94 -8.62
N LEU D 253 -10.66 2.02 -7.43
CA LEU D 253 -11.59 3.11 -7.10
C LEU D 253 -10.88 4.47 -7.29
N ARG D 254 -9.61 4.62 -6.90
CA ARG D 254 -8.91 5.92 -7.00
C ARG D 254 -8.80 6.24 -8.51
N GLY D 255 -8.49 5.24 -9.30
CA GLY D 255 -8.36 5.42 -10.75
C GLY D 255 -9.71 5.81 -11.38
N LEU D 256 -10.78 5.11 -10.98
CA LEU D 256 -12.17 5.34 -11.46
C LEU D 256 -12.50 6.84 -11.40
N ARG D 257 -12.02 7.54 -10.38
CA ARG D 257 -12.46 8.93 -10.09
C ARG D 257 -12.05 9.86 -11.24
N THR D 258 -11.01 9.52 -11.99
CA THR D 258 -10.59 10.31 -13.15
C THR D 258 -11.05 9.67 -14.48
N LEU D 259 -11.94 8.67 -14.50
CA LEU D 259 -12.30 7.97 -15.77
C LEU D 259 -12.83 9.01 -16.77
N ASP D 260 -13.75 9.87 -16.35
CA ASP D 260 -14.34 10.91 -17.24
C ASP D 260 -13.24 11.87 -17.75
N ALA D 261 -12.47 12.44 -16.86
CA ALA D 261 -11.40 13.40 -17.22
C ALA D 261 -10.38 12.77 -18.12
N ARG D 262 -10.07 11.49 -17.88
CA ARG D 262 -9.08 10.81 -18.76
C ARG D 262 -9.69 10.57 -20.16
N LEU D 263 -10.91 10.02 -20.24
CA LEU D 263 -11.54 9.69 -21.58
C LEU D 263 -11.66 10.94 -22.47
N ARG D 264 -11.89 12.11 -21.87
CA ARG D 264 -11.97 13.34 -22.69
C ARG D 264 -10.67 13.49 -23.44
N VAL D 265 -9.53 13.29 -22.77
CA VAL D 265 -8.23 13.49 -23.42
C VAL D 265 -7.95 12.31 -24.34
N HIS D 266 -8.20 11.08 -23.86
CA HIS D 266 -7.95 9.89 -24.71
C HIS D 266 -8.63 10.09 -26.06
N GLN D 267 -9.92 10.45 -26.03
CA GLN D 267 -10.76 10.50 -27.27
C GLN D 267 -10.34 11.66 -28.20
N GLU D 268 -10.06 12.86 -27.64
CA GLU D 268 -9.43 13.97 -28.41
C GLU D 268 -8.19 13.45 -29.13
N ASN D 269 -7.28 12.78 -28.38
CA ASN D 269 -6.00 12.29 -28.94
C ASN D 269 -6.30 11.25 -30.03
N ALA D 270 -7.24 10.35 -29.78
CA ALA D 270 -7.54 9.29 -30.77
C ALA D 270 -8.09 9.90 -32.07
N ASP D 271 -9.03 10.85 -31.99
CA ASP D 271 -9.59 11.58 -33.16
C ASP D 271 -8.46 12.19 -33.99
N ALA D 272 -7.50 12.86 -33.36
CA ALA D 272 -6.35 13.43 -34.08
C ALA D 272 -5.53 12.35 -34.72
N ILE D 273 -5.28 11.22 -34.05
CA ILE D 273 -4.34 10.20 -34.62
C ILE D 273 -5.03 9.47 -35.77
N ALA D 274 -6.33 9.22 -35.65
CA ALA D 274 -7.14 8.61 -36.73
C ALA D 274 -7.04 9.49 -37.97
N GLU D 275 -7.17 10.82 -37.85
CA GLU D 275 -7.07 11.76 -38.99
C GLU D 275 -5.66 11.68 -39.64
N LEU D 276 -4.58 11.52 -38.87
CA LEU D 276 -3.21 11.34 -39.40
C LEU D 276 -3.13 10.02 -40.18
N LEU D 277 -3.64 8.92 -39.64
CA LEU D 277 -3.34 7.60 -40.22
C LEU D 277 -4.26 7.34 -41.41
N ASP D 278 -5.52 7.78 -41.35
CA ASP D 278 -6.54 7.52 -42.39
C ASP D 278 -6.12 8.20 -43.71
N GLY D 279 -5.80 7.44 -44.73
CA GLY D 279 -5.34 7.98 -46.02
C GLY D 279 -3.88 8.42 -46.04
N HIS D 280 -3.06 8.25 -44.99
CA HIS D 280 -1.58 8.40 -45.10
C HIS D 280 -1.02 7.40 -46.13
N ALA D 281 -0.08 7.85 -46.96
CA ALA D 281 0.54 7.04 -48.03
C ALA D 281 1.10 5.74 -47.45
N MET D 282 1.48 5.69 -46.18
CA MET D 282 2.16 4.51 -45.63
C MET D 282 1.16 3.57 -44.96
N VAL D 283 -0.10 3.95 -44.91
CA VAL D 283 -1.14 3.17 -44.18
C VAL D 283 -2.16 2.59 -45.16
N ASN D 284 -2.19 1.26 -45.26
CA ASN D 284 -3.18 0.47 -46.04
C ASN D 284 -4.57 0.64 -45.44
N GLN D 285 -4.74 0.22 -44.18
CA GLN D 285 -6.07 0.23 -43.50
C GLN D 285 -5.91 0.82 -42.09
N VAL D 286 -6.92 1.58 -41.64
CA VAL D 286 -7.09 1.97 -40.21
C VAL D 286 -8.39 1.35 -39.70
N TYR D 287 -8.36 0.74 -38.51
CA TYR D 287 -9.56 0.20 -37.87
C TYR D 287 -9.83 1.07 -36.66
N PHE D 288 -10.83 1.93 -36.78
CA PHE D 288 -11.24 2.86 -35.72
C PHE D 288 -12.68 3.27 -35.98
N PRO D 289 -13.59 2.96 -35.05
CA PRO D 289 -15.01 3.17 -35.25
C PRO D 289 -15.39 4.64 -35.50
N GLY D 290 -14.56 5.60 -35.12
CA GLY D 290 -14.90 7.03 -35.32
C GLY D 290 -14.74 7.46 -36.77
N LEU D 291 -14.07 6.70 -37.62
CA LEU D 291 -13.97 6.98 -39.07
C LEU D 291 -15.29 6.65 -39.77
N ALA D 292 -15.80 7.59 -40.57
CA ALA D 292 -17.09 7.45 -41.27
C ALA D 292 -17.04 6.22 -42.17
N THR D 293 -15.87 5.85 -42.68
CA THR D 293 -15.72 4.69 -43.59
C THR D 293 -15.55 3.35 -42.88
N HIS D 294 -15.66 3.30 -41.55
CA HIS D 294 -15.46 2.03 -40.79
C HIS D 294 -16.80 1.31 -40.78
N PRO D 295 -16.83 0.03 -41.15
CA PRO D 295 -18.07 -0.71 -41.08
C PRO D 295 -18.51 -0.65 -39.61
N GLY D 296 -19.72 -0.22 -39.35
CA GLY D 296 -20.20 -0.15 -37.95
C GLY D 296 -20.05 1.24 -37.36
N HIS D 297 -19.50 2.18 -38.15
CA HIS D 297 -19.40 3.59 -37.73
C HIS D 297 -20.77 4.04 -37.19
N ALA D 298 -21.81 3.80 -37.98
CA ALA D 298 -23.12 4.44 -37.70
C ALA D 298 -23.70 3.74 -36.49
N LEU D 299 -23.48 2.45 -36.39
CA LEU D 299 -23.88 1.60 -35.24
C LEU D 299 -23.16 2.12 -33.96
N ALA D 300 -21.84 2.30 -34.04
CA ALA D 300 -21.01 2.78 -32.91
C ALA D 300 -21.56 4.14 -32.46
N ALA D 301 -21.90 5.05 -33.41
CA ALA D 301 -22.37 6.42 -33.06
C ALA D 301 -23.68 6.37 -32.31
N ARG D 302 -24.49 5.33 -32.53
CA ARG D 302 -25.84 5.19 -31.92
C ARG D 302 -25.71 4.39 -30.60
N GLN D 303 -24.92 3.30 -30.54
CA GLN D 303 -24.93 2.47 -29.30
C GLN D 303 -23.84 2.92 -28.30
N GLN D 304 -22.82 3.68 -28.71
CA GLN D 304 -21.74 4.26 -27.86
C GLN D 304 -21.93 5.78 -27.64
N LYS D 305 -21.40 6.31 -26.53
CA LYS D 305 -21.36 7.74 -26.16
C LYS D 305 -20.05 8.32 -26.68
N GLY D 306 -19.16 7.52 -27.24
CA GLY D 306 -17.92 8.00 -27.89
C GLY D 306 -17.28 6.84 -28.64
N PHE D 307 -16.26 7.15 -29.43
CA PHE D 307 -15.55 6.19 -30.31
C PHE D 307 -14.32 5.60 -29.58
N GLY D 308 -13.94 6.13 -28.41
CA GLY D 308 -12.88 5.49 -27.60
C GLY D 308 -11.51 5.80 -28.14
N ALA D 309 -10.49 5.07 -27.73
CA ALA D 309 -9.11 5.42 -28.04
C ALA D 309 -8.28 4.18 -28.30
N MET D 310 -8.95 3.06 -28.62
CA MET D 310 -8.26 1.88 -29.19
C MET D 310 -8.40 1.98 -30.70
N MET D 311 -7.33 1.68 -31.41
CA MET D 311 -7.38 1.55 -32.87
C MET D 311 -6.25 0.61 -33.33
N SER D 312 -6.42 0.00 -34.50
CA SER D 312 -5.32 -0.75 -35.15
C SER D 312 -5.23 -0.30 -36.59
N PHE D 313 -4.11 -0.61 -37.20
CA PHE D 313 -3.76 -0.18 -38.56
C PHE D 313 -2.68 -1.11 -39.12
N GLU D 314 -2.64 -1.14 -40.45
CA GLU D 314 -1.74 -2.01 -41.27
C GLU D 314 -0.90 -1.04 -42.09
N LEU D 315 0.40 -1.12 -41.89
CA LEU D 315 1.46 -0.46 -42.65
C LEU D 315 1.63 -1.12 -44.02
N GLU D 316 1.93 -0.29 -45.02
CA GLU D 316 2.64 -0.67 -46.27
C GLU D 316 4.07 -1.12 -45.91
N GLY D 317 4.58 -2.15 -46.59
CA GLY D 317 6.03 -2.50 -46.63
C GLY D 317 6.38 -3.76 -45.85
N GLY D 318 5.38 -4.57 -45.48
CA GLY D 318 5.62 -5.85 -44.79
C GLY D 318 6.43 -5.67 -43.51
N GLU D 319 7.16 -6.71 -43.12
CA GLU D 319 7.73 -6.86 -41.76
C GLU D 319 8.81 -5.81 -41.52
N ALA D 320 9.56 -5.43 -42.55
CA ALA D 320 10.70 -4.50 -42.38
C ALA D 320 10.14 -3.13 -41.96
N ALA D 321 8.96 -2.76 -42.47
CA ALA D 321 8.29 -1.46 -42.21
C ALA D 321 7.81 -1.47 -40.75
N VAL D 322 7.15 -2.55 -40.34
CA VAL D 322 6.69 -2.73 -38.94
C VAL D 322 7.87 -2.53 -38.00
N ARG D 323 9.00 -3.17 -38.27
CA ARG D 323 10.18 -3.19 -37.37
C ARG D 323 10.72 -1.76 -37.29
N ALA D 324 10.81 -1.05 -38.41
CA ALA D 324 11.39 0.30 -38.44
C ALA D 324 10.45 1.30 -37.75
N PHE D 325 9.15 1.23 -38.02
CA PHE D 325 8.11 2.04 -37.31
C PHE D 325 8.27 1.88 -35.80
N VAL D 326 8.29 0.64 -35.30
CA VAL D 326 8.20 0.33 -33.83
C VAL D 326 9.52 0.75 -33.15
N ASP D 327 10.67 0.41 -33.72
CA ASP D 327 12.01 0.82 -33.18
C ASP D 327 12.09 2.34 -33.31
N GLY D 328 12.10 3.04 -32.20
CA GLY D 328 12.32 4.49 -32.20
C GLY D 328 11.12 5.23 -31.63
N LEU D 329 10.00 4.57 -31.41
CA LEU D 329 8.83 5.26 -30.83
C LEU D 329 9.22 5.76 -29.44
N ARG D 330 9.03 7.05 -29.16
CA ARG D 330 9.41 7.68 -27.86
C ARG D 330 8.26 7.62 -26.86
N TYR D 331 7.01 7.70 -27.31
CA TYR D 331 5.84 7.93 -26.42
C TYR D 331 4.86 6.77 -26.50
N PHE D 332 5.13 5.74 -27.31
CA PHE D 332 4.34 4.49 -27.38
C PHE D 332 5.23 3.35 -26.89
N THR D 333 5.03 2.89 -25.66
CA THR D 333 5.74 1.72 -25.09
C THR D 333 5.23 0.43 -25.75
N LEU D 334 6.10 -0.39 -26.30
CA LEU D 334 5.74 -1.73 -26.85
C LEU D 334 5.49 -2.67 -25.69
N ALA D 335 4.24 -3.01 -25.46
CA ALA D 335 3.78 -3.79 -24.29
C ALA D 335 2.36 -4.21 -24.51
N GLU D 336 1.99 -5.19 -23.73
CA GLU D 336 0.61 -5.69 -23.63
C GLU D 336 -0.18 -4.70 -22.80
N SER D 337 -1.49 -4.96 -22.73
CA SER D 337 -2.51 -4.18 -22.01
C SER D 337 -2.90 -2.92 -22.82
N LEU D 338 -3.76 -2.10 -22.22
CA LEU D 338 -4.40 -0.95 -22.90
C LEU D 338 -5.18 -0.20 -21.82
N GLY D 339 -5.58 1.01 -22.15
CA GLY D 339 -6.49 1.76 -21.26
C GLY D 339 -5.74 2.55 -20.23
N GLY D 340 -4.43 2.59 -20.35
CA GLY D 340 -3.64 3.36 -19.38
C GLY D 340 -3.52 4.81 -19.82
N VAL D 341 -3.16 5.67 -18.89
CA VAL D 341 -2.82 7.07 -19.18
C VAL D 341 -1.63 7.09 -20.13
N GLU D 342 -0.76 6.09 -20.08
CA GLU D 342 0.49 6.05 -20.91
C GLU D 342 0.16 5.35 -22.23
N SER D 343 0.50 5.96 -23.37
CA SER D 343 0.26 5.33 -24.70
C SER D 343 1.08 4.06 -24.87
N LEU D 344 0.48 3.07 -25.54
CA LEU D 344 1.04 1.71 -25.75
C LEU D 344 0.88 1.33 -27.20
N ILE D 345 1.77 0.48 -27.65
CA ILE D 345 1.67 -0.19 -28.97
C ILE D 345 1.91 -1.69 -28.74
N ALA D 346 1.10 -2.51 -29.40
CA ALA D 346 1.19 -3.99 -29.41
C ALA D 346 1.10 -4.50 -30.86
N HIS D 347 1.79 -5.61 -31.12
CA HIS D 347 1.71 -6.49 -32.33
C HIS D 347 1.00 -7.79 -31.92
N PRO D 348 -0.34 -7.85 -32.07
CA PRO D 348 -1.18 -8.92 -31.48
C PRO D 348 -0.84 -10.38 -31.85
N ALA D 349 -0.45 -10.56 -33.12
CA ALA D 349 0.04 -11.82 -33.71
C ALA D 349 0.98 -12.49 -32.69
N SER D 350 2.00 -11.73 -32.25
CA SER D 350 3.10 -12.20 -31.38
C SER D 350 2.93 -11.76 -29.91
N MET D 351 1.83 -11.12 -29.49
CA MET D 351 1.72 -10.62 -28.07
C MET D 351 0.32 -10.97 -27.52
N THR D 352 -0.66 -10.09 -27.69
CA THR D 352 -1.99 -10.22 -27.06
C THR D 352 -2.78 -11.43 -27.62
N HIS D 353 -2.45 -11.90 -28.82
CA HIS D 353 -3.27 -12.93 -29.52
C HIS D 353 -2.38 -14.14 -29.84
N ALA D 354 -1.19 -14.23 -29.23
CA ALA D 354 -0.22 -15.33 -29.44
C ALA D 354 -0.78 -16.67 -28.90
N ALA D 355 -1.69 -16.62 -27.91
CA ALA D 355 -2.42 -17.77 -27.30
C ALA D 355 -3.38 -18.42 -28.31
N MET D 356 -3.75 -17.74 -29.40
CA MET D 356 -4.60 -18.31 -30.49
C MET D 356 -3.73 -19.17 -31.43
N THR D 357 -4.34 -20.16 -32.12
CA THR D 357 -3.72 -20.89 -33.28
C THR D 357 -3.59 -19.92 -34.48
N ALA D 358 -2.61 -20.12 -35.38
CA ALA D 358 -2.45 -19.34 -36.63
C ALA D 358 -3.81 -19.36 -37.39
N GLU D 359 -4.58 -20.46 -37.27
CA GLU D 359 -5.88 -20.64 -37.99
C GLU D 359 -7.02 -19.85 -37.29
N ALA D 360 -7.08 -19.78 -35.95
CA ALA D 360 -8.15 -19.03 -35.24
C ALA D 360 -7.96 -17.51 -35.47
N ARG D 361 -6.70 -17.09 -35.62
CA ARG D 361 -6.25 -15.72 -35.97
C ARG D 361 -6.65 -15.39 -37.42
N ALA D 362 -6.28 -16.23 -38.41
CA ALA D 362 -6.74 -16.13 -39.82
C ALA D 362 -8.29 -15.97 -39.85
N ALA D 363 -9.05 -16.78 -39.08
CA ALA D 363 -10.54 -16.81 -39.06
C ALA D 363 -11.09 -15.49 -38.49
N ALA D 364 -10.30 -14.85 -37.64
CA ALA D 364 -10.62 -13.57 -36.99
C ALA D 364 -10.15 -12.39 -37.87
N GLY D 365 -9.24 -12.60 -38.86
CA GLY D 365 -8.64 -11.61 -39.81
C GLY D 365 -7.58 -10.71 -39.14
N ILE D 366 -7.06 -11.16 -37.98
CA ILE D 366 -5.87 -10.58 -37.31
C ILE D 366 -4.66 -10.95 -38.16
N SER D 367 -4.18 -10.04 -38.97
CA SER D 367 -3.00 -10.26 -39.86
C SER D 367 -1.74 -10.28 -38.99
N ASP D 368 -0.64 -10.77 -39.56
CA ASP D 368 0.75 -10.70 -39.03
C ASP D 368 1.38 -9.29 -39.18
N GLY D 369 0.81 -8.31 -39.95
CA GLY D 369 1.35 -6.93 -40.06
C GLY D 369 0.52 -5.88 -39.29
N LEU D 370 -0.36 -6.35 -38.40
CA LEU D 370 -1.30 -5.49 -37.65
C LEU D 370 -0.63 -4.97 -36.36
N LEU D 371 -0.68 -3.64 -36.20
CA LEU D 371 -0.29 -2.86 -35.00
C LEU D 371 -1.55 -2.25 -34.36
N ARG D 372 -1.65 -2.37 -33.03
CA ARG D 372 -2.73 -1.86 -32.17
C ARG D 372 -2.13 -0.76 -31.29
N LEU D 373 -2.77 0.41 -31.28
CA LEU D 373 -2.42 1.56 -30.42
C LEU D 373 -3.44 1.58 -29.31
N SER D 374 -2.95 1.76 -28.10
CA SER D 374 -3.76 2.25 -26.98
C SER D 374 -3.32 3.68 -26.78
N ILE D 375 -4.18 4.64 -27.08
CA ILE D 375 -3.81 6.07 -27.10
C ILE D 375 -4.06 6.60 -25.72
N GLY D 376 -2.98 7.15 -25.16
CA GLY D 376 -2.93 7.74 -23.82
C GLY D 376 -3.42 9.18 -23.81
N ILE D 377 -3.02 9.90 -22.76
CA ILE D 377 -3.45 11.28 -22.47
C ILE D 377 -2.30 12.26 -22.51
N GLU D 378 -1.17 11.88 -23.10
CA GLU D 378 -0.07 12.80 -23.47
C GLU D 378 -0.61 13.88 -24.44
N SER D 379 0.20 14.89 -24.73
CA SER D 379 -0.15 15.98 -25.66
C SER D 379 -0.32 15.39 -27.06
N ALA D 380 -1.48 15.62 -27.69
CA ALA D 380 -1.71 15.27 -29.11
C ALA D 380 -0.49 15.67 -29.92
N GLU D 381 0.10 16.83 -29.67
CA GLU D 381 1.18 17.31 -30.58
C GLU D 381 2.35 16.30 -30.54
N ASP D 382 2.69 15.81 -29.35
CA ASP D 382 3.82 14.86 -29.15
C ASP D 382 3.47 13.47 -29.75
N LEU D 383 2.28 12.96 -29.53
CA LEU D 383 1.91 11.65 -30.11
C LEU D 383 1.98 11.74 -31.64
N LEU D 384 1.55 12.85 -32.25
CA LEU D 384 1.56 13.00 -33.75
C LEU D 384 2.98 13.08 -34.28
N ILE D 385 3.85 13.84 -33.62
CA ILE D 385 5.31 13.92 -33.96
C ILE D 385 5.92 12.50 -33.95
N ASP D 386 5.68 11.72 -32.88
CA ASP D 386 6.21 10.34 -32.70
C ASP D 386 5.71 9.47 -33.86
N LEU D 387 4.41 9.49 -34.15
CA LEU D 387 3.80 8.61 -35.19
C LEU D 387 4.31 9.02 -36.57
N ARG D 388 4.44 10.32 -36.86
CA ARG D 388 4.94 10.77 -38.17
C ARG D 388 6.36 10.26 -38.34
N ALA D 389 7.20 10.32 -37.30
CA ALA D 389 8.61 9.91 -37.46
C ALA D 389 8.65 8.39 -37.69
N GLY D 390 7.72 7.64 -37.10
CA GLY D 390 7.62 6.19 -37.36
C GLY D 390 7.22 5.91 -38.80
N LEU D 391 6.19 6.59 -39.28
CA LEU D 391 5.77 6.53 -40.69
C LEU D 391 6.96 6.86 -41.61
N SER D 392 7.87 7.82 -41.30
CA SER D 392 9.05 8.08 -42.19
C SER D 392 10.00 6.89 -42.12
N ARG D 393 10.16 6.31 -40.93
CA ARG D 393 11.14 5.22 -40.75
C ARG D 393 10.63 4.06 -41.63
N ALA D 394 9.33 3.86 -41.68
CA ALA D 394 8.72 2.76 -42.45
C ALA D 394 8.87 3.07 -43.95
N GLU D 395 8.69 4.32 -44.34
CA GLU D 395 8.83 4.72 -45.77
C GLU D 395 10.27 4.46 -46.25
N ALA D 396 11.29 4.83 -45.47
CA ALA D 396 12.74 4.75 -45.82
C ALA D 396 13.11 3.30 -46.19
N THR D 397 12.17 2.39 -46.02
CA THR D 397 12.33 0.93 -45.98
C THR D 397 11.90 0.32 -47.32
N LEU D 398 11.21 1.07 -48.18
CA LEU D 398 10.56 0.51 -49.41
C LEU D 398 11.56 0.19 -50.54
O 0JO E . -11.65 -20.02 9.73
C 0JO E . -11.46 -20.92 8.90
OXT 0JO E . -11.60 -22.14 9.18
CA 0JO E . -11.17 -20.56 7.52
CB 0JO E . -11.71 -19.36 6.98
N 0JO E . -10.38 -21.47 6.80
C4A 0JO E . -9.94 -21.37 5.58
C4 0JO E . -9.25 -22.50 4.94
C3 0JO E . -8.81 -23.58 5.75
O3 0JO E . -9.01 -23.57 7.09
C2 0JO E . -8.17 -24.67 5.17
C2A 0JO E . -7.70 -25.82 6.02
N1 0JO E . -7.99 -24.72 3.85
C6 0JO E . -8.42 -23.72 3.06
C5 0JO E . -9.03 -22.59 3.55
C5A 0JO E . -9.50 -21.55 2.57
OP4 0JO E . -8.60 -20.41 2.41
P 0JO E . -9.12 -18.90 2.14
OP3 0JO E . -7.80 -18.15 2.12
OP1 0JO E . -9.76 -18.95 0.73
OP2 0JO E . -10.04 -18.51 3.25
N CYS F . -18.00 -17.26 5.89
CA CYS F . -16.74 -17.57 5.15
C CYS F . -17.09 -18.52 3.99
O CYS F . -16.25 -19.09 3.32
CB CYS F . -15.62 -18.06 6.08
SG CYS F . -15.70 -19.78 6.66
OXT CYS F . -18.25 -18.73 3.69
O 0JO G . -6.03 25.79 3.09
C 0JO G . -6.09 24.61 3.41
OXT 0JO G . -7.15 24.08 3.68
CA 0JO G . -4.83 23.91 3.58
CB 0JO G . -4.85 22.86 4.54
N 0JO G . -3.62 24.30 2.88
C4A 0JO G . -2.37 23.91 3.02
C4 0JO G . -1.22 24.67 2.46
C3 0JO G . -1.47 25.70 1.55
O3 0JO G . -2.73 25.96 1.14
C2 0JO G . -0.42 26.49 1.03
C2A 0JO G . -0.72 27.60 0.09
N1 0JO G . 0.84 26.27 1.41
C6 0JO G . 1.10 25.27 2.29
C5 0JO G . 0.13 24.47 2.83
C5A 0JO G . 0.56 23.39 3.80
OP4 0JO G . 0.60 22.09 3.12
P 0JO G . 0.34 20.79 4.04
OP3 0JO G . 1.37 20.80 5.20
OP1 0JO G . -1.06 20.95 4.52
OP2 0JO G . 0.61 19.70 3.01
N CYS H . -6.41 22.58 10.74
CA CYS H . -5.10 22.27 10.03
C CYS H . -3.92 23.02 10.69
O CYS H . -2.82 23.15 10.14
CB CYS H . -5.20 22.50 8.51
SG CYS H . -6.16 23.91 7.91
OXT CYS H . -3.99 23.51 11.84
O 0JO I . 22.69 2.84 10.76
C 0JO I . 22.41 3.57 11.70
OXT 0JO I . 23.15 3.70 12.67
CA 0JO I . 21.25 4.43 11.66
CB 0JO I . 20.85 4.84 10.33
N 0JO I . 20.61 4.96 12.85
C4A 0JO I . 19.60 5.79 12.98
C4 0JO I . 19.25 6.42 14.28
C3 0JO I . 19.78 5.88 15.46
O3 0JO I . 20.55 4.79 15.45
C2 0JO I . 19.56 6.49 16.70
C2A 0JO I . 20.15 5.88 17.93
N1 0JO I . 18.82 7.61 16.80
C6 0JO I . 18.31 8.13 15.66
C5 0JO I . 18.49 7.60 14.41
C5A 0JO I . 17.85 8.30 13.25
OP4 0JO I . 16.57 7.68 12.86
P 0JO I . 16.19 7.71 11.28
OP3 0JO I . 16.01 9.23 10.94
OP1 0JO I . 17.33 7.12 10.53
OP2 0JO I . 14.88 6.93 11.29
N CYS J . 24.02 7.81 5.53
CA CYS J . 22.73 8.16 6.26
C CYS J . 22.78 9.60 6.81
O CYS J . 23.40 10.51 6.21
CB CYS J . 22.39 7.10 7.32
SG CYS J . 23.78 6.44 8.28
OXT CYS J . 22.23 9.97 7.87
O 0JO K . -5.40 -7.25 -25.06
C 0JO K . -4.72 -7.05 -24.04
OXT 0JO K . -3.62 -6.48 -24.08
CA 0JO K . -5.14 -7.65 -22.78
CB 0JO K . -4.12 -8.16 -21.89
N 0JO K . -6.52 -7.72 -22.54
C4A 0JO K . -7.17 -8.29 -21.56
C4 0JO K . -8.63 -8.49 -21.65
C3 0JO K . -9.33 -7.88 -22.72
O3 0JO K . -8.71 -7.12 -23.64
C2 0JO K . -10.72 -8.09 -22.86
C2A 0JO K . -11.45 -7.44 -24.00
N1 0JO K . -11.40 -8.84 -21.98
C6 0JO K . -10.75 -9.43 -20.97
C5 0JO K . -9.39 -9.28 -20.75
C5A 0JO K . -8.80 -10.02 -19.58
OP4 0JO K . -8.56 -9.17 -18.42
P 0JO K . -7.25 -9.39 -17.46
OP3 0JO K . -6.03 -9.25 -18.33
OP1 0JO K . -7.48 -8.26 -16.44
OP2 0JO K . -7.47 -10.80 -16.86
N CYS L . 0.56 -12.69 -22.21
CA CYS L . -0.67 -12.51 -21.39
C CYS L . -1.50 -13.81 -21.42
O CYS L . -1.00 -14.87 -21.80
CB CYS L . -1.45 -11.24 -21.80
SG CYS L . -2.26 -11.25 -23.43
OXT CYS L . -2.68 -13.88 -21.08
#